data_2LH8
# 
_entry.id   2LH8 
# 
_audit_conform.dict_name       mmcif_pdbx.dic 
_audit_conform.dict_version    5.391 
_audit_conform.dict_location   http://mmcif.pdb.org/dictionaries/ascii/mmcif_pdbx.dic 
# 
loop_
_database_2.database_id 
_database_2.database_code 
_database_2.pdbx_database_accession 
_database_2.pdbx_DOI 
PDB   2LH8         pdb_00002lh8 10.2210/pdb2lh8/pdb 
RCSB  RCSB102382   ?            ?                   
BMRB  17834        ?            10.13018/BMR17834   
WWPDB D_1000102382 ?            ?                   
# 
loop_
_pdbx_audit_revision_history.ordinal 
_pdbx_audit_revision_history.data_content_type 
_pdbx_audit_revision_history.major_revision 
_pdbx_audit_revision_history.minor_revision 
_pdbx_audit_revision_history.revision_date 
1 'Structure model' 1 0 2011-09-14 
2 'Structure model' 1 1 2011-11-30 
3 'Structure model' 1 2 2024-05-01 
# 
_pdbx_audit_revision_details.ordinal             1 
_pdbx_audit_revision_details.revision_ordinal    1 
_pdbx_audit_revision_details.data_content_type   'Structure model' 
_pdbx_audit_revision_details.provider            repository 
_pdbx_audit_revision_details.type                'Initial release' 
_pdbx_audit_revision_details.description         ? 
_pdbx_audit_revision_details.details             ? 
# 
loop_
_pdbx_audit_revision_group.ordinal 
_pdbx_audit_revision_group.revision_ordinal 
_pdbx_audit_revision_group.data_content_type 
_pdbx_audit_revision_group.group 
1 2 'Structure model' 'Database references'  
2 3 'Structure model' 'Data collection'      
3 3 'Structure model' 'Database references'  
4 3 'Structure model' 'Derived calculations' 
5 3 'Structure model' 'Structure summary'    
# 
loop_
_pdbx_audit_revision_category.ordinal 
_pdbx_audit_revision_category.revision_ordinal 
_pdbx_audit_revision_category.data_content_type 
_pdbx_audit_revision_category.category 
1 3 'Structure model' chem_comp         
2 3 'Structure model' chem_comp_atom    
3 3 'Structure model' chem_comp_bond    
4 3 'Structure model' database_2        
5 3 'Structure model' pdbx_nmr_software 
6 3 'Structure model' struct_site       
# 
loop_
_pdbx_audit_revision_item.ordinal 
_pdbx_audit_revision_item.revision_ordinal 
_pdbx_audit_revision_item.data_content_type 
_pdbx_audit_revision_item.item 
1 3 'Structure model' '_chem_comp.pdbx_synonyms'            
2 3 'Structure model' '_database_2.pdbx_DOI'                
3 3 'Structure model' '_database_2.pdbx_database_accession' 
4 3 'Structure model' '_pdbx_nmr_software.name'             
5 3 'Structure model' '_struct_site.pdbx_auth_asym_id'      
6 3 'Structure model' '_struct_site.pdbx_auth_comp_id'      
7 3 'Structure model' '_struct_site.pdbx_auth_seq_id'       
# 
_pdbx_database_status.deposit_site                    BMRB 
_pdbx_database_status.entry_id                        2LH8 
_pdbx_database_status.process_site                    RCSB 
_pdbx_database_status.recvd_initial_deposition_date   2011-08-05 
_pdbx_database_status.SG_entry                        ? 
_pdbx_database_status.status_code                     REL 
_pdbx_database_status.status_code_mr                  REL 
_pdbx_database_status.status_code_sf                  ? 
_pdbx_database_status.status_code_cs                  REL 
_pdbx_database_status.pdb_format_compatible           Y 
_pdbx_database_status.status_code_nmr_data            ? 
_pdbx_database_status.methods_development_category    ? 
# 
_pdbx_database_related.db_id          17834 
_pdbx_database_related.db_name        BMRB 
_pdbx_database_related.content_type   unspecified 
_pdbx_database_related.details        . 
# 
loop_
_audit_author.name 
_audit_author.pdbx_ordinal 
'Perez-Pineiro, R.' 1  
'Bjorndahl, T.C.'   2  
'Berjanskii, M.'    3  
'Hau, D.'           4  
'Li, L.'            5  
'Huang, A.'         6  
'Lee, R.'           7  
'Gibbs, E.'         8  
'Ladner, C.'        9  
'Wei Dong, Y.'      10 
'Abera, A.'         11 
'Cashman, N.R.'     12 
'Wishart, D.'       13 
# 
_citation.id                        primary 
_citation.title                     'The prion protein binds thiamine.' 
_citation.journal_abbrev            'Febs J.' 
_citation.journal_volume            278 
_citation.page_first                4002 
_citation.page_last                 4014 
_citation.year                      2011 
_citation.journal_id_ASTM           ? 
_citation.country                   UK 
_citation.journal_id_ISSN           1742-464X 
_citation.journal_id_CSD            ? 
_citation.book_publisher            ? 
_citation.pdbx_database_id_PubMed   21848803 
_citation.pdbx_database_id_DOI      10.1111/j.1742-4658.2011.08304.x 
# 
loop_
_citation_author.citation_id 
_citation_author.name 
_citation_author.ordinal 
_citation_author.identifier_ORCID 
primary 'Perez-Pineiro, R.' 1  ? 
primary 'Bjorndahl, T.C.'   2  ? 
primary 'Berjanskii, M.V.'  3  ? 
primary 'Hau, D.'           4  ? 
primary 'Li, L.'            5  ? 
primary 'Huang, A.'         6  ? 
primary 'Lee, R.'           7  ? 
primary 'Gibbs, E.'         8  ? 
primary 'Ladner, C.'        9  ? 
primary 'Dong, Y.W.'        10 ? 
primary 'Abera, A.'         11 ? 
primary 'Cashman, N.R.'     12 ? 
primary 'Wishart, D.S.'     13 ? 
# 
loop_
_entity.id 
_entity.type 
_entity.src_method 
_entity.pdbx_description 
_entity.formula_weight 
_entity.pdbx_number_of_molecules 
_entity.pdbx_ec 
_entity.pdbx_mutation 
_entity.pdbx_fragment 
_entity.details 
1 polymer     man 'Major prion protein'                                                                  12457.793 1 ? ? 
'UNP residues 125-228' ? 
2 non-polymer syn '3-(4-AMINO-2-METHYL-PYRIMIDIN-5-YLMETHYL)-5-(2-HYDROXY-ETHYL)-4-METHYL-THIAZOL-3-IUM' 265.355   1 ? ? ? ? 
# 
_entity_name_com.entity_id   1 
_entity_name_com.name        'PrP, PrP27-30, PrP33-35C' 
# 
_entity_poly.entity_id                      1 
_entity_poly.type                           'polypeptide(L)' 
_entity_poly.nstd_linkage                   no 
_entity_poly.nstd_monomer                   no 
_entity_poly.pdbx_seq_one_letter_code       
;LGGYMLGSAMSRPMMHFGNDWEDRYYRENMNRYPNQVYYRPVDQYNNQNNFVHDCVNITIKQHTVTTTTKGENFTETDIK
IMERVVEQMCTTQYQKESQAYYDG
;
_entity_poly.pdbx_seq_one_letter_code_can   
;LGGYMLGSAMSRPMMHFGNDWEDRYYRENMNRYPNQVYYRPVDQYNNQNNFVHDCVNITIKQHTVTTTTKGENFTETDIK
IMERVVEQMCTTQYQKESQAYYDG
;
_entity_poly.pdbx_strand_id                 A 
_entity_poly.pdbx_target_identifier         ? 
# 
_pdbx_entity_nonpoly.entity_id   2 
_pdbx_entity_nonpoly.name        '3-(4-AMINO-2-METHYL-PYRIMIDIN-5-YLMETHYL)-5-(2-HYDROXY-ETHYL)-4-METHYL-THIAZOL-3-IUM' 
_pdbx_entity_nonpoly.comp_id     VIB 
# 
loop_
_entity_poly_seq.entity_id 
_entity_poly_seq.num 
_entity_poly_seq.mon_id 
_entity_poly_seq.hetero 
1 1   LEU n 
1 2   GLY n 
1 3   GLY n 
1 4   TYR n 
1 5   MET n 
1 6   LEU n 
1 7   GLY n 
1 8   SER n 
1 9   ALA n 
1 10  MET n 
1 11  SER n 
1 12  ARG n 
1 13  PRO n 
1 14  MET n 
1 15  MET n 
1 16  HIS n 
1 17  PHE n 
1 18  GLY n 
1 19  ASN n 
1 20  ASP n 
1 21  TRP n 
1 22  GLU n 
1 23  ASP n 
1 24  ARG n 
1 25  TYR n 
1 26  TYR n 
1 27  ARG n 
1 28  GLU n 
1 29  ASN n 
1 30  MET n 
1 31  ASN n 
1 32  ARG n 
1 33  TYR n 
1 34  PRO n 
1 35  ASN n 
1 36  GLN n 
1 37  VAL n 
1 38  TYR n 
1 39  TYR n 
1 40  ARG n 
1 41  PRO n 
1 42  VAL n 
1 43  ASP n 
1 44  GLN n 
1 45  TYR n 
1 46  ASN n 
1 47  ASN n 
1 48  GLN n 
1 49  ASN n 
1 50  ASN n 
1 51  PHE n 
1 52  VAL n 
1 53  HIS n 
1 54  ASP n 
1 55  CYS n 
1 56  VAL n 
1 57  ASN n 
1 58  ILE n 
1 59  THR n 
1 60  ILE n 
1 61  LYS n 
1 62  GLN n 
1 63  HIS n 
1 64  THR n 
1 65  VAL n 
1 66  THR n 
1 67  THR n 
1 68  THR n 
1 69  THR n 
1 70  LYS n 
1 71  GLY n 
1 72  GLU n 
1 73  ASN n 
1 74  PHE n 
1 75  THR n 
1 76  GLU n 
1 77  THR n 
1 78  ASP n 
1 79  ILE n 
1 80  LYS n 
1 81  ILE n 
1 82  MET n 
1 83  GLU n 
1 84  ARG n 
1 85  VAL n 
1 86  VAL n 
1 87  GLU n 
1 88  GLN n 
1 89  MET n 
1 90  CYS n 
1 91  THR n 
1 92  THR n 
1 93  GLN n 
1 94  TYR n 
1 95  GLN n 
1 96  LYS n 
1 97  GLU n 
1 98  SER n 
1 99  GLN n 
1 100 ALA n 
1 101 TYR n 
1 102 TYR n 
1 103 ASP n 
1 104 GLY n 
# 
_entity_src_gen.entity_id                          1 
_entity_src_gen.pdbx_src_id                        1 
_entity_src_gen.pdbx_alt_source_flag               sample 
_entity_src_gen.pdbx_seq_type                      ? 
_entity_src_gen.pdbx_beg_seq_num                   ? 
_entity_src_gen.pdbx_end_seq_num                   ? 
_entity_src_gen.gene_src_common_name               'Syrian golden hamster' 
_entity_src_gen.gene_src_genus                     ? 
_entity_src_gen.pdbx_gene_src_gene                 'PRNP, PRP' 
_entity_src_gen.gene_src_species                   ? 
_entity_src_gen.gene_src_strain                    ? 
_entity_src_gen.gene_src_tissue                    ? 
_entity_src_gen.gene_src_tissue_fraction           ? 
_entity_src_gen.gene_src_details                   ? 
_entity_src_gen.pdbx_gene_src_fragment             ? 
_entity_src_gen.pdbx_gene_src_scientific_name      'Mesocricetus auratus' 
_entity_src_gen.pdbx_gene_src_ncbi_taxonomy_id     10036 
_entity_src_gen.pdbx_gene_src_variant              ? 
_entity_src_gen.pdbx_gene_src_cell_line            ? 
_entity_src_gen.pdbx_gene_src_atcc                 ? 
_entity_src_gen.pdbx_gene_src_organ                ? 
_entity_src_gen.pdbx_gene_src_organelle            ? 
_entity_src_gen.pdbx_gene_src_cell                 ? 
_entity_src_gen.pdbx_gene_src_cellular_location    ? 
_entity_src_gen.host_org_common_name               ? 
_entity_src_gen.pdbx_host_org_scientific_name      'Escherichia coli' 
_entity_src_gen.pdbx_host_org_ncbi_taxonomy_id     562 
_entity_src_gen.host_org_genus                     ? 
_entity_src_gen.pdbx_host_org_gene                 ? 
_entity_src_gen.pdbx_host_org_organ                ? 
_entity_src_gen.host_org_species                   ? 
_entity_src_gen.pdbx_host_org_tissue               ? 
_entity_src_gen.pdbx_host_org_tissue_fraction      ? 
_entity_src_gen.pdbx_host_org_strain               'B12(DE3)' 
_entity_src_gen.pdbx_host_org_variant              ? 
_entity_src_gen.pdbx_host_org_cell_line            ? 
_entity_src_gen.pdbx_host_org_atcc                 ? 
_entity_src_gen.pdbx_host_org_culture_collection   ? 
_entity_src_gen.pdbx_host_org_cell                 ? 
_entity_src_gen.pdbx_host_org_organelle            ? 
_entity_src_gen.pdbx_host_org_cellular_location    ? 
_entity_src_gen.pdbx_host_org_vector_type          ? 
_entity_src_gen.pdbx_host_org_vector               pET15b 
_entity_src_gen.host_org_details                   ? 
_entity_src_gen.expression_system_id               ? 
_entity_src_gen.plasmid_name                       ? 
_entity_src_gen.plasmid_details                    ? 
_entity_src_gen.pdbx_description                   ? 
# 
loop_
_chem_comp.id 
_chem_comp.type 
_chem_comp.mon_nstd_flag 
_chem_comp.name 
_chem_comp.pdbx_synonyms 
_chem_comp.formula 
_chem_comp.formula_weight 
ALA 'L-peptide linking' y ALANINE                                                                                ? 'C3 H7 N O2' 
89.093  
ARG 'L-peptide linking' y ARGININE                                                                               ? 
'C6 H15 N4 O2 1'   175.209 
ASN 'L-peptide linking' y ASPARAGINE                                                                             ? 'C4 H8 N2 O3' 
132.118 
ASP 'L-peptide linking' y 'ASPARTIC ACID'                                                                        ? 'C4 H7 N O4' 
133.103 
CYS 'L-peptide linking' y CYSTEINE                                                                               ? 'C3 H7 N O2 S' 
121.158 
GLN 'L-peptide linking' y GLUTAMINE                                                                              ? 'C5 H10 N2 O3' 
146.144 
GLU 'L-peptide linking' y 'GLUTAMIC ACID'                                                                        ? 'C5 H9 N O4' 
147.129 
GLY 'peptide linking'   y GLYCINE                                                                                ? 'C2 H5 N O2' 
75.067  
HIS 'L-peptide linking' y HISTIDINE                                                                              ? 
'C6 H10 N3 O2 1'   156.162 
ILE 'L-peptide linking' y ISOLEUCINE                                                                             ? 'C6 H13 N O2' 
131.173 
LEU 'L-peptide linking' y LEUCINE                                                                                ? 'C6 H13 N O2' 
131.173 
LYS 'L-peptide linking' y LYSINE                                                                                 ? 
'C6 H15 N2 O2 1'   147.195 
MET 'L-peptide linking' y METHIONINE                                                                             ? 'C5 H11 N O2 S' 
149.211 
PHE 'L-peptide linking' y PHENYLALANINE                                                                          ? 'C9 H11 N O2' 
165.189 
PRO 'L-peptide linking' y PROLINE                                                                                ? 'C5 H9 N O2' 
115.130 
SER 'L-peptide linking' y SERINE                                                                                 ? 'C3 H7 N O3' 
105.093 
THR 'L-peptide linking' y THREONINE                                                                              ? 'C4 H9 N O3' 
119.119 
TRP 'L-peptide linking' y TRYPTOPHAN                                                                             ? 'C11 H12 N2 O2' 
204.225 
TYR 'L-peptide linking' y TYROSINE                                                                               ? 'C9 H11 N O3' 
181.189 
VAL 'L-peptide linking' y VALINE                                                                                 ? 'C5 H11 N O2' 
117.146 
VIB non-polymer         . '3-(4-AMINO-2-METHYL-PYRIMIDIN-5-YLMETHYL)-5-(2-HYDROXY-ETHYL)-4-METHYL-THIAZOL-3-IUM' 
'THIAMIN; VITAMIN B1' 'C12 H17 N4 O S 1' 265.355 
# 
loop_
_pdbx_poly_seq_scheme.asym_id 
_pdbx_poly_seq_scheme.entity_id 
_pdbx_poly_seq_scheme.seq_id 
_pdbx_poly_seq_scheme.mon_id 
_pdbx_poly_seq_scheme.ndb_seq_num 
_pdbx_poly_seq_scheme.pdb_seq_num 
_pdbx_poly_seq_scheme.auth_seq_num 
_pdbx_poly_seq_scheme.pdb_mon_id 
_pdbx_poly_seq_scheme.auth_mon_id 
_pdbx_poly_seq_scheme.pdb_strand_id 
_pdbx_poly_seq_scheme.pdb_ins_code 
_pdbx_poly_seq_scheme.hetero 
A 1 1   LEU 1   35  35  LEU LEU A . n 
A 1 2   GLY 2   36  36  GLY GLY A . n 
A 1 3   GLY 3   37  37  GLY GLY A . n 
A 1 4   TYR 4   38  38  TYR TYR A . n 
A 1 5   MET 5   39  39  MET MET A . n 
A 1 6   LEU 6   40  40  LEU LEU A . n 
A 1 7   GLY 7   41  41  GLY GLY A . n 
A 1 8   SER 8   42  42  SER SER A . n 
A 1 9   ALA 9   43  43  ALA ALA A . n 
A 1 10  MET 10  44  44  MET MET A . n 
A 1 11  SER 11  45  45  SER SER A . n 
A 1 12  ARG 12  46  46  ARG ARG A . n 
A 1 13  PRO 13  47  47  PRO PRO A . n 
A 1 14  MET 14  48  48  MET MET A . n 
A 1 15  MET 15  49  49  MET MET A . n 
A 1 16  HIS 16  50  50  HIS HIS A . n 
A 1 17  PHE 17  51  51  PHE PHE A . n 
A 1 18  GLY 18  52  52  GLY GLY A . n 
A 1 19  ASN 19  53  53  ASN ASN A . n 
A 1 20  ASP 20  54  54  ASP ASP A . n 
A 1 21  TRP 21  55  55  TRP TRP A . n 
A 1 22  GLU 22  56  56  GLU GLU A . n 
A 1 23  ASP 23  57  57  ASP ASP A . n 
A 1 24  ARG 24  58  58  ARG ARG A . n 
A 1 25  TYR 25  59  59  TYR TYR A . n 
A 1 26  TYR 26  60  60  TYR TYR A . n 
A 1 27  ARG 27  61  61  ARG ARG A . n 
A 1 28  GLU 28  62  62  GLU GLU A . n 
A 1 29  ASN 29  63  63  ASN ASN A . n 
A 1 30  MET 30  64  64  MET MET A . n 
A 1 31  ASN 31  65  65  ASN ASN A . n 
A 1 32  ARG 32  66  66  ARG ARG A . n 
A 1 33  TYR 33  67  67  TYR TYR A . n 
A 1 34  PRO 34  68  68  PRO PRO A . n 
A 1 35  ASN 35  69  69  ASN ASN A . n 
A 1 36  GLN 36  70  70  GLN GLN A . n 
A 1 37  VAL 37  71  71  VAL VAL A . n 
A 1 38  TYR 38  72  72  TYR TYR A . n 
A 1 39  TYR 39  73  73  TYR TYR A . n 
A 1 40  ARG 40  74  74  ARG ARG A . n 
A 1 41  PRO 41  75  75  PRO PRO A . n 
A 1 42  VAL 42  76  76  VAL VAL A . n 
A 1 43  ASP 43  77  77  ASP ASP A . n 
A 1 44  GLN 44  78  78  GLN GLN A . n 
A 1 45  TYR 45  79  79  TYR TYR A . n 
A 1 46  ASN 46  80  80  ASN ASN A . n 
A 1 47  ASN 47  81  81  ASN ASN A . n 
A 1 48  GLN 48  82  82  GLN GLN A . n 
A 1 49  ASN 49  83  83  ASN ASN A . n 
A 1 50  ASN 50  84  84  ASN ASN A . n 
A 1 51  PHE 51  85  85  PHE PHE A . n 
A 1 52  VAL 52  86  86  VAL VAL A . n 
A 1 53  HIS 53  87  87  HIS HIS A . n 
A 1 54  ASP 54  88  88  ASP ASP A . n 
A 1 55  CYS 55  89  89  CYS CYS A . n 
A 1 56  VAL 56  90  90  VAL VAL A . n 
A 1 57  ASN 57  91  91  ASN ASN A . n 
A 1 58  ILE 58  92  92  ILE ILE A . n 
A 1 59  THR 59  93  93  THR THR A . n 
A 1 60  ILE 60  94  94  ILE ILE A . n 
A 1 61  LYS 61  95  95  LYS LYS A . n 
A 1 62  GLN 62  96  96  GLN GLN A . n 
A 1 63  HIS 63  97  97  HIS HIS A . n 
A 1 64  THR 64  98  98  THR THR A . n 
A 1 65  VAL 65  99  99  VAL VAL A . n 
A 1 66  THR 66  100 100 THR THR A . n 
A 1 67  THR 67  101 101 THR THR A . n 
A 1 68  THR 68  102 102 THR THR A . n 
A 1 69  THR 69  103 103 THR THR A . n 
A 1 70  LYS 70  104 104 LYS LYS A . n 
A 1 71  GLY 71  105 105 GLY GLY A . n 
A 1 72  GLU 72  106 106 GLU GLU A . n 
A 1 73  ASN 73  107 107 ASN ASN A . n 
A 1 74  PHE 74  108 108 PHE PHE A . n 
A 1 75  THR 75  109 109 THR THR A . n 
A 1 76  GLU 76  110 110 GLU GLU A . n 
A 1 77  THR 77  111 111 THR THR A . n 
A 1 78  ASP 78  112 112 ASP ASP A . n 
A 1 79  ILE 79  113 113 ILE ILE A . n 
A 1 80  LYS 80  114 114 LYS LYS A . n 
A 1 81  ILE 81  115 115 ILE ILE A . n 
A 1 82  MET 82  116 116 MET MET A . n 
A 1 83  GLU 83  117 117 GLU GLU A . n 
A 1 84  ARG 84  118 118 ARG ARG A . n 
A 1 85  VAL 85  119 119 VAL VAL A . n 
A 1 86  VAL 86  120 120 VAL VAL A . n 
A 1 87  GLU 87  121 121 GLU GLU A . n 
A 1 88  GLN 88  122 122 GLN GLN A . n 
A 1 89  MET 89  123 123 MET MET A . n 
A 1 90  CYS 90  124 124 CYS CYS A . n 
A 1 91  THR 91  125 125 THR THR A . n 
A 1 92  THR 92  126 126 THR THR A . n 
A 1 93  GLN 93  127 127 GLN GLN A . n 
A 1 94  TYR 94  128 128 TYR TYR A . n 
A 1 95  GLN 95  129 129 GLN GLN A . n 
A 1 96  LYS 96  130 130 LYS LYS A . n 
A 1 97  GLU 97  131 131 GLU GLU A . n 
A 1 98  SER 98  132 132 SER SER A . n 
A 1 99  GLN 99  133 133 GLN GLN A . n 
A 1 100 ALA 100 134 134 ALA ALA A . n 
A 1 101 TYR 101 135 135 TYR TYR A . n 
A 1 102 TYR 102 136 136 TYR TYR A . n 
A 1 103 ASP 103 137 137 ASP ASP A . n 
A 1 104 GLY 104 138 138 GLY GLY A . n 
# 
_pdbx_nonpoly_scheme.asym_id         B 
_pdbx_nonpoly_scheme.entity_id       2 
_pdbx_nonpoly_scheme.mon_id          VIB 
_pdbx_nonpoly_scheme.ndb_seq_num     1 
_pdbx_nonpoly_scheme.pdb_seq_num     1 
_pdbx_nonpoly_scheme.auth_seq_num    1 
_pdbx_nonpoly_scheme.pdb_mon_id      VIB 
_pdbx_nonpoly_scheme.auth_mon_id     VB1 
_pdbx_nonpoly_scheme.pdb_strand_id   A 
_pdbx_nonpoly_scheme.pdb_ins_code    . 
# 
_exptl.absorpt_coefficient_mu     ? 
_exptl.absorpt_correction_T_max   ? 
_exptl.absorpt_correction_T_min   ? 
_exptl.absorpt_correction_type    ? 
_exptl.absorpt_process_details    ? 
_exptl.crystals_number            ? 
_exptl.details                    'Solution NMR structure of the core syrian hamster prion protein with thiamine' 
_exptl.entry_id                   2LH8 
_exptl.method                     'SOLUTION NMR' 
_exptl.method_details             ? 
# 
_struct.entry_id                  2LH8 
_struct.title                     'Syrian hamster prion protein with thiamine' 
_struct.pdbx_model_details        'fewest violations, model 1' 
_struct.pdbx_CASP_flag            N 
_struct.pdbx_model_type_details   ? 
# 
_struct_keywords.entry_id        2LH8 
_struct_keywords.pdbx_keywords   'MEMBRANE PROTEIN' 
_struct_keywords.text            'prion, thiamine, MEMBRANE PROTEIN' 
# 
loop_
_struct_asym.id 
_struct_asym.pdbx_blank_PDB_chainid_flag 
_struct_asym.pdbx_modified 
_struct_asym.entity_id 
_struct_asym.details 
A N N 1 ? 
B N N 2 ? 
# 
_struct_ref.id                         1 
_struct_ref.db_name                    UNP 
_struct_ref.db_code                    PRIO_MESAU 
_struct_ref.pdbx_db_accession          P04273 
_struct_ref.entity_id                  1 
_struct_ref.pdbx_seq_one_letter_code   
;LGGYMLGSAMSRPMMHFGNDWEDRYYRENMNRYPNQVYYRPVDQYNNQNNFVHDCVNITIKQHTVTTTTKGENFTETDIK
IMERVVEQMCTTQYQKESQAYYDG
;
_struct_ref.pdbx_align_begin           125 
_struct_ref.pdbx_db_isoform            ? 
# 
_struct_ref_seq.align_id                      1 
_struct_ref_seq.ref_id                        1 
_struct_ref_seq.pdbx_PDB_id_code              2LH8 
_struct_ref_seq.pdbx_strand_id                A 
_struct_ref_seq.seq_align_beg                 1 
_struct_ref_seq.pdbx_seq_align_beg_ins_code   ? 
_struct_ref_seq.seq_align_end                 104 
_struct_ref_seq.pdbx_seq_align_end_ins_code   ? 
_struct_ref_seq.pdbx_db_accession             P04273 
_struct_ref_seq.db_align_beg                  125 
_struct_ref_seq.pdbx_db_align_beg_ins_code    ? 
_struct_ref_seq.db_align_end                  228 
_struct_ref_seq.pdbx_db_align_end_ins_code    ? 
_struct_ref_seq.pdbx_auth_seq_align_beg       35 
_struct_ref_seq.pdbx_auth_seq_align_end       138 
# 
_pdbx_struct_assembly.id                   1 
_pdbx_struct_assembly.details              author_defined_assembly 
_pdbx_struct_assembly.method_details       ? 
_pdbx_struct_assembly.oligomeric_details   monomeric 
_pdbx_struct_assembly.oligomeric_count     1 
# 
_pdbx_struct_assembly_gen.assembly_id       1 
_pdbx_struct_assembly_gen.oper_expression   1 
_pdbx_struct_assembly_gen.asym_id_list      A,B 
# 
_pdbx_struct_oper_list.id                   1 
_pdbx_struct_oper_list.type                 'identity operation' 
_pdbx_struct_oper_list.name                 1_555 
_pdbx_struct_oper_list.symmetry_operation   x,y,z 
_pdbx_struct_oper_list.matrix[1][1]         1.0000000000 
_pdbx_struct_oper_list.matrix[1][2]         0.0000000000 
_pdbx_struct_oper_list.matrix[1][3]         0.0000000000 
_pdbx_struct_oper_list.vector[1]            0.0000000000 
_pdbx_struct_oper_list.matrix[2][1]         0.0000000000 
_pdbx_struct_oper_list.matrix[2][2]         1.0000000000 
_pdbx_struct_oper_list.matrix[2][3]         0.0000000000 
_pdbx_struct_oper_list.vector[2]            0.0000000000 
_pdbx_struct_oper_list.matrix[3][1]         0.0000000000 
_pdbx_struct_oper_list.matrix[3][2]         0.0000000000 
_pdbx_struct_oper_list.matrix[3][3]         1.0000000000 
_pdbx_struct_oper_list.vector[3]            0.0000000000 
# 
_struct_biol.id        1 
_struct_biol.details   ? 
# 
loop_
_struct_conf.conf_type_id 
_struct_conf.id 
_struct_conf.pdbx_PDB_helix_id 
_struct_conf.beg_label_comp_id 
_struct_conf.beg_label_asym_id 
_struct_conf.beg_label_seq_id 
_struct_conf.pdbx_beg_PDB_ins_code 
_struct_conf.end_label_comp_id 
_struct_conf.end_label_asym_id 
_struct_conf.end_label_seq_id 
_struct_conf.pdbx_end_PDB_ins_code 
_struct_conf.beg_auth_comp_id 
_struct_conf.beg_auth_asym_id 
_struct_conf.beg_auth_seq_id 
_struct_conf.end_auth_comp_id 
_struct_conf.end_auth_asym_id 
_struct_conf.end_auth_seq_id 
_struct_conf.pdbx_PDB_helix_class 
_struct_conf.details 
_struct_conf.pdbx_PDB_helix_length 
HELX_P HELX_P1 1 ASN A 19 ? MET A 30  ? ASN A 53  MET A 64  1 ? 12 
HELX_P HELX_P2 2 PRO A 41 ? TYR A 45  ? PRO A 75  TYR A 79  5 ? 5  
HELX_P HELX_P3 3 ASN A 47 ? THR A 69  ? ASN A 81  THR A 103 1 ? 23 
HELX_P HELX_P4 4 THR A 75 ? GLY A 104 ? THR A 109 GLY A 138 1 ? 30 
# 
_struct_conf_type.id          HELX_P 
_struct_conf_type.criteria    ? 
_struct_conf_type.reference   ? 
# 
_struct_sheet.id               A 
_struct_sheet.type             ? 
_struct_sheet.number_strands   2 
_struct_sheet.details          ? 
# 
_struct_sheet_order.sheet_id     A 
_struct_sheet_order.range_id_1   1 
_struct_sheet_order.range_id_2   2 
_struct_sheet_order.offset       ? 
_struct_sheet_order.sense        anti-parallel 
# 
loop_
_struct_sheet_range.sheet_id 
_struct_sheet_range.id 
_struct_sheet_range.beg_label_comp_id 
_struct_sheet_range.beg_label_asym_id 
_struct_sheet_range.beg_label_seq_id 
_struct_sheet_range.pdbx_beg_PDB_ins_code 
_struct_sheet_range.end_label_comp_id 
_struct_sheet_range.end_label_asym_id 
_struct_sheet_range.end_label_seq_id 
_struct_sheet_range.pdbx_end_PDB_ins_code 
_struct_sheet_range.beg_auth_comp_id 
_struct_sheet_range.beg_auth_asym_id 
_struct_sheet_range.beg_auth_seq_id 
_struct_sheet_range.end_auth_comp_id 
_struct_sheet_range.end_auth_asym_id 
_struct_sheet_range.end_auth_seq_id 
A 1 MET A 5  ? ALA A 9  ? MET A 39 ALA A 43 
A 2 GLN A 36 ? TYR A 39 ? GLN A 70 TYR A 73 
# 
_pdbx_struct_sheet_hbond.sheet_id                A 
_pdbx_struct_sheet_hbond.range_id_1              1 
_pdbx_struct_sheet_hbond.range_id_2              2 
_pdbx_struct_sheet_hbond.range_1_label_atom_id   N 
_pdbx_struct_sheet_hbond.range_1_label_comp_id   MET 
_pdbx_struct_sheet_hbond.range_1_label_asym_id   A 
_pdbx_struct_sheet_hbond.range_1_label_seq_id    5 
_pdbx_struct_sheet_hbond.range_1_PDB_ins_code    ? 
_pdbx_struct_sheet_hbond.range_1_auth_atom_id    N 
_pdbx_struct_sheet_hbond.range_1_auth_comp_id    MET 
_pdbx_struct_sheet_hbond.range_1_auth_asym_id    A 
_pdbx_struct_sheet_hbond.range_1_auth_seq_id     39 
_pdbx_struct_sheet_hbond.range_2_label_atom_id   O 
_pdbx_struct_sheet_hbond.range_2_label_comp_id   TYR 
_pdbx_struct_sheet_hbond.range_2_label_asym_id   A 
_pdbx_struct_sheet_hbond.range_2_label_seq_id    39 
_pdbx_struct_sheet_hbond.range_2_PDB_ins_code    ? 
_pdbx_struct_sheet_hbond.range_2_auth_atom_id    O 
_pdbx_struct_sheet_hbond.range_2_auth_comp_id    TYR 
_pdbx_struct_sheet_hbond.range_2_auth_asym_id    A 
_pdbx_struct_sheet_hbond.range_2_auth_seq_id     73 
# 
_struct_site.id                   AC1 
_struct_site.pdbx_evidence_code   Software 
_struct_site.pdbx_auth_asym_id    A 
_struct_site.pdbx_auth_comp_id    VIB 
_struct_site.pdbx_auth_seq_id     1 
_struct_site.pdbx_auth_ins_code   ? 
_struct_site.pdbx_num_residues    6 
_struct_site.details              'BINDING SITE FOR RESIDUE VIB A 1' 
# 
loop_
_struct_site_gen.id 
_struct_site_gen.site_id 
_struct_site_gen.pdbx_num_res 
_struct_site_gen.label_comp_id 
_struct_site_gen.label_asym_id 
_struct_site_gen.label_seq_id 
_struct_site_gen.pdbx_auth_ins_code 
_struct_site_gen.auth_comp_id 
_struct_site_gen.auth_asym_id 
_struct_site_gen.auth_seq_id 
_struct_site_gen.label_atom_id 
_struct_site_gen.label_alt_id 
_struct_site_gen.symmetry 
_struct_site_gen.details 
1 AC1 6 MET A 14 ? MET A 48 . ? 1_555 ? 
2 AC1 6 MET A 15 ? MET A 49 . ? 1_555 ? 
3 AC1 6 HIS A 16 ? HIS A 50 . ? 1_555 ? 
4 AC1 6 ASP A 20 ? ASP A 54 . ? 1_555 ? 
5 AC1 6 ASP A 23 ? ASP A 57 . ? 1_555 ? 
6 AC1 6 TYR A 26 ? TYR A 60 . ? 1_555 ? 
# 
loop_
_pdbx_validate_torsion.id 
_pdbx_validate_torsion.PDB_model_num 
_pdbx_validate_torsion.auth_comp_id 
_pdbx_validate_torsion.auth_asym_id 
_pdbx_validate_torsion.auth_seq_id 
_pdbx_validate_torsion.PDB_ins_code 
_pdbx_validate_torsion.label_alt_id 
_pdbx_validate_torsion.phi 
_pdbx_validate_torsion.psi 
1 1 SER A 42 ? ? 132.27  -176.72 
2 1 ARG A 46 ? ? 36.85   70.94   
3 1 ASN A 80 ? ? -152.66 1.12    
# 
loop_
_pdbx_validate_planes.id 
_pdbx_validate_planes.PDB_model_num 
_pdbx_validate_planes.auth_comp_id 
_pdbx_validate_planes.auth_asym_id 
_pdbx_validate_planes.auth_seq_id 
_pdbx_validate_planes.PDB_ins_code 
_pdbx_validate_planes.label_alt_id 
_pdbx_validate_planes.rmsd 
_pdbx_validate_planes.type 
1 1 ASP A 54  ? ? 0.071 'SIDE CHAIN' 
2 1 TYR A 128 ? ? 0.068 'SIDE CHAIN' 
3 1 GLU A 131 ? ? 0.076 'SIDE CHAIN' 
4 1 ASP A 137 ? ? 0.092 'SIDE CHAIN' 
# 
_pdbx_validate_main_chain_plane.id                       1 
_pdbx_validate_main_chain_plane.PDB_model_num            1 
_pdbx_validate_main_chain_plane.auth_comp_id             THR 
_pdbx_validate_main_chain_plane.auth_asym_id             A 
_pdbx_validate_main_chain_plane.auth_seq_id              98 
_pdbx_validate_main_chain_plane.PDB_ins_code             ? 
_pdbx_validate_main_chain_plane.label_alt_id             ? 
_pdbx_validate_main_chain_plane.improper_torsion_angle   -10.01 
# 
_pdbx_nmr_ensemble.average_constraint_violations_per_residue     ? 
_pdbx_nmr_ensemble.average_constraints_per_residue               ? 
_pdbx_nmr_ensemble.average_distance_constraint_violation         ? 
_pdbx_nmr_ensemble.average_torsion_angle_constraint_violation    ? 
_pdbx_nmr_ensemble.conformer_selection_criteria                  'structures with the least restraint violations' 
_pdbx_nmr_ensemble.conformers_calculated_total_number            1 
_pdbx_nmr_ensemble.conformers_submitted_total_number             1 
_pdbx_nmr_ensemble.distance_constraint_violation_method          ? 
_pdbx_nmr_ensemble.entry_id                                      2LH8 
_pdbx_nmr_ensemble.maximum_distance_constraint_violation         ? 
_pdbx_nmr_ensemble.maximum_lower_distance_constraint_violation   0 
_pdbx_nmr_ensemble.maximum_torsion_angle_constraint_violation    ? 
_pdbx_nmr_ensemble.maximum_upper_distance_constraint_violation   0 
_pdbx_nmr_ensemble.torsion_angle_constraint_violation_method     ? 
# 
_pdbx_nmr_representative.conformer_id         1 
_pdbx_nmr_representative.entry_id             2LH8 
_pdbx_nmr_representative.selection_criteria   'fewest violations' 
# 
loop_
_pdbx_nmr_sample_details.contents 
_pdbx_nmr_sample_details.solution_id 
_pdbx_nmr_sample_details.solvent_system 
'0.3 mM [U-100% 15N] shPrP, 10 mM thiamine, 90% H2O/10% D2O' 1 '90% H2O/10% D2O' 
'0.5 mM shPrP, 12.5 mM thiamine, 90% H2O/10% D2O'            2 '90% H2O/10% D2O' 
'0.5 mM shPrP, 10 mM thiamine, 90% H2O/10% D2O'              3 '90% H2O/10% D2O' 
# 
loop_
_pdbx_nmr_exptl_sample.component 
_pdbx_nmr_exptl_sample.concentration 
_pdbx_nmr_exptl_sample.concentration_range 
_pdbx_nmr_exptl_sample.concentration_units 
_pdbx_nmr_exptl_sample.isotopic_labeling 
_pdbx_nmr_exptl_sample.solution_id 
shPrP-1    0.3  ? mM '[U-100% 15N]' 1 
thiamine-2 10   ? mM ?              1 
shPrP-3    0.5  ? mM ?              2 
thiamine-4 12.5 ? mM ?              2 
shPrP-5    0.5  ? mM ?              3 
thiamine-6 10   ? mM ?              3 
# 
_pdbx_nmr_exptl_sample_conditions.conditions_id       1 
_pdbx_nmr_exptl_sample_conditions.ionic_strength      0.02 
_pdbx_nmr_exptl_sample_conditions.pH                  6.2 
_pdbx_nmr_exptl_sample_conditions.pressure            ambient 
_pdbx_nmr_exptl_sample_conditions.pressure_units      ? 
_pdbx_nmr_exptl_sample_conditions.temperature         298 
_pdbx_nmr_exptl_sample_conditions.temperature_units   K 
# 
loop_
_pdbx_nmr_exptl.conditions_id 
_pdbx_nmr_exptl.experiment_id 
_pdbx_nmr_exptl.solution_id 
_pdbx_nmr_exptl.type 
1 1 1 '2D 1H-15N HSQC'  
1 2 1 '3D 1H-15N NOESY' 
1 3 1 '3D 1H-15N TOCSY' 
1 4 2 '1D STD-TOCSY'    
1 5 3 '2D NOESY'        
# 
_pdbx_nmr_refine.entry_id           2LH8 
_pdbx_nmr_refine.method             'simulated annealing' 
_pdbx_nmr_refine.details            ? 
_pdbx_nmr_refine.software_ordinal   1 
# 
loop_
_pdbx_nmr_software.authors 
_pdbx_nmr_software.classification 
_pdbx_nmr_software.name 
_pdbx_nmr_software.version 
_pdbx_nmr_software.ordinal 
'Delaglio, Grzesiek, Vuister, Zhu, Pfeifer and Bax' processing                  NMRDraw      3.0 1 
Varian                                              collection                  VnmrJ        ?   2 
'Johnson, One Moon Scientific'                      'chemical shift assignment' NMRView      ?   3 
'Johnson, One Moon Scientific'                      'peak picking'              NMRView      ?   4 
'Johnson, One Moon Scientific'                      'data analysis'             NMRView      ?   5 
'Schwieters, Kuszewski, Tjandra and Clore'          'structure solution'        'X-PLOR NIH' ?   6 
'Schwieters, Kuszewski, Tjandra and Clore'          refinement                  'X-PLOR NIH' ?   7 
# 
loop_
_chem_comp_atom.comp_id 
_chem_comp_atom.atom_id 
_chem_comp_atom.type_symbol 
_chem_comp_atom.pdbx_aromatic_flag 
_chem_comp_atom.pdbx_stereo_config 
_chem_comp_atom.pdbx_ordinal 
ALA N    N N N 1   
ALA CA   C N S 2   
ALA C    C N N 3   
ALA O    O N N 4   
ALA CB   C N N 5   
ALA OXT  O N N 6   
ALA H    H N N 7   
ALA H2   H N N 8   
ALA HA   H N N 9   
ALA HB1  H N N 10  
ALA HB2  H N N 11  
ALA HB3  H N N 12  
ALA HXT  H N N 13  
ARG N    N N N 14  
ARG CA   C N S 15  
ARG C    C N N 16  
ARG O    O N N 17  
ARG CB   C N N 18  
ARG CG   C N N 19  
ARG CD   C N N 20  
ARG NE   N N N 21  
ARG CZ   C N N 22  
ARG NH1  N N N 23  
ARG NH2  N N N 24  
ARG OXT  O N N 25  
ARG H    H N N 26  
ARG H2   H N N 27  
ARG HA   H N N 28  
ARG HB2  H N N 29  
ARG HB3  H N N 30  
ARG HG2  H N N 31  
ARG HG3  H N N 32  
ARG HD2  H N N 33  
ARG HD3  H N N 34  
ARG HE   H N N 35  
ARG HH11 H N N 36  
ARG HH12 H N N 37  
ARG HH21 H N N 38  
ARG HH22 H N N 39  
ARG HXT  H N N 40  
ASN N    N N N 41  
ASN CA   C N S 42  
ASN C    C N N 43  
ASN O    O N N 44  
ASN CB   C N N 45  
ASN CG   C N N 46  
ASN OD1  O N N 47  
ASN ND2  N N N 48  
ASN OXT  O N N 49  
ASN H    H N N 50  
ASN H2   H N N 51  
ASN HA   H N N 52  
ASN HB2  H N N 53  
ASN HB3  H N N 54  
ASN HD21 H N N 55  
ASN HD22 H N N 56  
ASN HXT  H N N 57  
ASP N    N N N 58  
ASP CA   C N S 59  
ASP C    C N N 60  
ASP O    O N N 61  
ASP CB   C N N 62  
ASP CG   C N N 63  
ASP OD1  O N N 64  
ASP OD2  O N N 65  
ASP OXT  O N N 66  
ASP H    H N N 67  
ASP H2   H N N 68  
ASP HA   H N N 69  
ASP HB2  H N N 70  
ASP HB3  H N N 71  
ASP HD2  H N N 72  
ASP HXT  H N N 73  
CYS N    N N N 74  
CYS CA   C N R 75  
CYS C    C N N 76  
CYS O    O N N 77  
CYS CB   C N N 78  
CYS SG   S N N 79  
CYS OXT  O N N 80  
CYS H    H N N 81  
CYS H2   H N N 82  
CYS HA   H N N 83  
CYS HB2  H N N 84  
CYS HB3  H N N 85  
CYS HG   H N N 86  
CYS HXT  H N N 87  
GLN N    N N N 88  
GLN CA   C N S 89  
GLN C    C N N 90  
GLN O    O N N 91  
GLN CB   C N N 92  
GLN CG   C N N 93  
GLN CD   C N N 94  
GLN OE1  O N N 95  
GLN NE2  N N N 96  
GLN OXT  O N N 97  
GLN H    H N N 98  
GLN H2   H N N 99  
GLN HA   H N N 100 
GLN HB2  H N N 101 
GLN HB3  H N N 102 
GLN HG2  H N N 103 
GLN HG3  H N N 104 
GLN HE21 H N N 105 
GLN HE22 H N N 106 
GLN HXT  H N N 107 
GLU N    N N N 108 
GLU CA   C N S 109 
GLU C    C N N 110 
GLU O    O N N 111 
GLU CB   C N N 112 
GLU CG   C N N 113 
GLU CD   C N N 114 
GLU OE1  O N N 115 
GLU OE2  O N N 116 
GLU OXT  O N N 117 
GLU H    H N N 118 
GLU H2   H N N 119 
GLU HA   H N N 120 
GLU HB2  H N N 121 
GLU HB3  H N N 122 
GLU HG2  H N N 123 
GLU HG3  H N N 124 
GLU HE2  H N N 125 
GLU HXT  H N N 126 
GLY N    N N N 127 
GLY CA   C N N 128 
GLY C    C N N 129 
GLY O    O N N 130 
GLY OXT  O N N 131 
GLY H    H N N 132 
GLY H2   H N N 133 
GLY HA2  H N N 134 
GLY HA3  H N N 135 
GLY HXT  H N N 136 
HIS N    N N N 137 
HIS CA   C N S 138 
HIS C    C N N 139 
HIS O    O N N 140 
HIS CB   C N N 141 
HIS CG   C Y N 142 
HIS ND1  N Y N 143 
HIS CD2  C Y N 144 
HIS CE1  C Y N 145 
HIS NE2  N Y N 146 
HIS OXT  O N N 147 
HIS H    H N N 148 
HIS H2   H N N 149 
HIS HA   H N N 150 
HIS HB2  H N N 151 
HIS HB3  H N N 152 
HIS HD1  H N N 153 
HIS HD2  H N N 154 
HIS HE1  H N N 155 
HIS HE2  H N N 156 
HIS HXT  H N N 157 
ILE N    N N N 158 
ILE CA   C N S 159 
ILE C    C N N 160 
ILE O    O N N 161 
ILE CB   C N S 162 
ILE CG1  C N N 163 
ILE CG2  C N N 164 
ILE CD1  C N N 165 
ILE OXT  O N N 166 
ILE H    H N N 167 
ILE H2   H N N 168 
ILE HA   H N N 169 
ILE HB   H N N 170 
ILE HG12 H N N 171 
ILE HG13 H N N 172 
ILE HG21 H N N 173 
ILE HG22 H N N 174 
ILE HG23 H N N 175 
ILE HD11 H N N 176 
ILE HD12 H N N 177 
ILE HD13 H N N 178 
ILE HXT  H N N 179 
LEU N    N N N 180 
LEU CA   C N S 181 
LEU C    C N N 182 
LEU O    O N N 183 
LEU CB   C N N 184 
LEU CG   C N N 185 
LEU CD1  C N N 186 
LEU CD2  C N N 187 
LEU OXT  O N N 188 
LEU H    H N N 189 
LEU H2   H N N 190 
LEU HA   H N N 191 
LEU HB2  H N N 192 
LEU HB3  H N N 193 
LEU HG   H N N 194 
LEU HD11 H N N 195 
LEU HD12 H N N 196 
LEU HD13 H N N 197 
LEU HD21 H N N 198 
LEU HD22 H N N 199 
LEU HD23 H N N 200 
LEU HXT  H N N 201 
LYS N    N N N 202 
LYS CA   C N S 203 
LYS C    C N N 204 
LYS O    O N N 205 
LYS CB   C N N 206 
LYS CG   C N N 207 
LYS CD   C N N 208 
LYS CE   C N N 209 
LYS NZ   N N N 210 
LYS OXT  O N N 211 
LYS H    H N N 212 
LYS H2   H N N 213 
LYS HA   H N N 214 
LYS HB2  H N N 215 
LYS HB3  H N N 216 
LYS HG2  H N N 217 
LYS HG3  H N N 218 
LYS HD2  H N N 219 
LYS HD3  H N N 220 
LYS HE2  H N N 221 
LYS HE3  H N N 222 
LYS HZ1  H N N 223 
LYS HZ2  H N N 224 
LYS HZ3  H N N 225 
LYS HXT  H N N 226 
MET N    N N N 227 
MET CA   C N S 228 
MET C    C N N 229 
MET O    O N N 230 
MET CB   C N N 231 
MET CG   C N N 232 
MET SD   S N N 233 
MET CE   C N N 234 
MET OXT  O N N 235 
MET H    H N N 236 
MET H2   H N N 237 
MET HA   H N N 238 
MET HB2  H N N 239 
MET HB3  H N N 240 
MET HG2  H N N 241 
MET HG3  H N N 242 
MET HE1  H N N 243 
MET HE2  H N N 244 
MET HE3  H N N 245 
MET HXT  H N N 246 
PHE N    N N N 247 
PHE CA   C N S 248 
PHE C    C N N 249 
PHE O    O N N 250 
PHE CB   C N N 251 
PHE CG   C Y N 252 
PHE CD1  C Y N 253 
PHE CD2  C Y N 254 
PHE CE1  C Y N 255 
PHE CE2  C Y N 256 
PHE CZ   C Y N 257 
PHE OXT  O N N 258 
PHE H    H N N 259 
PHE H2   H N N 260 
PHE HA   H N N 261 
PHE HB2  H N N 262 
PHE HB3  H N N 263 
PHE HD1  H N N 264 
PHE HD2  H N N 265 
PHE HE1  H N N 266 
PHE HE2  H N N 267 
PHE HZ   H N N 268 
PHE HXT  H N N 269 
PRO N    N N N 270 
PRO CA   C N S 271 
PRO C    C N N 272 
PRO O    O N N 273 
PRO CB   C N N 274 
PRO CG   C N N 275 
PRO CD   C N N 276 
PRO OXT  O N N 277 
PRO H    H N N 278 
PRO HA   H N N 279 
PRO HB2  H N N 280 
PRO HB3  H N N 281 
PRO HG2  H N N 282 
PRO HG3  H N N 283 
PRO HD2  H N N 284 
PRO HD3  H N N 285 
PRO HXT  H N N 286 
SER N    N N N 287 
SER CA   C N S 288 
SER C    C N N 289 
SER O    O N N 290 
SER CB   C N N 291 
SER OG   O N N 292 
SER OXT  O N N 293 
SER H    H N N 294 
SER H2   H N N 295 
SER HA   H N N 296 
SER HB2  H N N 297 
SER HB3  H N N 298 
SER HG   H N N 299 
SER HXT  H N N 300 
THR N    N N N 301 
THR CA   C N S 302 
THR C    C N N 303 
THR O    O N N 304 
THR CB   C N R 305 
THR OG1  O N N 306 
THR CG2  C N N 307 
THR OXT  O N N 308 
THR H    H N N 309 
THR H2   H N N 310 
THR HA   H N N 311 
THR HB   H N N 312 
THR HG1  H N N 313 
THR HG21 H N N 314 
THR HG22 H N N 315 
THR HG23 H N N 316 
THR HXT  H N N 317 
TRP N    N N N 318 
TRP CA   C N S 319 
TRP C    C N N 320 
TRP O    O N N 321 
TRP CB   C N N 322 
TRP CG   C Y N 323 
TRP CD1  C Y N 324 
TRP CD2  C Y N 325 
TRP NE1  N Y N 326 
TRP CE2  C Y N 327 
TRP CE3  C Y N 328 
TRP CZ2  C Y N 329 
TRP CZ3  C Y N 330 
TRP CH2  C Y N 331 
TRP OXT  O N N 332 
TRP H    H N N 333 
TRP H2   H N N 334 
TRP HA   H N N 335 
TRP HB2  H N N 336 
TRP HB3  H N N 337 
TRP HD1  H N N 338 
TRP HE1  H N N 339 
TRP HE3  H N N 340 
TRP HZ2  H N N 341 
TRP HZ3  H N N 342 
TRP HH2  H N N 343 
TRP HXT  H N N 344 
TYR N    N N N 345 
TYR CA   C N S 346 
TYR C    C N N 347 
TYR O    O N N 348 
TYR CB   C N N 349 
TYR CG   C Y N 350 
TYR CD1  C Y N 351 
TYR CD2  C Y N 352 
TYR CE1  C Y N 353 
TYR CE2  C Y N 354 
TYR CZ   C Y N 355 
TYR OH   O N N 356 
TYR OXT  O N N 357 
TYR H    H N N 358 
TYR H2   H N N 359 
TYR HA   H N N 360 
TYR HB2  H N N 361 
TYR HB3  H N N 362 
TYR HD1  H N N 363 
TYR HD2  H N N 364 
TYR HE1  H N N 365 
TYR HE2  H N N 366 
TYR HH   H N N 367 
TYR HXT  H N N 368 
VAL N    N N N 369 
VAL CA   C N S 370 
VAL C    C N N 371 
VAL O    O N N 372 
VAL CB   C N N 373 
VAL CG1  C N N 374 
VAL CG2  C N N 375 
VAL OXT  O N N 376 
VAL H    H N N 377 
VAL H2   H N N 378 
VAL HA   H N N 379 
VAL HB   H N N 380 
VAL HG11 H N N 381 
VAL HG12 H N N 382 
VAL HG13 H N N 383 
VAL HG21 H N N 384 
VAL HG22 H N N 385 
VAL HG23 H N N 386 
VAL HXT  H N N 387 
VIB CM2  C N N 388 
VIB N4A  N N N 389 
VIB CM4  C N N 390 
VIB O1   O N N 391 
VIB C7   C N N 392 
VIB C6   C N N 393 
VIB C2   C Y N 394 
VIB S1   S Y N 395 
VIB C5   C Y N 396 
VIB C4   C Y N 397 
VIB N3   N Y N 398 
VIB C7A  C N N 399 
VIB C4A  C Y N 400 
VIB N3A  N Y N 401 
VIB C2A  C Y N 402 
VIB N1A  N Y N 403 
VIB C6A  C Y N 404 
VIB C5A  C Y N 405 
VIB HM21 H N N 406 
VIB HM22 H N N 407 
VIB HM23 H N N 408 
VIB H4A1 H N N 409 
VIB H4A2 H N N 410 
VIB HM41 H N N 411 
VIB HM42 H N N 412 
VIB HM43 H N N 413 
VIB HO1  H N N 414 
VIB HC71 H N N 415 
VIB HC72 H N N 416 
VIB HC61 H N N 417 
VIB HC62 H N N 418 
VIB HC2  H N N 419 
VIB H7A1 H N N 420 
VIB H7A2 H N N 421 
VIB H6AC H N N 422 
# 
loop_
_chem_comp_bond.comp_id 
_chem_comp_bond.atom_id_1 
_chem_comp_bond.atom_id_2 
_chem_comp_bond.value_order 
_chem_comp_bond.pdbx_aromatic_flag 
_chem_comp_bond.pdbx_stereo_config 
_chem_comp_bond.pdbx_ordinal 
ALA N   CA   sing N N 1   
ALA N   H    sing N N 2   
ALA N   H2   sing N N 3   
ALA CA  C    sing N N 4   
ALA CA  CB   sing N N 5   
ALA CA  HA   sing N N 6   
ALA C   O    doub N N 7   
ALA C   OXT  sing N N 8   
ALA CB  HB1  sing N N 9   
ALA CB  HB2  sing N N 10  
ALA CB  HB3  sing N N 11  
ALA OXT HXT  sing N N 12  
ARG N   CA   sing N N 13  
ARG N   H    sing N N 14  
ARG N   H2   sing N N 15  
ARG CA  C    sing N N 16  
ARG CA  CB   sing N N 17  
ARG CA  HA   sing N N 18  
ARG C   O    doub N N 19  
ARG C   OXT  sing N N 20  
ARG CB  CG   sing N N 21  
ARG CB  HB2  sing N N 22  
ARG CB  HB3  sing N N 23  
ARG CG  CD   sing N N 24  
ARG CG  HG2  sing N N 25  
ARG CG  HG3  sing N N 26  
ARG CD  NE   sing N N 27  
ARG CD  HD2  sing N N 28  
ARG CD  HD3  sing N N 29  
ARG NE  CZ   sing N N 30  
ARG NE  HE   sing N N 31  
ARG CZ  NH1  sing N N 32  
ARG CZ  NH2  doub N N 33  
ARG NH1 HH11 sing N N 34  
ARG NH1 HH12 sing N N 35  
ARG NH2 HH21 sing N N 36  
ARG NH2 HH22 sing N N 37  
ARG OXT HXT  sing N N 38  
ASN N   CA   sing N N 39  
ASN N   H    sing N N 40  
ASN N   H2   sing N N 41  
ASN CA  C    sing N N 42  
ASN CA  CB   sing N N 43  
ASN CA  HA   sing N N 44  
ASN C   O    doub N N 45  
ASN C   OXT  sing N N 46  
ASN CB  CG   sing N N 47  
ASN CB  HB2  sing N N 48  
ASN CB  HB3  sing N N 49  
ASN CG  OD1  doub N N 50  
ASN CG  ND2  sing N N 51  
ASN ND2 HD21 sing N N 52  
ASN ND2 HD22 sing N N 53  
ASN OXT HXT  sing N N 54  
ASP N   CA   sing N N 55  
ASP N   H    sing N N 56  
ASP N   H2   sing N N 57  
ASP CA  C    sing N N 58  
ASP CA  CB   sing N N 59  
ASP CA  HA   sing N N 60  
ASP C   O    doub N N 61  
ASP C   OXT  sing N N 62  
ASP CB  CG   sing N N 63  
ASP CB  HB2  sing N N 64  
ASP CB  HB3  sing N N 65  
ASP CG  OD1  doub N N 66  
ASP CG  OD2  sing N N 67  
ASP OD2 HD2  sing N N 68  
ASP OXT HXT  sing N N 69  
CYS N   CA   sing N N 70  
CYS N   H    sing N N 71  
CYS N   H2   sing N N 72  
CYS CA  C    sing N N 73  
CYS CA  CB   sing N N 74  
CYS CA  HA   sing N N 75  
CYS C   O    doub N N 76  
CYS C   OXT  sing N N 77  
CYS CB  SG   sing N N 78  
CYS CB  HB2  sing N N 79  
CYS CB  HB3  sing N N 80  
CYS SG  HG   sing N N 81  
CYS OXT HXT  sing N N 82  
GLN N   CA   sing N N 83  
GLN N   H    sing N N 84  
GLN N   H2   sing N N 85  
GLN CA  C    sing N N 86  
GLN CA  CB   sing N N 87  
GLN CA  HA   sing N N 88  
GLN C   O    doub N N 89  
GLN C   OXT  sing N N 90  
GLN CB  CG   sing N N 91  
GLN CB  HB2  sing N N 92  
GLN CB  HB3  sing N N 93  
GLN CG  CD   sing N N 94  
GLN CG  HG2  sing N N 95  
GLN CG  HG3  sing N N 96  
GLN CD  OE1  doub N N 97  
GLN CD  NE2  sing N N 98  
GLN NE2 HE21 sing N N 99  
GLN NE2 HE22 sing N N 100 
GLN OXT HXT  sing N N 101 
GLU N   CA   sing N N 102 
GLU N   H    sing N N 103 
GLU N   H2   sing N N 104 
GLU CA  C    sing N N 105 
GLU CA  CB   sing N N 106 
GLU CA  HA   sing N N 107 
GLU C   O    doub N N 108 
GLU C   OXT  sing N N 109 
GLU CB  CG   sing N N 110 
GLU CB  HB2  sing N N 111 
GLU CB  HB3  sing N N 112 
GLU CG  CD   sing N N 113 
GLU CG  HG2  sing N N 114 
GLU CG  HG3  sing N N 115 
GLU CD  OE1  doub N N 116 
GLU CD  OE2  sing N N 117 
GLU OE2 HE2  sing N N 118 
GLU OXT HXT  sing N N 119 
GLY N   CA   sing N N 120 
GLY N   H    sing N N 121 
GLY N   H2   sing N N 122 
GLY CA  C    sing N N 123 
GLY CA  HA2  sing N N 124 
GLY CA  HA3  sing N N 125 
GLY C   O    doub N N 126 
GLY C   OXT  sing N N 127 
GLY OXT HXT  sing N N 128 
HIS N   CA   sing N N 129 
HIS N   H    sing N N 130 
HIS N   H2   sing N N 131 
HIS CA  C    sing N N 132 
HIS CA  CB   sing N N 133 
HIS CA  HA   sing N N 134 
HIS C   O    doub N N 135 
HIS C   OXT  sing N N 136 
HIS CB  CG   sing N N 137 
HIS CB  HB2  sing N N 138 
HIS CB  HB3  sing N N 139 
HIS CG  ND1  sing Y N 140 
HIS CG  CD2  doub Y N 141 
HIS ND1 CE1  doub Y N 142 
HIS ND1 HD1  sing N N 143 
HIS CD2 NE2  sing Y N 144 
HIS CD2 HD2  sing N N 145 
HIS CE1 NE2  sing Y N 146 
HIS CE1 HE1  sing N N 147 
HIS NE2 HE2  sing N N 148 
HIS OXT HXT  sing N N 149 
ILE N   CA   sing N N 150 
ILE N   H    sing N N 151 
ILE N   H2   sing N N 152 
ILE CA  C    sing N N 153 
ILE CA  CB   sing N N 154 
ILE CA  HA   sing N N 155 
ILE C   O    doub N N 156 
ILE C   OXT  sing N N 157 
ILE CB  CG1  sing N N 158 
ILE CB  CG2  sing N N 159 
ILE CB  HB   sing N N 160 
ILE CG1 CD1  sing N N 161 
ILE CG1 HG12 sing N N 162 
ILE CG1 HG13 sing N N 163 
ILE CG2 HG21 sing N N 164 
ILE CG2 HG22 sing N N 165 
ILE CG2 HG23 sing N N 166 
ILE CD1 HD11 sing N N 167 
ILE CD1 HD12 sing N N 168 
ILE CD1 HD13 sing N N 169 
ILE OXT HXT  sing N N 170 
LEU N   CA   sing N N 171 
LEU N   H    sing N N 172 
LEU N   H2   sing N N 173 
LEU CA  C    sing N N 174 
LEU CA  CB   sing N N 175 
LEU CA  HA   sing N N 176 
LEU C   O    doub N N 177 
LEU C   OXT  sing N N 178 
LEU CB  CG   sing N N 179 
LEU CB  HB2  sing N N 180 
LEU CB  HB3  sing N N 181 
LEU CG  CD1  sing N N 182 
LEU CG  CD2  sing N N 183 
LEU CG  HG   sing N N 184 
LEU CD1 HD11 sing N N 185 
LEU CD1 HD12 sing N N 186 
LEU CD1 HD13 sing N N 187 
LEU CD2 HD21 sing N N 188 
LEU CD2 HD22 sing N N 189 
LEU CD2 HD23 sing N N 190 
LEU OXT HXT  sing N N 191 
LYS N   CA   sing N N 192 
LYS N   H    sing N N 193 
LYS N   H2   sing N N 194 
LYS CA  C    sing N N 195 
LYS CA  CB   sing N N 196 
LYS CA  HA   sing N N 197 
LYS C   O    doub N N 198 
LYS C   OXT  sing N N 199 
LYS CB  CG   sing N N 200 
LYS CB  HB2  sing N N 201 
LYS CB  HB3  sing N N 202 
LYS CG  CD   sing N N 203 
LYS CG  HG2  sing N N 204 
LYS CG  HG3  sing N N 205 
LYS CD  CE   sing N N 206 
LYS CD  HD2  sing N N 207 
LYS CD  HD3  sing N N 208 
LYS CE  NZ   sing N N 209 
LYS CE  HE2  sing N N 210 
LYS CE  HE3  sing N N 211 
LYS NZ  HZ1  sing N N 212 
LYS NZ  HZ2  sing N N 213 
LYS NZ  HZ3  sing N N 214 
LYS OXT HXT  sing N N 215 
MET N   CA   sing N N 216 
MET N   H    sing N N 217 
MET N   H2   sing N N 218 
MET CA  C    sing N N 219 
MET CA  CB   sing N N 220 
MET CA  HA   sing N N 221 
MET C   O    doub N N 222 
MET C   OXT  sing N N 223 
MET CB  CG   sing N N 224 
MET CB  HB2  sing N N 225 
MET CB  HB3  sing N N 226 
MET CG  SD   sing N N 227 
MET CG  HG2  sing N N 228 
MET CG  HG3  sing N N 229 
MET SD  CE   sing N N 230 
MET CE  HE1  sing N N 231 
MET CE  HE2  sing N N 232 
MET CE  HE3  sing N N 233 
MET OXT HXT  sing N N 234 
PHE N   CA   sing N N 235 
PHE N   H    sing N N 236 
PHE N   H2   sing N N 237 
PHE CA  C    sing N N 238 
PHE CA  CB   sing N N 239 
PHE CA  HA   sing N N 240 
PHE C   O    doub N N 241 
PHE C   OXT  sing N N 242 
PHE CB  CG   sing N N 243 
PHE CB  HB2  sing N N 244 
PHE CB  HB3  sing N N 245 
PHE CG  CD1  doub Y N 246 
PHE CG  CD2  sing Y N 247 
PHE CD1 CE1  sing Y N 248 
PHE CD1 HD1  sing N N 249 
PHE CD2 CE2  doub Y N 250 
PHE CD2 HD2  sing N N 251 
PHE CE1 CZ   doub Y N 252 
PHE CE1 HE1  sing N N 253 
PHE CE2 CZ   sing Y N 254 
PHE CE2 HE2  sing N N 255 
PHE CZ  HZ   sing N N 256 
PHE OXT HXT  sing N N 257 
PRO N   CA   sing N N 258 
PRO N   CD   sing N N 259 
PRO N   H    sing N N 260 
PRO CA  C    sing N N 261 
PRO CA  CB   sing N N 262 
PRO CA  HA   sing N N 263 
PRO C   O    doub N N 264 
PRO C   OXT  sing N N 265 
PRO CB  CG   sing N N 266 
PRO CB  HB2  sing N N 267 
PRO CB  HB3  sing N N 268 
PRO CG  CD   sing N N 269 
PRO CG  HG2  sing N N 270 
PRO CG  HG3  sing N N 271 
PRO CD  HD2  sing N N 272 
PRO CD  HD3  sing N N 273 
PRO OXT HXT  sing N N 274 
SER N   CA   sing N N 275 
SER N   H    sing N N 276 
SER N   H2   sing N N 277 
SER CA  C    sing N N 278 
SER CA  CB   sing N N 279 
SER CA  HA   sing N N 280 
SER C   O    doub N N 281 
SER C   OXT  sing N N 282 
SER CB  OG   sing N N 283 
SER CB  HB2  sing N N 284 
SER CB  HB3  sing N N 285 
SER OG  HG   sing N N 286 
SER OXT HXT  sing N N 287 
THR N   CA   sing N N 288 
THR N   H    sing N N 289 
THR N   H2   sing N N 290 
THR CA  C    sing N N 291 
THR CA  CB   sing N N 292 
THR CA  HA   sing N N 293 
THR C   O    doub N N 294 
THR C   OXT  sing N N 295 
THR CB  OG1  sing N N 296 
THR CB  CG2  sing N N 297 
THR CB  HB   sing N N 298 
THR OG1 HG1  sing N N 299 
THR CG2 HG21 sing N N 300 
THR CG2 HG22 sing N N 301 
THR CG2 HG23 sing N N 302 
THR OXT HXT  sing N N 303 
TRP N   CA   sing N N 304 
TRP N   H    sing N N 305 
TRP N   H2   sing N N 306 
TRP CA  C    sing N N 307 
TRP CA  CB   sing N N 308 
TRP CA  HA   sing N N 309 
TRP C   O    doub N N 310 
TRP C   OXT  sing N N 311 
TRP CB  CG   sing N N 312 
TRP CB  HB2  sing N N 313 
TRP CB  HB3  sing N N 314 
TRP CG  CD1  doub Y N 315 
TRP CG  CD2  sing Y N 316 
TRP CD1 NE1  sing Y N 317 
TRP CD1 HD1  sing N N 318 
TRP CD2 CE2  doub Y N 319 
TRP CD2 CE3  sing Y N 320 
TRP NE1 CE2  sing Y N 321 
TRP NE1 HE1  sing N N 322 
TRP CE2 CZ2  sing Y N 323 
TRP CE3 CZ3  doub Y N 324 
TRP CE3 HE3  sing N N 325 
TRP CZ2 CH2  doub Y N 326 
TRP CZ2 HZ2  sing N N 327 
TRP CZ3 CH2  sing Y N 328 
TRP CZ3 HZ3  sing N N 329 
TRP CH2 HH2  sing N N 330 
TRP OXT HXT  sing N N 331 
TYR N   CA   sing N N 332 
TYR N   H    sing N N 333 
TYR N   H2   sing N N 334 
TYR CA  C    sing N N 335 
TYR CA  CB   sing N N 336 
TYR CA  HA   sing N N 337 
TYR C   O    doub N N 338 
TYR C   OXT  sing N N 339 
TYR CB  CG   sing N N 340 
TYR CB  HB2  sing N N 341 
TYR CB  HB3  sing N N 342 
TYR CG  CD1  doub Y N 343 
TYR CG  CD2  sing Y N 344 
TYR CD1 CE1  sing Y N 345 
TYR CD1 HD1  sing N N 346 
TYR CD2 CE2  doub Y N 347 
TYR CD2 HD2  sing N N 348 
TYR CE1 CZ   doub Y N 349 
TYR CE1 HE1  sing N N 350 
TYR CE2 CZ   sing Y N 351 
TYR CE2 HE2  sing N N 352 
TYR CZ  OH   sing N N 353 
TYR OH  HH   sing N N 354 
TYR OXT HXT  sing N N 355 
VAL N   CA   sing N N 356 
VAL N   H    sing N N 357 
VAL N   H2   sing N N 358 
VAL CA  C    sing N N 359 
VAL CA  CB   sing N N 360 
VAL CA  HA   sing N N 361 
VAL C   O    doub N N 362 
VAL C   OXT  sing N N 363 
VAL CB  CG1  sing N N 364 
VAL CB  CG2  sing N N 365 
VAL CB  HB   sing N N 366 
VAL CG1 HG11 sing N N 367 
VAL CG1 HG12 sing N N 368 
VAL CG1 HG13 sing N N 369 
VAL CG2 HG21 sing N N 370 
VAL CG2 HG22 sing N N 371 
VAL CG2 HG23 sing N N 372 
VAL OXT HXT  sing N N 373 
VIB CM2 C2A  sing N N 374 
VIB CM2 HM21 sing N N 375 
VIB CM2 HM22 sing N N 376 
VIB CM2 HM23 sing N N 377 
VIB N4A C4A  sing N N 378 
VIB N4A H4A1 sing N N 379 
VIB N4A H4A2 sing N N 380 
VIB CM4 C4   sing N N 381 
VIB CM4 HM41 sing N N 382 
VIB CM4 HM42 sing N N 383 
VIB CM4 HM43 sing N N 384 
VIB O1  C7   sing N N 385 
VIB O1  HO1  sing N N 386 
VIB C7  C6   sing N N 387 
VIB C7  HC71 sing N N 388 
VIB C7  HC72 sing N N 389 
VIB C6  C5   sing N N 390 
VIB C6  HC61 sing N N 391 
VIB C6  HC62 sing N N 392 
VIB C2  S1   sing Y N 393 
VIB C2  N3   doub Y N 394 
VIB C2  HC2  sing N N 395 
VIB S1  C5   sing Y N 396 
VIB C5  C4   doub Y N 397 
VIB C4  N3   sing Y N 398 
VIB N3  C7A  sing N N 399 
VIB C7A C5A  sing N N 400 
VIB C7A H7A1 sing N N 401 
VIB C7A H7A2 sing N N 402 
VIB C4A N3A  sing Y N 403 
VIB C4A C5A  doub Y N 404 
VIB N3A C2A  doub Y N 405 
VIB C2A N1A  sing Y N 406 
VIB N1A C6A  doub Y N 407 
VIB C6A C5A  sing Y N 408 
VIB C6A H6AC sing N N 409 
# 
loop_
_pdbx_nmr_spectrometer.field_strength 
_pdbx_nmr_spectrometer.manufacturer 
_pdbx_nmr_spectrometer.model 
_pdbx_nmr_spectrometer.spectrometer_id 
_pdbx_nmr_spectrometer.type 
500 Varian INOVA 1 'Varian INOVA' 
800 Varian INOVA 2 'Varian INOVA' 
# 
_atom_sites.entry_id                    2LH8 
_atom_sites.fract_transf_matrix[1][1]   1.000000 
_atom_sites.fract_transf_matrix[1][2]   0.000000 
_atom_sites.fract_transf_matrix[1][3]   0.000000 
_atom_sites.fract_transf_matrix[2][1]   0.000000 
_atom_sites.fract_transf_matrix[2][2]   1.000000 
_atom_sites.fract_transf_matrix[2][3]   0.000000 
_atom_sites.fract_transf_matrix[3][1]   0.000000 
_atom_sites.fract_transf_matrix[3][2]   0.000000 
_atom_sites.fract_transf_matrix[3][3]   1.000000 
_atom_sites.fract_transf_vector[1]      0.00000 
_atom_sites.fract_transf_vector[2]      0.00000 
_atom_sites.fract_transf_vector[3]      0.00000 
# 
loop_
_atom_type.symbol 
C 
H 
N 
O 
S 
# 
loop_
_atom_site.group_PDB 
_atom_site.id 
_atom_site.type_symbol 
_atom_site.label_atom_id 
_atom_site.label_alt_id 
_atom_site.label_comp_id 
_atom_site.label_asym_id 
_atom_site.label_entity_id 
_atom_site.label_seq_id 
_atom_site.pdbx_PDB_ins_code 
_atom_site.Cartn_x 
_atom_site.Cartn_y 
_atom_site.Cartn_z 
_atom_site.occupancy 
_atom_site.B_iso_or_equiv 
_atom_site.pdbx_formal_charge 
_atom_site.auth_seq_id 
_atom_site.auth_comp_id 
_atom_site.auth_asym_id 
_atom_site.auth_atom_id 
_atom_site.pdbx_PDB_model_num 
ATOM   1    N N    . LEU A 1 1   ? 7.828   -15.342 -3.233  1.00 0.00  ?  35  LEU A N    1 
ATOM   2    C CA   . LEU A 1 1   ? 6.577   -14.579 -2.995  1.00 0.00  ?  35  LEU A CA   1 
ATOM   3    C C    . LEU A 1 1   ? 5.349   -15.482 -3.080  1.00 0.00  ?  35  LEU A C    1 
ATOM   4    O O    . LEU A 1 1   ? 4.575   -15.484 -2.140  1.00 0.00  ?  35  LEU A O    1 
ATOM   5    C CB   . LEU A 1 1   ? 6.412   -13.346 -3.908  1.00 0.00  ?  35  LEU A CB   1 
ATOM   6    C CG   . LEU A 1 1   ? 7.623   -12.393 -3.953  1.00 0.00  ?  35  LEU A CG   1 
ATOM   7    C CD1  . LEU A 1 1   ? 7.296   -11.174 -4.806  1.00 0.00  ?  35  LEU A CD1  1 
ATOM   8    C CD2  . LEU A 1 1   ? 8.057   -11.919 -2.564  1.00 0.00  ?  35  LEU A CD2  1 
ATOM   9    H H1   . LEU A 1 1   ? 8.628   -14.791 -2.949  1.00 0.00  ?  35  LEU A H1   1 
ATOM   10   H H2   . LEU A 1 1   ? 7.926   -15.572 -4.213  1.00 0.00  ?  35  LEU A H2   1 
ATOM   11   H H3   . LEU A 1 1   ? 7.818   -16.199 -2.693  1.00 0.00  ?  35  LEU A H3   1 
ATOM   12   H HA   . LEU A 1 1   ? 6.594   -14.217 -1.966  1.00 0.00  ?  35  LEU A HA   1 
ATOM   13   H HB2  . LEU A 1 1   ? 6.195   -13.675 -4.925  1.00 0.00  ?  35  LEU A HB2  1 
ATOM   14   H HB3  . LEU A 1 1   ? 5.546   -12.783 -3.554  1.00 0.00  ?  35  LEU A HB3  1 
ATOM   15   H HG   . LEU A 1 1   ? 8.459   -12.922 -4.412  1.00 0.00  ?  35  LEU A HG   1 
ATOM   16   H HD11 . LEU A 1 1   ? 7.011   -11.487 -5.812  1.00 0.00  ?  35  LEU A HD11 1 
ATOM   17   H HD12 . LEU A 1 1   ? 8.173   -10.531 -4.893  1.00 0.00  ?  35  LEU A HD12 1 
ATOM   18   H HD13 . LEU A 1 1   ? 6.478   -10.602 -4.369  1.00 0.00  ?  35  LEU A HD13 1 
ATOM   19   H HD21 . LEU A 1 1   ? 8.880   -11.209 -2.672  1.00 0.00  ?  35  LEU A HD21 1 
ATOM   20   H HD22 . LEU A 1 1   ? 8.409   -12.745 -1.950  1.00 0.00  ?  35  LEU A HD22 1 
ATOM   21   H HD23 . LEU A 1 1   ? 7.231   -11.409 -2.065  1.00 0.00  ?  35  LEU A HD23 1 
ATOM   22   N N    . GLY A 1 2   ? 5.162   -16.212 -4.184  1.00 0.00  ?  36  GLY A N    1 
ATOM   23   C CA   . GLY A 1 2   ? 4.013   -17.102 -4.417  1.00 0.00  ?  36  GLY A CA   1 
ATOM   24   C C    . GLY A 1 2   ? 3.266   -16.722 -5.696  1.00 0.00  ?  36  GLY A C    1 
ATOM   25   O O    . GLY A 1 2   ? 3.162   -17.533 -6.601  1.00 0.00  ?  36  GLY A O    1 
ATOM   26   H H    . GLY A 1 2   ? 5.793   -16.126 -4.966  1.00 0.00  ?  36  GLY A H    1 
ATOM   27   H HA2  . GLY A 1 2   ? 4.356   -18.134 -4.515  1.00 0.00  ?  36  GLY A HA2  1 
ATOM   28   H HA3  . GLY A 1 2   ? 3.308   -17.055 -3.585  1.00 0.00  ?  36  GLY A HA3  1 
ATOM   29   N N    . GLY A 1 3   ? 3.070   -15.414 -5.880  1.00 0.00  ?  37  GLY A N    1 
ATOM   30   C CA   . GLY A 1 3   ? 2.488   -14.818 -7.081  1.00 0.00  ?  37  GLY A CA   1 
ATOM   31   C C    . GLY A 1 3   ? 2.039   -13.391 -6.783  1.00 0.00  ?  37  GLY A C    1 
ATOM   32   O O    . GLY A 1 3   ? 0.870   -13.190 -6.470  1.00 0.00  ?  37  GLY A O    1 
ATOM   33   H H    . GLY A 1 3   ? 3.187   -14.809 -5.085  1.00 0.00  ?  37  GLY A H    1 
ATOM   34   H HA2  . GLY A 1 3   ? 3.226   -14.801 -7.884  1.00 0.00  ?  37  GLY A HA2  1 
ATOM   35   H HA3  . GLY A 1 3   ? 1.627   -15.400 -7.415  1.00 0.00  ?  37  GLY A HA3  1 
ATOM   36   N N    . TYR A 1 4   ? 3.015   -12.510 -6.525  1.00 0.00  ?  38  TYR A N    1 
ATOM   37   C CA   . TYR A 1 4   ? 2.777   -11.098 -6.212  1.00 0.00  ?  38  TYR A CA   1 
ATOM   38   C C    . TYR A 1 4   ? 3.815   -10.224 -6.934  1.00 0.00  ?  38  TYR A C    1 
ATOM   39   O O    . TYR A 1 4   ? 4.954   -10.654 -7.118  1.00 0.00  ?  38  TYR A O    1 
ATOM   40   C CB   . TYR A 1 4   ? 2.812   -10.826 -4.693  1.00 0.00  ?  38  TYR A CB   1 
ATOM   41   C CG   . TYR A 1 4   ? 1.774   -11.567 -3.862  1.00 0.00  ?  38  TYR A CG   1 
ATOM   42   C CD1  . TYR A 1 4   ? 2.053   -12.857 -3.368  1.00 0.00  ?  38  TYR A CD1  1 
ATOM   43   C CD2  . TYR A 1 4   ? 0.534   -10.966 -3.568  1.00 0.00  ?  38  TYR A CD2  1 
ATOM   44   C CE1  . TYR A 1 4   ? 1.075   -13.563 -2.642  1.00 0.00  ?  38  TYR A CE1  1 
ATOM   45   C CE2  . TYR A 1 4   ? -0.444  -11.662 -2.829  1.00 0.00  ?  38  TYR A CE2  1 
ATOM   46   C CZ   . TYR A 1 4   ? -0.180  -12.971 -2.378  1.00 0.00  ?  38  TYR A CZ   1 
ATOM   47   O OH   . TYR A 1 4   ? -1.131  -13.695 -1.727  1.00 0.00  ?  38  TYR A OH   1 
ATOM   48   H H    . TYR A 1 4   ? 3.950   -12.735 -6.832  1.00 0.00  ?  38  TYR A H    1 
ATOM   49   H HA   . TYR A 1 4   ? 1.791   -10.837 -6.585  1.00 0.00  ?  38  TYR A HA   1 
ATOM   50   H HB2  . TYR A 1 4   ? 3.806   -11.061 -4.313  1.00 0.00  ?  38  TYR A HB2  1 
ATOM   51   H HB3  . TYR A 1 4   ? 2.658   -9.756  -4.541  1.00 0.00  ?  38  TYR A HB3  1 
ATOM   52   H HD1  . TYR A 1 4   ? 3.012   -13.306 -3.559  1.00 0.00  ?  38  TYR A HD1  1 
ATOM   53   H HD2  . TYR A 1 4   ? 0.328   -9.961  -3.908  1.00 0.00  ?  38  TYR A HD2  1 
ATOM   54   H HE1  . TYR A 1 4   ? 1.281   -14.555 -2.269  1.00 0.00  ?  38  TYR A HE1  1 
ATOM   55   H HE2  . TYR A 1 4   ? -1.397  -11.199 -2.618  1.00 0.00  ?  38  TYR A HE2  1 
ATOM   56   H HH   . TYR A 1 4   ? -1.922  -13.189 -1.470  1.00 0.00  ?  38  TYR A HH   1 
ATOM   57   N N    . MET A 1 5   ? 3.455   -8.974  -7.217  1.00 0.00  ?  39  MET A N    1 
ATOM   58   C CA   . MET A 1 5   ? 4.146   -8.043  -8.106  1.00 0.00  ?  39  MET A CA   1 
ATOM   59   C C    . MET A 1 5   ? 4.015   -6.622  -7.556  1.00 0.00  ?  39  MET A C    1 
ATOM   60   O O    . MET A 1 5   ? 2.941   -6.224  -7.118  1.00 0.00  ?  39  MET A O    1 
ATOM   61   C CB   . MET A 1 5   ? 3.478   -8.126  -9.487  1.00 0.00  ?  39  MET A CB   1 
ATOM   62   C CG   . MET A 1 5   ? 4.200   -7.273  -10.530 1.00 0.00  ?  39  MET A CG   1 
ATOM   63   S SD   . MET A 1 5   ? 3.574   -7.545  -12.203 1.00 0.00  ?  39  MET A SD   1 
ATOM   64   C CE   . MET A 1 5   ? 4.564   -6.322  -13.099 1.00 0.00  ?  39  MET A CE   1 
ATOM   65   H H    . MET A 1 5   ? 2.488   -8.727  -7.032  1.00 0.00  ?  39  MET A H    1 
ATOM   66   H HA   . MET A 1 5   ? 5.199   -8.311  -8.194  1.00 0.00  ?  39  MET A HA   1 
ATOM   67   H HB2  . MET A 1 5   ? 3.483   -9.163  -9.823  1.00 0.00  ?  39  MET A HB2  1 
ATOM   68   H HB3  . MET A 1 5   ? 2.439   -7.794  -9.416  1.00 0.00  ?  39  MET A HB3  1 
ATOM   69   H HG2  . MET A 1 5   ? 4.081   -6.217  -10.281 1.00 0.00  ?  39  MET A HG2  1 
ATOM   70   H HG3  . MET A 1 5   ? 5.261   -7.519  -10.520 1.00 0.00  ?  39  MET A HG3  1 
ATOM   71   H HE1  . MET A 1 5   ? 4.265   -6.315  -14.147 1.00 0.00  ?  39  MET A HE1  1 
ATOM   72   H HE2  . MET A 1 5   ? 5.620   -6.582  -13.025 1.00 0.00  ?  39  MET A HE2  1 
ATOM   73   H HE3  . MET A 1 5   ? 4.399   -5.331  -12.673 1.00 0.00  ?  39  MET A HE3  1 
ATOM   74   N N    . LEU A 1 6   ? 5.134   -5.910  -7.440  1.00 0.00  ?  40  LEU A N    1 
ATOM   75   C CA   . LEU A 1 6   ? 5.162   -4.521  -6.988  1.00 0.00  ?  40  LEU A CA   1 
ATOM   76   C C    . LEU A 1 6   ? 4.669   -3.560  -8.084  1.00 0.00  ?  40  LEU A C    1 
ATOM   77   O O    . LEU A 1 6   ? 5.334   -3.401  -9.101  1.00 0.00  ?  40  LEU A O    1 
ATOM   78   C CB   . LEU A 1 6   ? 6.559   -4.172  -6.435  1.00 0.00  ?  40  LEU A CB   1 
ATOM   79   C CG   . LEU A 1 6   ? 7.745   -4.049  -7.419  1.00 0.00  ?  40  LEU A CG   1 
ATOM   80   C CD1  . LEU A 1 6   ? 9.031   -3.876  -6.607  1.00 0.00  ?  40  LEU A CD1  1 
ATOM   81   C CD2  . LEU A 1 6   ? 7.951   -5.259  -8.336  1.00 0.00  ?  40  LEU A CD2  1 
ATOM   82   H H    . LEU A 1 6   ? 5.979   -6.279  -7.842  1.00 0.00  ?  40  LEU A H    1 
ATOM   83   H HA   . LEU A 1 6   ? 4.475   -4.443  -6.153  1.00 0.00  ?  40  LEU A HA   1 
ATOM   84   H HB2  . LEU A 1 6   ? 6.469   -3.221  -5.909  1.00 0.00  ?  40  LEU A HB2  1 
ATOM   85   H HB3  . LEU A 1 6   ? 6.808   -4.924  -5.690  1.00 0.00  ?  40  LEU A HB3  1 
ATOM   86   H HG   . LEU A 1 6   ? 7.621   -3.154  -8.028  1.00 0.00  ?  40  LEU A HG   1 
ATOM   87   H HD11 . LEU A 1 6   ? 8.936   -3.019  -5.943  1.00 0.00  ?  40  LEU A HD11 1 
ATOM   88   H HD12 . LEU A 1 6   ? 9.866   -3.704  -7.287  1.00 0.00  ?  40  LEU A HD12 1 
ATOM   89   H HD13 . LEU A 1 6   ? 9.226   -4.776  -6.023  1.00 0.00  ?  40  LEU A HD13 1 
ATOM   90   H HD21 . LEU A 1 6   ? 7.136   -5.313  -9.059  1.00 0.00  ?  40  LEU A HD21 1 
ATOM   91   H HD22 . LEU A 1 6   ? 8.008   -6.176  -7.752  1.00 0.00  ?  40  LEU A HD22 1 
ATOM   92   H HD23 . LEU A 1 6   ? 8.870   -5.135  -8.908  1.00 0.00  ?  40  LEU A HD23 1 
ATOM   93   N N    . GLY A 1 7   ? 3.585   -2.829  -7.818  1.00 0.00  ?  41  GLY A N    1 
ATOM   94   C CA   . GLY A 1 7   ? 3.049   -1.826  -8.749  1.00 0.00  ?  41  GLY A CA   1 
ATOM   95   C C    . GLY A 1 7   ? 3.985   -0.637  -8.985  1.00 0.00  ?  41  GLY A C    1 
ATOM   96   O O    . GLY A 1 7   ? 4.196   -0.219  -10.120 1.00 0.00  ?  41  GLY A O    1 
ATOM   97   H H    . GLY A 1 7   ? 3.068   -3.030  -6.971  1.00 0.00  ?  41  GLY A H    1 
ATOM   98   H HA2  . GLY A 1 7   ? 2.811   -2.288  -9.709  1.00 0.00  ?  41  GLY A HA2  1 
ATOM   99   H HA3  . GLY A 1 7   ? 2.135   -1.430  -8.317  1.00 0.00  ?  41  GLY A HA3  1 
ATOM   100  N N    . SER A 1 8   ? 4.661   -0.214  -7.904  1.00 0.00  ?  42  SER A N    1 
ATOM   101  C CA   . SER A 1 8   ? 5.716   0.816   -7.748  1.00 0.00  ?  42  SER A CA   1 
ATOM   102  C C    . SER A 1 8   ? 5.400   1.745   -6.564  1.00 0.00  ?  42  SER A C    1 
ATOM   103  O O    . SER A 1 8   ? 4.562   1.420   -5.718  1.00 0.00  ?  42  SER A O    1 
ATOM   104  C CB   . SER A 1 8   ? 6.042   1.615   -9.024  1.00 0.00  ?  42  SER A CB   1 
ATOM   105  O OG   . SER A 1 8   ? 6.680   0.763   -9.944  1.00 0.00  ?  42  SER A OG   1 
ATOM   106  H H    . SER A 1 8   ? 4.381   -0.674  -7.052  1.00 0.00  ?  42  SER A H    1 
ATOM   107  H HA   . SER A 1 8   ? 6.633   0.293   -7.482  1.00 0.00  ?  42  SER A HA   1 
ATOM   108  H HB2  . SER A 1 8   ? 5.135   2.041   -9.455  1.00 0.00  ?  42  SER A HB2  1 
ATOM   109  H HB3  . SER A 1 8   ? 6.736   2.424   -8.801  1.00 0.00  ?  42  SER A HB3  1 
ATOM   110  H HG   . SER A 1 8   ? 5.972   0.193   -10.303 1.00 0.00  ?  42  SER A HG   1 
ATOM   111  N N    . ALA A 1 9   ? 6.236   2.766   -6.349  1.00 0.00  ?  43  ALA A N    1 
ATOM   112  C CA   . ALA A 1 9   ? 6.018   3.776   -5.316  1.00 0.00  ?  43  ALA A CA   1 
ATOM   113  C C    . ALA A 1 9   ? 4.809   4.679   -5.628  1.00 0.00  ?  43  ALA A C    1 
ATOM   114  O O    . ALA A 1 9   ? 4.626   5.129   -6.758  1.00 0.00  ?  43  ALA A O    1 
ATOM   115  C CB   . ALA A 1 9   ? 7.299   4.602   -5.162  1.00 0.00  ?  43  ALA A CB   1 
ATOM   116  H H    . ALA A 1 9   ? 6.901   2.991   -7.072  1.00 0.00  ?  43  ALA A H    1 
ATOM   117  H HA   . ALA A 1 9   ? 5.819   3.273   -4.373  1.00 0.00  ?  43  ALA A HA   1 
ATOM   118  H HB1  . ALA A 1 9   ? 8.130   3.957   -4.879  1.00 0.00  ?  43  ALA A HB1  1 
ATOM   119  H HB2  . ALA A 1 9   ? 7.155   5.355   -4.386  1.00 0.00  ?  43  ALA A HB2  1 
ATOM   120  H HB3  . ALA A 1 9   ? 7.531   5.110   -6.100  1.00 0.00  ?  43  ALA A HB3  1 
ATOM   121  N N    . MET A 1 10  ? 4.097   5.080   -4.576  1.00 0.00  ?  44  MET A N    1 
ATOM   122  C CA   . MET A 1 10  ? 3.087   6.140   -4.600  1.00 0.00  ?  44  MET A CA   1 
ATOM   123  C C    . MET A 1 10  ? 3.645   7.484   -5.104  1.00 0.00  ?  44  MET A C    1 
ATOM   124  O O    . MET A 1 10  ? 4.561   8.055   -4.514  1.00 0.00  ?  44  MET A O    1 
ATOM   125  C CB   . MET A 1 10  ? 2.469   6.286   -3.198  1.00 0.00  ?  44  MET A CB   1 
ATOM   126  C CG   . MET A 1 10  ? 3.497   6.431   -2.063  1.00 0.00  ?  44  MET A CG   1 
ATOM   127  S SD   . MET A 1 10  ? 3.350   7.881   -0.999  1.00 0.00  ?  44  MET A SD   1 
ATOM   128  C CE   . MET A 1 10  ? 4.953   8.688   -1.232  1.00 0.00  ?  44  MET A CE   1 
ATOM   129  H H    . MET A 1 10  ? 4.343   4.688   -3.674  1.00 0.00  ?  44  MET A H    1 
ATOM   130  H HA   . MET A 1 10  ? 2.296   5.830   -5.284  1.00 0.00  ?  44  MET A HA   1 
ATOM   131  H HB2  . MET A 1 10  ? 1.783   7.132   -3.193  1.00 0.00  ?  44  MET A HB2  1 
ATOM   132  H HB3  . MET A 1 10  ? 1.884   5.392   -2.995  1.00 0.00  ?  44  MET A HB3  1 
ATOM   133  H HG2  . MET A 1 10  ? 3.381   5.561   -1.418  1.00 0.00  ?  44  MET A HG2  1 
ATOM   134  H HG3  . MET A 1 10  ? 4.509   6.409   -2.465  1.00 0.00  ?  44  MET A HG3  1 
ATOM   135  H HE1  . MET A 1 10  ? 5.013   9.553   -0.572  1.00 0.00  ?  44  MET A HE1  1 
ATOM   136  H HE2  . MET A 1 10  ? 5.053   9.014   -2.265  1.00 0.00  ?  44  MET A HE2  1 
ATOM   137  H HE3  . MET A 1 10  ? 5.761   7.996   -0.994  1.00 0.00  ?  44  MET A HE3  1 
ATOM   138  N N    . SER A 1 11  ? 2.959   8.093   -6.075  1.00 0.00  ?  45  SER A N    1 
ATOM   139  C CA   . SER A 1 11  ? 3.276   9.424   -6.619  1.00 0.00  ?  45  SER A CA   1 
ATOM   140  C C    . SER A 1 11  ? 2.866   10.583  -5.683  1.00 0.00  ?  45  SER A C    1 
ATOM   141  O O    . SER A 1 11  ? 1.981   11.366  -6.014  1.00 0.00  ?  45  SER A O    1 
ATOM   142  C CB   . SER A 1 11  ? 2.665   9.569   -8.020  1.00 0.00  ?  45  SER A CB   1 
ATOM   143  O OG   . SER A 1 11  ? 3.052   10.803  -8.584  1.00 0.00  ?  45  SER A OG   1 
ATOM   144  H H    . SER A 1 11  ? 2.230   7.563   -6.530  1.00 0.00  ?  45  SER A H    1 
ATOM   145  H HA   . SER A 1 11  ? 4.358   9.486   -6.743  1.00 0.00  ?  45  SER A HA   1 
ATOM   146  H HB2  . SER A 1 11  ? 3.028   8.761   -8.655  1.00 0.00  ?  45  SER A HB2  1 
ATOM   147  H HB3  . SER A 1 11  ? 1.577   9.516   -7.962  1.00 0.00  ?  45  SER A HB3  1 
ATOM   148  H HG   . SER A 1 11  ? 2.539   11.493  -8.140  1.00 0.00  ?  45  SER A HG   1 
ATOM   149  N N    . ARG A 1 12  ? 3.469   10.652  -4.484  1.00 0.00  ?  46  ARG A N    1 
ATOM   150  C CA   . ARG A 1 12  ? 3.258   11.669  -3.422  1.00 0.00  ?  46  ARG A CA   1 
ATOM   151  C C    . ARG A 1 12  ? 1.785   12.151  -3.281  1.00 0.00  ?  46  ARG A C    1 
ATOM   152  O O    . ARG A 1 12  ? 1.499   13.318  -3.527  1.00 0.00  ?  46  ARG A O    1 
ATOM   153  C CB   . ARG A 1 12  ? 4.262   12.819  -3.627  1.00 0.00  ?  46  ARG A CB   1 
ATOM   154  C CG   . ARG A 1 12  ? 4.374   13.728  -2.388  1.00 0.00  ?  46  ARG A CG   1 
ATOM   155  C CD   . ARG A 1 12  ? 5.223   14.972  -2.674  1.00 0.00  ?  46  ARG A CD   1 
ATOM   156  N NE   . ARG A 1 12  ? 6.656   14.647  -2.828  1.00 0.00  ?  46  ARG A NE   1 
ATOM   157  C CZ   . ARG A 1 12  ? 7.583   15.428  -3.355  1.00 0.00  ?  46  ARG A CZ   1 
ATOM   158  N NH1  . ARG A 1 12  ? 7.301   16.597  -3.858  1.00 0.00  ?  46  ARG A NH1  1 
ATOM   159  N NH2  . ARG A 1 12  ? 8.829   15.046  -3.377  1.00 0.00  1  46  ARG A NH2  1 
ATOM   160  H H    . ARG A 1 12  ? 4.129   9.901   -4.299  1.00 0.00  ?  46  ARG A H    1 
ATOM   161  H HA   . ARG A 1 12  ? 3.514   11.196  -2.476  1.00 0.00  ?  46  ARG A HA   1 
ATOM   162  H HB2  . ARG A 1 12  ? 5.246   12.398  -3.838  1.00 0.00  ?  46  ARG A HB2  1 
ATOM   163  H HB3  . ARG A 1 12  ? 3.955   13.409  -4.494  1.00 0.00  ?  46  ARG A HB3  1 
ATOM   164  H HG2  . ARG A 1 12  ? 3.386   14.070  -2.083  1.00 0.00  ?  46  ARG A HG2  1 
ATOM   165  H HG3  . ARG A 1 12  ? 4.806   13.168  -1.558  1.00 0.00  ?  46  ARG A HG3  1 
ATOM   166  H HD2  . ARG A 1 12  ? 4.839   15.449  -3.578  1.00 0.00  ?  46  ARG A HD2  1 
ATOM   167  H HD3  . ARG A 1 12  ? 5.101   15.668  -1.841  1.00 0.00  ?  46  ARG A HD3  1 
ATOM   168  H HE   . ARG A 1 12  ? 6.956   13.754  -2.476  1.00 0.00  ?  46  ARG A HE   1 
ATOM   169  H HH11 . ARG A 1 12  ? 6.341   16.898  -3.873  1.00 0.00  ?  46  ARG A HH11 1 
ATOM   170  H HH12 . ARG A 1 12  ? 8.012   17.169  -4.274  1.00 0.00  ?  46  ARG A HH12 1 
ATOM   171  H HH21 . ARG A 1 12  ? 9.094   14.154  -3.000  1.00 0.00  ?  46  ARG A HH21 1 
ATOM   172  H HH22 . ARG A 1 12  ? 9.530   15.645  -3.774  1.00 0.00  ?  46  ARG A HH22 1 
ATOM   173  N N    . PRO A 1 13  ? 0.879   11.293  -2.768  1.00 0.00  ?  47  PRO A N    1 
ATOM   174  C CA   . PRO A 1 13  ? -0.582  11.440  -2.768  1.00 0.00  ?  47  PRO A CA   1 
ATOM   175  C C    . PRO A 1 13  ? -1.217  12.800  -2.458  1.00 0.00  ?  47  PRO A C    1 
ATOM   176  O O    . PRO A 1 13  ? -2.314  13.040  -2.944  1.00 0.00  ?  47  PRO A O    1 
ATOM   177  C CB   . PRO A 1 13  ? -1.072  10.403  -1.752  1.00 0.00  ?  47  PRO A CB   1 
ATOM   178  C CG   . PRO A 1 13  ? -0.091  9.265   -1.964  1.00 0.00  ?  47  PRO A CG   1 
ATOM   179  C CD   . PRO A 1 13  ? 1.221   9.990   -2.231  1.00 0.00  ?  47  PRO A CD   1 
ATOM   180  H HA   . PRO A 1 13  ? -0.938  11.144  -3.756  1.00 0.00  ?  47  PRO A HA   1 
ATOM   181  H HB2  . PRO A 1 13  ? -0.971  10.787  -0.734  1.00 0.00  ?  47  PRO A HB2  1 
ATOM   182  H HB3  . PRO A 1 13  ? -2.095  10.089  -1.946  1.00 0.00  ?  47  PRO A HB3  1 
ATOM   183  H HG2  . PRO A 1 13  ? -0.022  8.617   -1.097  1.00 0.00  ?  47  PRO A HG2  1 
ATOM   184  H HG3  . PRO A 1 13  ? -0.378  8.699   -2.846  1.00 0.00  ?  47  PRO A HG3  1 
ATOM   185  H HD2  . PRO A 1 13  ? 1.764   10.138  -1.298  1.00 0.00  ?  47  PRO A HD2  1 
ATOM   186  H HD3  . PRO A 1 13  ? 1.819   9.408   -2.929  1.00 0.00  ?  47  PRO A HD3  1 
ATOM   187  N N    . MET A 1 14  ? -0.686  13.554  -1.487  1.00 0.00  ?  48  MET A N    1 
ATOM   188  C CA   . MET A 1 14  ? -1.365  14.709  -0.864  1.00 0.00  ?  48  MET A CA   1 
ATOM   189  C C    . MET A 1 14  ? -2.809  14.401  -0.376  1.00 0.00  ?  48  MET A C    1 
ATOM   190  O O    . MET A 1 14  ? -3.708  15.233  -0.455  1.00 0.00  ?  48  MET A O    1 
ATOM   191  C CB   . MET A 1 14  ? -1.215  15.928  -1.790  1.00 0.00  ?  48  MET A CB   1 
ATOM   192  C CG   . MET A 1 14  ? -1.469  17.264  -1.083  1.00 0.00  ?  48  MET A CG   1 
ATOM   193  S SD   . MET A 1 14  ? -0.926  18.698  -2.049  1.00 0.00  ?  48  MET A SD   1 
ATOM   194  C CE   . MET A 1 14  ? -2.018  19.960  -1.343  1.00 0.00  ?  48  MET A CE   1 
ATOM   195  H H    . MET A 1 14  ? 0.232   13.314  -1.155  1.00 0.00  ?  48  MET A H    1 
ATOM   196  H HA   . MET A 1 14  ? -0.806  14.953  0.031   1.00 0.00  ?  48  MET A HA   1 
ATOM   197  H HB2  . MET A 1 14  ? -0.190  15.947  -2.165  1.00 0.00  ?  48  MET A HB2  1 
ATOM   198  H HB3  . MET A 1 14  ? -1.890  15.833  -2.641  1.00 0.00  ?  48  MET A HB3  1 
ATOM   199  H HG2  . MET A 1 14  ? -2.536  17.362  -0.883  1.00 0.00  ?  48  MET A HG2  1 
ATOM   200  H HG3  . MET A 1 14  ? -0.940  17.278  -0.130  1.00 0.00  ?  48  MET A HG3  1 
ATOM   201  H HE1  . MET A 1 14  ? -1.899  19.987  -0.260  1.00 0.00  ?  48  MET A HE1  1 
ATOM   202  H HE2  . MET A 1 14  ? -3.054  19.719  -1.587  1.00 0.00  ?  48  MET A HE2  1 
ATOM   203  H HE3  . MET A 1 14  ? -1.768  20.935  -1.763  1.00 0.00  ?  48  MET A HE3  1 
ATOM   204  N N    . MET A 1 15  ? -3.048  13.144  0.028   1.00 0.00  ?  49  MET A N    1 
ATOM   205  C CA   . MET A 1 15  ? -4.355  12.619  0.456   1.00 0.00  ?  49  MET A CA   1 
ATOM   206  C C    . MET A 1 15  ? -4.641  12.940  1.925   1.00 0.00  ?  49  MET A C    1 
ATOM   207  O O    . MET A 1 15  ? -4.183  13.958  2.408   1.00 0.00  ?  49  MET A O    1 
ATOM   208  C CB   . MET A 1 15  ? -4.438  11.118  0.123   1.00 0.00  ?  49  MET A CB   1 
ATOM   209  C CG   . MET A 1 15  ? -4.734  10.953  -1.367  1.00 0.00  ?  49  MET A CG   1 
ATOM   210  S SD   . MET A 1 15  ? -6.401  11.489  -1.840  1.00 0.00  ?  49  MET A SD   1 
ATOM   211  C CE   . MET A 1 15  ? -6.120  11.702  -3.617  1.00 0.00  ?  49  MET A CE   1 
ATOM   212  H H    . MET A 1 15  ? -2.254  12.535  0.095   1.00 0.00  ?  49  MET A H    1 
ATOM   213  H HA   . MET A 1 15  ? -5.129  13.145  -0.104  1.00 0.00  ?  49  MET A HA   1 
ATOM   214  H HB2  . MET A 1 15  ? -3.501  10.624  0.382   1.00 0.00  ?  49  MET A HB2  1 
ATOM   215  H HB3  . MET A 1 15  ? -5.246  10.631  0.668   1.00 0.00  ?  49  MET A HB3  1 
ATOM   216  H HG2  . MET A 1 15  ? -4.008  11.532  -1.934  1.00 0.00  ?  49  MET A HG2  1 
ATOM   217  H HG3  . MET A 1 15  ? -4.621  9.903   -1.638  1.00 0.00  ?  49  MET A HG3  1 
ATOM   218  H HE1  . MET A 1 15  ? -5.658  10.804  -4.026  1.00 0.00  ?  49  MET A HE1  1 
ATOM   219  H HE2  . MET A 1 15  ? -5.459  12.555  -3.784  1.00 0.00  ?  49  MET A HE2  1 
ATOM   220  H HE3  . MET A 1 15  ? -7.071  11.879  -4.120  1.00 0.00  ?  49  MET A HE3  1 
ATOM   221  N N    . HIS A 1 16  ? -5.588  12.259  2.577   1.00 0.00  ?  50  HIS A N    1 
ATOM   222  C CA   . HIS A 1 16  ? -6.068  12.645  3.908   1.00 0.00  ?  50  HIS A CA   1 
ATOM   223  C C    . HIS A 1 16  ? -6.662  11.468  4.673   1.00 0.00  ?  50  HIS A C    1 
ATOM   224  O O    . HIS A 1 16  ? -7.171  10.541  4.046   1.00 0.00  ?  50  HIS A O    1 
ATOM   225  C CB   . HIS A 1 16  ? -7.113  13.755  3.731   1.00 0.00  ?  50  HIS A CB   1 
ATOM   226  C CG   . HIS A 1 16  ? -8.414  13.326  3.117   1.00 0.00  ?  50  HIS A CG   1 
ATOM   227  N ND1  . HIS A 1 16  ? -8.637  13.151  1.766   1.00 0.00  ?  50  HIS A ND1  1 
ATOM   228  C CD2  . HIS A 1 16  ? -9.568  13.030  3.786   1.00 0.00  ?  50  HIS A CD2  1 
ATOM   229  C CE1  . HIS A 1 16  ? -9.905  12.719  1.612   1.00 0.00  ?  50  HIS A CE1  1 
ATOM   230  N NE2  . HIS A 1 16  ? -10.490 12.646  2.829   1.00 0.00  ?  50  HIS A NE2  1 
ATOM   231  H H    . HIS A 1 16  ? -6.000  11.437  2.156   1.00 0.00  ?  50  HIS A H    1 
ATOM   232  H HA   . HIS A 1 16  ? -5.231  13.042  4.490   1.00 0.00  ?  50  HIS A HA   1 
ATOM   233  H HB2  . HIS A 1 16  ? -7.313  14.205  4.698   1.00 0.00  ?  50  HIS A HB2  1 
ATOM   234  H HB3  . HIS A 1 16  ? -6.690  14.508  3.074   1.00 0.00  ?  50  HIS A HB3  1 
ATOM   235  H HD1  . HIS A 1 16  ? -7.962  13.335  1.032   1.00 0.00  ?  50  HIS A HD1  1 
ATOM   236  H HD2  . HIS A 1 16  ? -9.721  13.071  4.861   1.00 0.00  ?  50  HIS A HD2  1 
ATOM   237  H HE1  . HIS A 1 16  ? -10.369 12.464  0.663   1.00 0.00  ?  50  HIS A HE1  1 
ATOM   238  H HE2  . HIS A 1 16  ? -11.438 12.335  3.022   1.00 0.00  ?  50  HIS A HE2  1 
ATOM   239  N N    . PHE A 1 17  ? -6.883  11.693  5.966   1.00 0.00  ?  51  PHE A N    1 
ATOM   240  C CA   . PHE A 1 17  ? -7.498  10.718  6.873   1.00 0.00  ?  51  PHE A CA   1 
ATOM   241  C C    . PHE A 1 17  ? -8.806  11.256  7.476   1.00 0.00  ?  51  PHE A C    1 
ATOM   242  O O    . PHE A 1 17  ? -9.837  10.606  7.348   1.00 0.00  ?  51  PHE A O    1 
ATOM   243  C CB   . PHE A 1 17  ? -6.476  10.349  7.965   1.00 0.00  ?  51  PHE A CB   1 
ATOM   244  C CG   . PHE A 1 17  ? -5.103  10.003  7.414   1.00 0.00  ?  51  PHE A CG   1 
ATOM   245  C CD1  . PHE A 1 17  ? -4.149  11.017  7.192   1.00 0.00  ?  51  PHE A CD1  1 
ATOM   246  C CD2  . PHE A 1 17  ? -4.789  8.673   7.088   1.00 0.00  ?  51  PHE A CD2  1 
ATOM   247  C CE1  . PHE A 1 17  ? -2.901  10.704  6.627   1.00 0.00  ?  51  PHE A CE1  1 
ATOM   248  C CE2  . PHE A 1 17  ? -3.544  8.365   6.517   1.00 0.00  ?  51  PHE A CE2  1 
ATOM   249  C CZ   . PHE A 1 17  ? -2.599  9.375   6.289   1.00 0.00  ?  51  PHE A CZ   1 
ATOM   250  H H    . PHE A 1 17  ? -6.400  12.470  6.386   1.00 0.00  ?  51  PHE A H    1 
ATOM   251  H HA   . PHE A 1 17  ? -7.745  9.806   6.329   1.00 0.00  ?  51  PHE A HA   1 
ATOM   252  H HB2  . PHE A 1 17  ? -6.367  11.180  8.663   1.00 0.00  ?  51  PHE A HB2  1 
ATOM   253  H HB3  . PHE A 1 17  ? -6.858  9.498   8.531   1.00 0.00  ?  51  PHE A HB3  1 
ATOM   254  H HD1  . PHE A 1 17  ? -4.359  12.033  7.491   1.00 0.00  ?  51  PHE A HD1  1 
ATOM   255  H HD2  . PHE A 1 17  ? -5.485  7.882   7.321   1.00 0.00  ?  51  PHE A HD2  1 
ATOM   256  H HE1  . PHE A 1 17  ? -2.154  11.476  6.512   1.00 0.00  ?  51  PHE A HE1  1 
ATOM   257  H HE2  . PHE A 1 17  ? -3.293  7.342   6.298   1.00 0.00  ?  51  PHE A HE2  1 
ATOM   258  H HZ   . PHE A 1 17  ? -1.625  9.111   5.905   1.00 0.00  ?  51  PHE A HZ   1 
ATOM   259  N N    . GLY A 1 18  ? -8.825  12.554  7.807   1.00 0.00  ?  52  GLY A N    1 
ATOM   260  C CA   . GLY A 1 18  ? -9.874  13.158  8.646   1.00 0.00  ?  52  GLY A CA   1 
ATOM   261  C C    . GLY A 1 18  ? -9.476  13.232  10.128  1.00 0.00  ?  52  GLY A C    1 
ATOM   262  O O    . GLY A 1 18  ? -10.277 13.641  10.958  1.00 0.00  ?  52  GLY A O    1 
ATOM   263  H H    . GLY A 1 18  ? -7.956  13.059  7.757   1.00 0.00  ?  52  GLY A H    1 
ATOM   264  H HA2  . GLY A 1 18  ? -10.060 14.177  8.307   1.00 0.00  ?  52  GLY A HA2  1 
ATOM   265  H HA3  . GLY A 1 18  ? -10.801 12.590  8.571   1.00 0.00  ?  52  GLY A HA3  1 
ATOM   266  N N    . ASN A 1 19  ? -8.216  12.895  10.425  1.00 0.00  ?  53  ASN A N    1 
ATOM   267  C CA   . ASN A 1 19  ? -7.622  12.814  11.749  1.00 0.00  ?  53  ASN A CA   1 
ATOM   268  C C    . ASN A 1 19  ? -6.263  13.525  11.677  1.00 0.00  ?  53  ASN A C    1 
ATOM   269  O O    . ASN A 1 19  ? -5.345  13.028  11.024  1.00 0.00  ?  53  ASN A O    1 
ATOM   270  C CB   . ASN A 1 19  ? -7.455  11.325  12.134  1.00 0.00  ?  53  ASN A CB   1 
ATOM   271  C CG   . ASN A 1 19  ? -8.761  10.557  12.276  1.00 0.00  ?  53  ASN A CG   1 
ATOM   272  O OD1  . ASN A 1 19  ? -9.545  10.413  11.352  1.00 0.00  ?  53  ASN A OD1  1 
ATOM   273  N ND2  . ASN A 1 19  ? -8.998  9.947   13.412  1.00 0.00  ?  53  ASN A ND2  1 
ATOM   274  H H    . ASN A 1 19  ? -7.640  12.549  9.681   1.00 0.00  ?  53  ASN A H    1 
ATOM   275  H HA   . ASN A 1 19  ? -8.255  13.320  12.483  1.00 0.00  ?  53  ASN A HA   1 
ATOM   276  H HB2  . ASN A 1 19  ? -6.857  10.811  11.383  1.00 0.00  ?  53  ASN A HB2  1 
ATOM   277  H HB3  . ASN A 1 19  ? -6.909  11.269  13.076  1.00 0.00  ?  53  ASN A HB3  1 
ATOM   278  H HD21 . ASN A 1 19  ? -8.252  9.851   14.075  1.00 0.00  ?  53  ASN A HD21 1 
ATOM   279  H HD22 . ASN A 1 19  ? -9.810  9.362   13.418  1.00 0.00  ?  53  ASN A HD22 1 
ATOM   280  N N    . ASP A 1 20  ? -6.169  14.744  12.202  1.00 0.00  ?  54  ASP A N    1 
ATOM   281  C CA   . ASP A 1 20  ? -5.022  15.647  12.002  1.00 0.00  ?  54  ASP A CA   1 
ATOM   282  C C    . ASP A 1 20  ? -3.701  15.079  12.553  1.00 0.00  ?  54  ASP A C    1 
ATOM   283  O O    . ASP A 1 20  ? -2.648  15.177  11.927  1.00 0.00  ?  54  ASP A O    1 
ATOM   284  C CB   . ASP A 1 20  ? -5.344  17.008  12.636  1.00 0.00  ?  54  ASP A CB   1 
ATOM   285  C CG   . ASP A 1 20  ? -6.714  17.519  12.176  1.00 0.00  ?  54  ASP A CG   1 
ATOM   286  O OD1  . ASP A 1 20  ? -6.778  18.002  11.024  1.00 0.00  ?  54  ASP A OD1  1 
ATOM   287  O OD2  . ASP A 1 20  ? -7.692  17.018  12.777  1.00 0.00  -1 54  ASP A OD2  1 
ATOM   288  H H    . ASP A 1 20  ? -7.016  15.197  12.551  1.00 0.00  ?  54  ASP A H    1 
ATOM   289  H HA   . ASP A 1 20  ? -4.900  15.825  10.936  1.00 0.00  ?  54  ASP A HA   1 
ATOM   290  H HB2  . ASP A 1 20  ? -5.342  16.907  13.724  1.00 0.00  ?  54  ASP A HB2  1 
ATOM   291  H HB3  . ASP A 1 20  ? -4.571  17.726  12.360  1.00 0.00  ?  54  ASP A HB3  1 
ATOM   292  N N    . TRP A 1 21  ? -3.788  14.262  13.607  1.00 0.00  ?  55  TRP A N    1 
ATOM   293  C CA   . TRP A 1 21  ? -2.648  13.491  14.114  1.00 0.00  ?  55  TRP A CA   1 
ATOM   294  C C    . TRP A 1 21  ? -2.089  12.481  13.089  1.00 0.00  ?  55  TRP A C    1 
ATOM   295  O O    . TRP A 1 21  ? -0.878  12.285  13.037  1.00 0.00  ?  55  TRP A O    1 
ATOM   296  C CB   . TRP A 1 21  ? -3.036  12.813  15.437  1.00 0.00  ?  55  TRP A CB   1 
ATOM   297  C CG   . TRP A 1 21  ? -1.882  12.520  16.347  1.00 0.00  ?  55  TRP A CG   1 
ATOM   298  C CD1  . TRP A 1 21  ? -1.124  11.400  16.326  1.00 0.00  ?  55  TRP A CD1  1 
ATOM   299  C CD2  . TRP A 1 21  ? -1.309  13.369  17.390  1.00 0.00  ?  55  TRP A CD2  1 
ATOM   300  N NE1  . TRP A 1 21  ? -0.131  11.494  17.283  1.00 0.00  ?  55  TRP A NE1  1 
ATOM   301  C CE2  . TRP A 1 21  ? -0.192  12.691  17.964  1.00 0.00  ?  55  TRP A CE2  1 
ATOM   302  C CE3  . TRP A 1 21  ? -1.609  14.653  17.902  1.00 0.00  ?  55  TRP A CE3  1 
ATOM   303  C CZ2  . TRP A 1 21  ? 0.586   13.252  18.989  1.00 0.00  ?  55  TRP A CZ2  1 
ATOM   304  C CZ3  . TRP A 1 21  ? -0.834  15.227  18.930  1.00 0.00  ?  55  TRP A CZ3  1 
ATOM   305  C CH2  . TRP A 1 21  ? 0.260   14.531  19.473  1.00 0.00  ?  55  TRP A CH2  1 
ATOM   306  H H    . TRP A 1 21  ? -4.688  14.161  14.049  1.00 0.00  ?  55  TRP A H    1 
ATOM   307  H HA   . TRP A 1 21  ? -1.842  14.194  14.326  1.00 0.00  ?  55  TRP A HA   1 
ATOM   308  H HB2  . TRP A 1 21  ? -3.712  13.471  15.986  1.00 0.00  ?  55  TRP A HB2  1 
ATOM   309  H HB3  . TRP A 1 21  ? -3.579  11.889  15.228  1.00 0.00  ?  55  TRP A HB3  1 
ATOM   310  H HD1  . TRP A 1 21  ? -1.263  10.571  15.641  1.00 0.00  ?  55  TRP A HD1  1 
ATOM   311  H HE1  . TRP A 1 21  ? 0.573   10.783  17.420  1.00 0.00  ?  55  TRP A HE1  1 
ATOM   312  H HE3  . TRP A 1 21  ? -2.445  15.198  17.491  1.00 0.00  ?  55  TRP A HE3  1 
ATOM   313  H HZ2  . TRP A 1 21  ? 1.425   12.708  19.395  1.00 0.00  ?  55  TRP A HZ2  1 
ATOM   314  H HZ3  . TRP A 1 21  ? -1.084  16.211  19.305  1.00 0.00  ?  55  TRP A HZ3  1 
ATOM   315  H HH2  . TRP A 1 21  ? 0.850   14.979  20.261  1.00 0.00  ?  55  TRP A HH2  1 
ATOM   316  N N    . GLU A 1 22  ? -2.923  11.949  12.186  1.00 0.00  ?  56  GLU A N    1 
ATOM   317  C CA   . GLU A 1 22  ? -2.512  11.036  11.102  1.00 0.00  ?  56  GLU A CA   1 
ATOM   318  C C    . GLU A 1 22  ? -2.062  11.785  9.835   1.00 0.00  ?  56  GLU A C    1 
ATOM   319  O O    . GLU A 1 22  ? -1.081  11.380  9.211   1.00 0.00  ?  56  GLU A O    1 
ATOM   320  C CB   . GLU A 1 22  ? -3.654  10.066  10.731  1.00 0.00  ?  56  GLU A CB   1 
ATOM   321  C CG   . GLU A 1 22  ? -4.134  9.194   11.906  1.00 0.00  ?  56  GLU A CG   1 
ATOM   322  C CD   . GLU A 1 22  ? -5.274  8.220   11.539  1.00 0.00  ?  56  GLU A CD   1 
ATOM   323  O OE1  . GLU A 1 22  ? -5.404  7.838   10.352  1.00 0.00  ?  56  GLU A OE1  1 
ATOM   324  O OE2  . GLU A 1 22  ? -6.033  7.849   12.467  1.00 0.00  -1 56  GLU A OE2  1 
ATOM   325  H H    . GLU A 1 22  ? -3.877  12.285  12.164  1.00 0.00  ?  56  GLU A H    1 
ATOM   326  H HA   . GLU A 1 22  ? -1.661  10.441  11.438  1.00 0.00  ?  56  GLU A HA   1 
ATOM   327  H HB2  . GLU A 1 22  ? -4.496  10.635  10.342  1.00 0.00  ?  56  GLU A HB2  1 
ATOM   328  H HB3  . GLU A 1 22  ? -3.290  9.411   9.938   1.00 0.00  ?  56  GLU A HB3  1 
ATOM   329  H HG2  . GLU A 1 22  ? -3.284  8.627   12.292  1.00 0.00  ?  56  GLU A HG2  1 
ATOM   330  H HG3  . GLU A 1 22  ? -4.486  9.853   12.705  1.00 0.00  ?  56  GLU A HG3  1 
ATOM   331  N N    . ASP A 1 23  ? -2.651  12.954  9.542   1.00 0.00  ?  57  ASP A N    1 
ATOM   332  C CA   . ASP A 1 23  ? -2.122  13.920  8.562   1.00 0.00  ?  57  ASP A CA   1 
ATOM   333  C C    . ASP A 1 23  ? -0.655  14.233  8.843   1.00 0.00  ?  57  ASP A C    1 
ATOM   334  O O    . ASP A 1 23  ? 0.233   13.989  8.013   1.00 0.00  ?  57  ASP A O    1 
ATOM   335  C CB   . ASP A 1 23  ? -2.971  15.211  8.579   1.00 0.00  ?  57  ASP A CB   1 
ATOM   336  C CG   . ASP A 1 23  ? -2.156  16.532  8.666   1.00 0.00  ?  57  ASP A CG   1 
ATOM   337  O OD1  . ASP A 1 23  ? -1.303  16.778  7.782   1.00 0.00  -1 57  ASP A OD1  1 
ATOM   338  O OD2  . ASP A 1 23  ? -2.277  17.236  9.686   1.00 0.00  ?  57  ASP A OD2  1 
ATOM   339  H H    . ASP A 1 23  ? -3.393  13.268  10.161  1.00 0.00  ?  57  ASP A H    1 
ATOM   340  H HA   . ASP A 1 23  ? -2.170  13.484  7.566   1.00 0.00  ?  57  ASP A HA   1 
ATOM   341  H HB2  . ASP A 1 23  ? -3.597  15.203  7.693   1.00 0.00  ?  57  ASP A HB2  1 
ATOM   342  H HB3  . ASP A 1 23  ? -3.674  15.168  9.406   1.00 0.00  ?  57  ASP A HB3  1 
ATOM   343  N N    . ARG A 1 24  ? -0.411  14.663  10.083  1.00 0.00  ?  58  ARG A N    1 
ATOM   344  C CA   . ARG A 1 24  ? 0.911   15.050  10.523  1.00 0.00  ?  58  ARG A CA   1 
ATOM   345  C C    . ARG A 1 24  ? 1.847   13.857  10.466  1.00 0.00  ?  58  ARG A C    1 
ATOM   346  O O    . ARG A 1 24  ? 2.910   13.978  9.859   1.00 0.00  ?  58  ARG A O    1 
ATOM   347  C CB   . ARG A 1 24  ? 0.825   15.638  11.930  1.00 0.00  ?  58  ARG A CB   1 
ATOM   348  C CG   . ARG A 1 24  ? 2.199   16.204  12.290  1.00 0.00  ?  58  ARG A CG   1 
ATOM   349  C CD   . ARG A 1 24  ? 2.313   16.534  13.771  1.00 0.00  ?  58  ARG A CD   1 
ATOM   350  N NE   . ARG A 1 24  ? 3.696   16.942  14.048  1.00 0.00  ?  58  ARG A NE   1 
ATOM   351  C CZ   . ARG A 1 24  ? 4.223   18.135  13.877  1.00 0.00  ?  58  ARG A CZ   1 
ATOM   352  N NH1  . ARG A 1 24  ? 3.491   19.174  13.577  1.00 0.00  ?  58  ARG A NH1  1 
ATOM   353  N NH2  . ARG A 1 24  ? 5.505   18.301  13.946  1.00 0.00  1  58  ARG A NH2  1 
ATOM   354  H H    . ARG A 1 24  ? -1.216  14.900  10.667  1.00 0.00  ?  58  ARG A H    1 
ATOM   355  H HA   . ARG A 1 24  ? 1.283   15.802  9.828   1.00 0.00  ?  58  ARG A HA   1 
ATOM   356  H HB2  . ARG A 1 24  ? 0.080   16.438  11.954  1.00 0.00  ?  58  ARG A HB2  1 
ATOM   357  H HB3  . ARG A 1 24  ? 0.533   14.859  12.638  1.00 0.00  ?  58  ARG A HB3  1 
ATOM   358  H HG2  . ARG A 1 24  ? 2.978   15.476  12.064  1.00 0.00  ?  58  ARG A HG2  1 
ATOM   359  H HG3  . ARG A 1 24  ? 2.381   17.098  11.692  1.00 0.00  ?  58  ARG A HG3  1 
ATOM   360  H HD2  . ARG A 1 24  ? 1.596   17.308  14.043  1.00 0.00  ?  58  ARG A HD2  1 
ATOM   361  H HD3  . ARG A 1 24  ? 2.092   15.632  14.347  1.00 0.00  ?  58  ARG A HD3  1 
ATOM   362  H HE   . ARG A 1 24  ? 4.365   16.165  14.117  1.00 0.00  ?  58  ARG A HE   1 
ATOM   363  H HH11 . ARG A 1 24  ? 2.498   19.034  13.525  1.00 0.00  ?  58  ARG A HH11 1 
ATOM   364  H HH12 . ARG A 1 24  ? 3.907   20.077  13.504  1.00 0.00  ?  58  ARG A HH12 1 
ATOM   365  H HH21 . ARG A 1 24  ? 6.069   17.436  13.953  1.00 0.00  ?  58  ARG A HH21 1 
ATOM   366  H HH22 . ARG A 1 24  ? 5.951   19.160  13.719  1.00 0.00  ?  58  ARG A HH22 1 
ATOM   367  N N    . TYR A 1 25  ? 1.439   12.709  11.013  1.00 0.00  ?  59  TYR A N    1 
ATOM   368  C CA   . TYR A 1 25  ? 2.304   11.532  11.031  1.00 0.00  ?  59  TYR A CA   1 
ATOM   369  C C    . TYR A 1 25  ? 2.651   11.012  9.637   1.00 0.00  ?  59  TYR A C    1 
ATOM   370  O O    . TYR A 1 25  ? 3.793   10.600  9.437   1.00 0.00  ?  59  TYR A O    1 
ATOM   371  C CB   . TYR A 1 25  ? 1.757   10.418  11.934  1.00 0.00  ?  59  TYR A CB   1 
ATOM   372  C CG   . TYR A 1 25  ? 2.740   10.053  13.026  1.00 0.00  ?  59  TYR A CG   1 
ATOM   373  C CD1  . TYR A 1 25  ? 3.187   11.051  13.918  1.00 0.00  ?  59  TYR A CD1  1 
ATOM   374  C CD2  . TYR A 1 25  ? 3.278   8.754   13.097  1.00 0.00  ?  59  TYR A CD2  1 
ATOM   375  C CE1  . TYR A 1 25  ? 4.192   10.759  14.857  1.00 0.00  ?  59  TYR A CE1  1 
ATOM   376  C CE2  . TYR A 1 25  ? 4.264   8.454   14.054  1.00 0.00  ?  59  TYR A CE2  1 
ATOM   377  C CZ   . TYR A 1 25  ? 4.732   9.458   14.927  1.00 0.00  ?  59  TYR A CZ   1 
ATOM   378  O OH   . TYR A 1 25  ? 5.732   9.179   15.799  1.00 0.00  ?  59  TYR A OH   1 
ATOM   379  H H    . TYR A 1 25  ? 0.537   12.674  11.477  1.00 0.00  ?  59  TYR A H    1 
ATOM   380  H HA   . TYR A 1 25  ? 3.252   11.865  11.452  1.00 0.00  ?  59  TYR A HA   1 
ATOM   381  H HB2  . TYR A 1 25  ? 0.829   10.721  12.405  1.00 0.00  ?  59  TYR A HB2  1 
ATOM   382  H HB3  . TYR A 1 25  ? 1.531   9.535   11.336  1.00 0.00  ?  59  TYR A HB3  1 
ATOM   383  H HD1  . TYR A 1 25  ? 2.792   12.058  13.850  1.00 0.00  ?  59  TYR A HD1  1 
ATOM   384  H HD2  . TYR A 1 25  ? 2.976   7.987   12.396  1.00 0.00  ?  59  TYR A HD2  1 
ATOM   385  H HE1  . TYR A 1 25  ? 4.572   11.533  15.508  1.00 0.00  ?  59  TYR A HE1  1 
ATOM   386  H HE2  . TYR A 1 25  ? 4.698   7.462   14.074  1.00 0.00  ?  59  TYR A HE2  1 
ATOM   387  H HH   . TYR A 1 25  ? 6.033   8.276   15.677  1.00 0.00  ?  59  TYR A HH   1 
ATOM   388  N N    . TYR A 1 26  ? 1.807   11.269  8.633   1.00 0.00  ?  60  TYR A N    1 
ATOM   389  C CA   . TYR A 1 26  ? 2.198   11.093  7.243   1.00 0.00  ?  60  TYR A CA   1 
ATOM   390  C C    . TYR A 1 26  ? 3.353   12.025  6.844   1.00 0.00  ?  60  TYR A C    1 
ATOM   391  O O    . TYR A 1 26  ? 4.438   11.549  6.495   1.00 0.00  ?  60  TYR A O    1 
ATOM   392  C CB   . TYR A 1 26  ? 0.977   11.222  6.317   1.00 0.00  ?  60  TYR A CB   1 
ATOM   393  C CG   . TYR A 1 26  ? 1.108   10.604  4.934   1.00 0.00  ?  60  TYR A CG   1 
ATOM   394  C CD1  . TYR A 1 26  ? 2.346   10.189  4.407   1.00 0.00  ?  60  TYR A CD1  1 
ATOM   395  C CD2  . TYR A 1 26  ? -0.043  10.465  4.145   1.00 0.00  ?  60  TYR A CD2  1 
ATOM   396  C CE1  . TYR A 1 26  ? 2.458   9.736   3.085   1.00 0.00  ?  60  TYR A CE1  1 
ATOM   397  C CE2  . TYR A 1 26  ? 0.048   9.999   2.824   1.00 0.00  ?  60  TYR A CE2  1 
ATOM   398  C CZ   . TYR A 1 26  ? 1.305   9.653   2.294   1.00 0.00  ?  60  TYR A CZ   1 
ATOM   399  O OH   . TYR A 1 26  ? 1.407   9.271   1.006   1.00 0.00  ?  60  TYR A OH   1 
ATOM   400  H H    . TYR A 1 26  ? 0.875   11.624  8.842   1.00 0.00  ?  60  TYR A H    1 
ATOM   401  H HA   . TYR A 1 26  ? 2.570   10.082  7.157   1.00 0.00  ?  60  TYR A HA   1 
ATOM   402  H HB2  . TYR A 1 26  ? 0.126   10.749  6.806   1.00 0.00  ?  60  TYR A HB2  1 
ATOM   403  H HB3  . TYR A 1 26  ? 0.731   12.277  6.189   1.00 0.00  ?  60  TYR A HB3  1 
ATOM   404  H HD1  . TYR A 1 26  ? 3.220   10.195  5.019   1.00 0.00  ?  60  TYR A HD1  1 
ATOM   405  H HD2  . TYR A 1 26  ? -0.997  10.780  4.537   1.00 0.00  ?  60  TYR A HD2  1 
ATOM   406  H HE1  . TYR A 1 26  ? 3.413   9.436   2.683   1.00 0.00  ?  60  TYR A HE1  1 
ATOM   407  H HE2  . TYR A 1 26  ? -0.840  9.942   2.218   1.00 0.00  ?  60  TYR A HE2  1 
ATOM   408  H HH   . TYR A 1 26  ? 0.541   9.075   0.651   1.00 0.00  ?  60  TYR A HH   1 
ATOM   409  N N    . ARG A 1 27  ? 3.186   13.347  6.958   1.00 0.00  ?  61  ARG A N    1 
ATOM   410  C CA   . ARG A 1 27  ? 4.244   14.308  6.592   1.00 0.00  ?  61  ARG A CA   1 
ATOM   411  C C    . ARG A 1 27  ? 5.522   14.193  7.441   1.00 0.00  ?  61  ARG A C    1 
ATOM   412  O O    . ARG A 1 27  ? 6.580   14.600  6.970   1.00 0.00  ?  61  ARG A O    1 
ATOM   413  C CB   . ARG A 1 27  ? 3.657   15.726  6.588   1.00 0.00  ?  61  ARG A CB   1 
ATOM   414  C CG   . ARG A 1 27  ? 4.653   16.759  6.033   1.00 0.00  ?  61  ARG A CG   1 
ATOM   415  C CD   . ARG A 1 27  ? 3.979   18.072  5.625   1.00 0.00  ?  61  ARG A CD   1 
ATOM   416  N NE   . ARG A 1 27  ? 3.309   18.730  6.762   1.00 0.00  ?  61  ARG A NE   1 
ATOM   417  C CZ   . ARG A 1 27  ? 2.960   20.001  6.843   1.00 0.00  ?  61  ARG A CZ   1 
ATOM   418  N NH1  . ARG A 1 27  ? 3.233   20.853  5.893   1.00 0.00  ?  61  ARG A NH1  1 
ATOM   419  N NH2  . ARG A 1 27  ? 2.326   20.444  7.890   1.00 0.00  1  61  ARG A NH2  1 
ATOM   420  H H    . ARG A 1 27  ? 2.307   13.685  7.349   1.00 0.00  ?  61  ARG A H    1 
ATOM   421  H HA   . ARG A 1 27  ? 4.564   14.068  5.579   1.00 0.00  ?  61  ARG A HA   1 
ATOM   422  H HB2  . ARG A 1 27  ? 2.764   15.725  5.960   1.00 0.00  ?  61  ARG A HB2  1 
ATOM   423  H HB3  . ARG A 1 27  ? 3.366   16.002  7.603   1.00 0.00  ?  61  ARG A HB3  1 
ATOM   424  H HG2  . ARG A 1 27  ? 5.419   16.969  6.780   1.00 0.00  ?  61  ARG A HG2  1 
ATOM   425  H HG3  . ARG A 1 27  ? 5.142   16.345  5.148   1.00 0.00  ?  61  ARG A HG3  1 
ATOM   426  H HD2  . ARG A 1 27  ? 4.749   18.725  5.211   1.00 0.00  ?  61  ARG A HD2  1 
ATOM   427  H HD3  . ARG A 1 27  ? 3.242   17.861  4.846   1.00 0.00  ?  61  ARG A HD3  1 
ATOM   428  H HE   . ARG A 1 27  ? 3.024   18.132  7.523   1.00 0.00  ?  61  ARG A HE   1 
ATOM   429  H HH11 . ARG A 1 27  ? 3.669   20.509  5.059   1.00 0.00  ?  61  ARG A HH11 1 
ATOM   430  H HH12 . ARG A 1 27  ? 2.929   21.806  5.960   1.00 0.00  ?  61  ARG A HH12 1 
ATOM   431  H HH21 . ARG A 1 27  ? 1.971   19.783  8.563   1.00 0.00  ?  61  ARG A HH21 1 
ATOM   432  H HH22 . ARG A 1 27  ? 2.001   21.391  7.922   1.00 0.00  ?  61  ARG A HH22 1 
ATOM   433  N N    . GLU A 1 28  ? 5.440   13.588  8.623   1.00 0.00  ?  62  GLU A N    1 
ATOM   434  C CA   . GLU A 1 28  ? 6.532   13.474  9.598   1.00 0.00  ?  62  GLU A CA   1 
ATOM   435  C C    . GLU A 1 28  ? 7.270   12.117  9.554   1.00 0.00  ?  62  GLU A C    1 
ATOM   436  O O    . GLU A 1 28  ? 8.461   12.081  9.854   1.00 0.00  ?  62  GLU A O    1 
ATOM   437  C CB   . GLU A 1 28  ? 5.929   13.800  10.979  1.00 0.00  ?  62  GLU A CB   1 
ATOM   438  C CG   . GLU A 1 28  ? 6.945   14.059  12.098  1.00 0.00  ?  62  GLU A CG   1 
ATOM   439  C CD   . GLU A 1 28  ? 6.328   14.887  13.242  1.00 0.00  ?  62  GLU A CD   1 
ATOM   440  O OE1  . GLU A 1 28  ? 5.158   14.641  13.613  1.00 0.00  -1 62  GLU A OE1  1 
ATOM   441  O OE2  . GLU A 1 28  ? 6.825   16.014  13.470  1.00 0.00  ?  62  GLU A OE2  1 
ATOM   442  H H    . GLU A 1 28  ? 4.505   13.384  8.959   1.00 0.00  ?  62  GLU A H    1 
ATOM   443  H HA   . GLU A 1 28  ? 7.281   14.237  9.381   1.00 0.00  ?  62  GLU A HA   1 
ATOM   444  H HB2  . GLU A 1 28  ? 5.336   14.710  10.866  1.00 0.00  ?  62  GLU A HB2  1 
ATOM   445  H HB3  . GLU A 1 28  ? 5.257   12.995  11.281  1.00 0.00  ?  62  GLU A HB3  1 
ATOM   446  H HG2  . GLU A 1 28  ? 7.313   13.106  12.484  1.00 0.00  ?  62  GLU A HG2  1 
ATOM   447  H HG3  . GLU A 1 28  ? 7.791   14.608  11.679  1.00 0.00  ?  62  GLU A HG3  1 
ATOM   448  N N    . ASN A 1 29  ? 6.675   11.069  8.957   1.00 0.00  ?  63  ASN A N    1 
ATOM   449  C CA   . ASN A 1 29  ? 7.259   9.713   8.926   1.00 0.00  ?  63  ASN A CA   1 
ATOM   450  C C    . ASN A 1 29  ? 7.289   9.060   7.530   1.00 0.00  ?  63  ASN A C    1 
ATOM   451  O O    . ASN A 1 29  ? 7.898   8.001   7.365   1.00 0.00  ?  63  ASN A O    1 
ATOM   452  C CB   . ASN A 1 29  ? 6.548   8.800   9.944   1.00 0.00  ?  63  ASN A CB   1 
ATOM   453  C CG   . ASN A 1 29  ? 6.684   9.307   11.366  1.00 0.00  ?  63  ASN A CG   1 
ATOM   454  O OD1  . ASN A 1 29  ? 7.706   9.114   12.013  1.00 0.00  ?  63  ASN A OD1  1 
ATOM   455  N ND2  . ASN A 1 29  ? 5.770   10.159  11.766  1.00 0.00  ?  63  ASN A ND2  1 
ATOM   456  H H    . ASN A 1 29  ? 5.684   11.157  8.758   1.00 0.00  ?  63  ASN A H    1 
ATOM   457  H HA   . ASN A 1 29  ? 8.302   9.778   9.241   1.00 0.00  ?  63  ASN A HA   1 
ATOM   458  H HB2  . ASN A 1 29  ? 5.493   8.694   9.694   1.00 0.00  ?  63  ASN A HB2  1 
ATOM   459  H HB3  . ASN A 1 29  ? 6.986   7.803   9.920   1.00 0.00  ?  63  ASN A HB3  1 
ATOM   460  H HD21 . ASN A 1 29  ? 4.938   10.253  11.205  1.00 0.00  ?  63  ASN A HD21 1 
ATOM   461  H HD22 . ASN A 1 29  ? 5.789   10.443  12.730  1.00 0.00  ?  63  ASN A HD22 1 
ATOM   462  N N    . MET A 1 30  ? 6.794   9.719   6.475   1.00 0.00  ?  64  MET A N    1 
ATOM   463  C CA   . MET A 1 30  ? 6.861   9.226   5.083   1.00 0.00  ?  64  MET A CA   1 
ATOM   464  C C    . MET A 1 30  ? 8.264   8.854   4.562   1.00 0.00  ?  64  MET A C    1 
ATOM   465  O O    . MET A 1 30  ? 8.387   8.053   3.640   1.00 0.00  ?  64  MET A O    1 
ATOM   466  C CB   . MET A 1 30  ? 6.197   10.221  4.123   1.00 0.00  ?  64  MET A CB   1 
ATOM   467  C CG   . MET A 1 30  ? 6.793   11.635  4.144   1.00 0.00  ?  64  MET A CG   1 
ATOM   468  S SD   . MET A 1 30  ? 8.253   11.866  3.090   1.00 0.00  ?  64  MET A SD   1 
ATOM   469  C CE   . MET A 1 30  ? 7.483   12.739  1.709   1.00 0.00  ?  64  MET A CE   1 
ATOM   470  H H    . MET A 1 30  ? 6.259   10.562  6.659   1.00 0.00  ?  64  MET A H    1 
ATOM   471  H HA   . MET A 1 30  ? 6.272   8.312   5.052   1.00 0.00  ?  64  MET A HA   1 
ATOM   472  H HB2  . MET A 1 30  ? 6.225   9.826   3.107   1.00 0.00  ?  64  MET A HB2  1 
ATOM   473  H HB3  . MET A 1 30  ? 5.157   10.296  4.401   1.00 0.00  ?  64  MET A HB3  1 
ATOM   474  H HG2  . MET A 1 30  ? 6.017   12.328  3.815   1.00 0.00  ?  64  MET A HG2  1 
ATOM   475  H HG3  . MET A 1 30  ? 7.047   11.913  5.167   1.00 0.00  ?  64  MET A HG3  1 
ATOM   476  H HE1  . MET A 1 30  ? 6.659   12.143  1.315   1.00 0.00  ?  64  MET A HE1  1 
ATOM   477  H HE2  . MET A 1 30  ? 8.227   12.902  0.932   1.00 0.00  ?  64  MET A HE2  1 
ATOM   478  H HE3  . MET A 1 30  ? 7.105   13.699  2.061   1.00 0.00  ?  64  MET A HE3  1 
ATOM   479  N N    . ASN A 1 31  ? 9.327   9.369   5.179   1.00 0.00  ?  65  ASN A N    1 
ATOM   480  C CA   . ASN A 1 31  ? 10.721  9.035   4.872   1.00 0.00  ?  65  ASN A CA   1 
ATOM   481  C C    . ASN A 1 31  ? 11.093  7.596   5.292   1.00 0.00  ?  65  ASN A C    1 
ATOM   482  O O    . ASN A 1 31  ? 12.046  7.014   4.773   1.00 0.00  ?  65  ASN A O    1 
ATOM   483  C CB   . ASN A 1 31  ? 11.637  10.041  5.597   1.00 0.00  ?  65  ASN A CB   1 
ATOM   484  C CG   . ASN A 1 31  ? 11.154  11.479  5.512   1.00 0.00  ?  65  ASN A CG   1 
ATOM   485  O OD1  . ASN A 1 31  ? 10.188  11.861  6.143   1.00 0.00  ?  65  ASN A OD1  1 
ATOM   486  N ND2  . ASN A 1 31  ? 11.763  12.313  4.705   1.00 0.00  ?  65  ASN A ND2  1 
ATOM   487  H H    . ASN A 1 31  ? 9.158   10.087  5.878   1.00 0.00  ?  65  ASN A H    1 
ATOM   488  H HA   . ASN A 1 31  ? 10.868  9.116   3.793   1.00 0.00  ?  65  ASN A HA   1 
ATOM   489  H HB2  . ASN A 1 31  ? 11.678  9.784   6.656   1.00 0.00  ?  65  ASN A HB2  1 
ATOM   490  H HB3  . ASN A 1 31  ? 12.645  9.964   5.194   1.00 0.00  ?  65  ASN A HB3  1 
ATOM   491  H HD21 . ASN A 1 31  ? 12.562  12.036  4.174   1.00 0.00  ?  65  ASN A HD21 1 
ATOM   492  H HD22 . ASN A 1 31  ? 11.383  13.244  4.709   1.00 0.00  ?  65  ASN A HD22 1 
ATOM   493  N N    . ARG A 1 32  ? 10.384  7.078   6.302   1.00 0.00  ?  66  ARG A N    1 
ATOM   494  C CA   . ARG A 1 32  ? 10.521  5.750   6.915   1.00 0.00  ?  66  ARG A CA   1 
ATOM   495  C C    . ARG A 1 32  ? 9.463   4.773   6.388   1.00 0.00  ?  66  ARG A C    1 
ATOM   496  O O    . ARG A 1 32  ? 9.742   3.581   6.236   1.00 0.00  ?  66  ARG A O    1 
ATOM   497  C CB   . ARG A 1 32  ? 10.322  5.923   8.435   1.00 0.00  ?  66  ARG A CB   1 
ATOM   498  C CG   . ARG A 1 32  ? 11.453  6.682   9.150   1.00 0.00  ?  66  ARG A CG   1 
ATOM   499  C CD   . ARG A 1 32  ? 10.937  7.307   10.456  1.00 0.00  ?  66  ARG A CD   1 
ATOM   500  N NE   . ARG A 1 32  ? 12.028  7.508   11.429  1.00 0.00  ?  66  ARG A NE   1 
ATOM   501  C CZ   . ARG A 1 32  ? 11.859  7.513   12.740  1.00 0.00  ?  66  ARG A CZ   1 
ATOM   502  N NH1  . ARG A 1 32  ? 10.694  7.666   13.303  1.00 0.00  ?  66  ARG A NH1  1 
ATOM   503  N NH2  . ARG A 1 32  ? 12.900  7.434   13.524  1.00 0.00  1  66  ARG A NH2  1 
ATOM   504  H H    . ARG A 1 32  ? 9.640   7.665   6.670   1.00 0.00  ?  66  ARG A H    1 
ATOM   505  H HA   . ARG A 1 32  ? 11.501  5.319   6.714   1.00 0.00  ?  66  ARG A HA   1 
ATOM   506  H HB2  . ARG A 1 32  ? 9.381   6.442   8.615   1.00 0.00  ?  66  ARG A HB2  1 
ATOM   507  H HB3  . ARG A 1 32  ? 10.223  4.942   8.891   1.00 0.00  ?  66  ARG A HB3  1 
ATOM   508  H HG2  . ARG A 1 32  ? 12.256  5.974   9.364   1.00 0.00  ?  66  ARG A HG2  1 
ATOM   509  H HG3  . ARG A 1 32  ? 11.851  7.478   8.519   1.00 0.00  ?  66  ARG A HG3  1 
ATOM   510  H HD2  . ARG A 1 32  ? 10.446  8.258   10.241  1.00 0.00  ?  66  ARG A HD2  1 
ATOM   511  H HD3  . ARG A 1 32  ? 10.196  6.633   10.893  1.00 0.00  ?  66  ARG A HD3  1 
ATOM   512  H HE   . ARG A 1 32  ? 12.947  7.267   11.117  1.00 0.00  ?  66  ARG A HE   1 
ATOM   513  H HH11 . ARG A 1 32  ? 9.873   7.684   12.714  1.00 0.00  ?  66  ARG A HH11 1 
ATOM   514  H HH12 . ARG A 1 32  ? 10.572  7.517   14.283  1.00 0.00  ?  66  ARG A HH12 1 
ATOM   515  H HH21 . ARG A 1 32  ? 13.783  7.168   13.134  1.00 0.00  ?  66  ARG A HH21 1 
ATOM   516  H HH22 . ARG A 1 32  ? 12.750  7.371   14.512  1.00 0.00  ?  66  ARG A HH22 1 
ATOM   517  N N    . TYR A 1 33  ? 8.255   5.279   6.135   1.00 0.00  ?  67  TYR A N    1 
ATOM   518  C CA   . TYR A 1 33  ? 7.067   4.470   5.855   1.00 0.00  ?  67  TYR A CA   1 
ATOM   519  C C    . TYR A 1 33  ? 7.142   3.669   4.527   1.00 0.00  ?  67  TYR A C    1 
ATOM   520  O O    . TYR A 1 33  ? 7.711   4.122   3.526   1.00 0.00  ?  67  TYR A O    1 
ATOM   521  C CB   . TYR A 1 33  ? 5.801   5.349   5.978   1.00 0.00  ?  67  TYR A CB   1 
ATOM   522  C CG   . TYR A 1 33  ? 4.939   5.531   4.737   1.00 0.00  ?  67  TYR A CG   1 
ATOM   523  C CD1  . TYR A 1 33  ? 5.426   6.235   3.621   1.00 0.00  ?  67  TYR A CD1  1 
ATOM   524  C CD2  . TYR A 1 33  ? 3.618   5.048   4.726   1.00 0.00  ?  67  TYR A CD2  1 
ATOM   525  C CE1  . TYR A 1 33  ? 4.595   6.473   2.512   1.00 0.00  ?  67  TYR A CE1  1 
ATOM   526  C CE2  . TYR A 1 33  ? 2.799   5.231   3.598   1.00 0.00  ?  67  TYR A CE2  1 
ATOM   527  C CZ   . TYR A 1 33  ? 3.288   5.945   2.489   1.00 0.00  ?  67  TYR A CZ   1 
ATOM   528  O OH   . TYR A 1 33  ? 2.509   6.102   1.394   1.00 0.00  ?  67  TYR A OH   1 
ATOM   529  H H    . TYR A 1 33  ? 8.108   6.251   6.382   1.00 0.00  ?  67  TYR A H    1 
ATOM   530  H HA   . TYR A 1 33  ? 7.023   3.758   6.678   1.00 0.00  ?  67  TYR A HA   1 
ATOM   531  H HB2  . TYR A 1 33  ? 5.181   4.912   6.762   1.00 0.00  ?  67  TYR A HB2  1 
ATOM   532  H HB3  . TYR A 1 33  ? 6.069   6.340   6.342   1.00 0.00  ?  67  TYR A HB3  1 
ATOM   533  H HD1  . TYR A 1 33  ? 6.444   6.592   3.618   1.00 0.00  ?  67  TYR A HD1  1 
ATOM   534  H HD2  . TYR A 1 33  ? 3.214   4.565   5.601   1.00 0.00  ?  67  TYR A HD2  1 
ATOM   535  H HE1  . TYR A 1 33  ? 4.964   7.039   1.672   1.00 0.00  ?  67  TYR A HE1  1 
ATOM   536  H HE2  . TYR A 1 33  ? 1.783   4.865   3.585   1.00 0.00  ?  67  TYR A HE2  1 
ATOM   537  H HH   . TYR A 1 33  ? 2.881   6.725   0.764   1.00 0.00  ?  67  TYR A HH   1 
ATOM   538  N N    . PRO A 1 34  ? 6.520   2.477   4.458   1.00 0.00  ?  68  PRO A N    1 
ATOM   539  C CA   . PRO A 1 34  ? 6.412   1.676   3.240   1.00 0.00  ?  68  PRO A CA   1 
ATOM   540  C C    . PRO A 1 34  ? 5.459   2.277   2.189   1.00 0.00  ?  68  PRO A C    1 
ATOM   541  O O    . PRO A 1 34  ? 4.294   1.914   2.083   1.00 0.00  ?  68  PRO A O    1 
ATOM   542  C CB   . PRO A 1 34  ? 5.998   0.285   3.719   1.00 0.00  ?  68  PRO A CB   1 
ATOM   543  C CG   . PRO A 1 34  ? 5.261   0.536   5.024   1.00 0.00  ?  68  PRO A CG   1 
ATOM   544  C CD   . PRO A 1 34  ? 6.033   1.721   5.600   1.00 0.00  ?  68  PRO A CD   1 
ATOM   545  H HA   . PRO A 1 34  ? 7.400   1.599   2.788   1.00 0.00  ?  68  PRO A HA   1 
ATOM   546  H HB2  . PRO A 1 34  ? 5.391   -0.257  2.994   1.00 0.00  ?  68  PRO A HB2  1 
ATOM   547  H HB3  . PRO A 1 34  ? 6.901   -0.263  3.964   1.00 0.00  ?  68  PRO A HB3  1 
ATOM   548  H HG2  . PRO A 1 34  ? 4.229   0.813   4.809   1.00 0.00  ?  68  PRO A HG2  1 
ATOM   549  H HG3  . PRO A 1 34  ? 5.308   -0.331  5.683   1.00 0.00  ?  68  PRO A HG3  1 
ATOM   550  H HD2  . PRO A 1 34  ? 5.400   2.334   6.237   1.00 0.00  ?  68  PRO A HD2  1 
ATOM   551  H HD3  . PRO A 1 34  ? 6.883   1.356   6.178   1.00 0.00  ?  68  PRO A HD3  1 
ATOM   552  N N    . ASN A 1 35  ? 6.053   2.990   1.231   1.00 0.00  ?  69  ASN A N    1 
ATOM   553  C CA   . ASN A 1 35  ? 5.333   3.796   0.233   1.00 0.00  ?  69  ASN A CA   1 
ATOM   554  C C    . ASN A 1 35  ? 4.948   3.091   -1.096  1.00 0.00  ?  69  ASN A C    1 
ATOM   555  O O    . ASN A 1 35  ? 4.873   3.740   -2.135  1.00 0.00  ?  69  ASN A O    1 
ATOM   556  C CB   . ASN A 1 35  ? 6.194   5.056   0.005   1.00 0.00  ?  69  ASN A CB   1 
ATOM   557  C CG   . ASN A 1 35  ? 7.305   4.929   -1.028  1.00 0.00  ?  69  ASN A CG   1 
ATOM   558  O OD1  . ASN A 1 35  ? 7.588   5.845   -1.773  1.00 0.00  ?  69  ASN A OD1  1 
ATOM   559  N ND2  . ASN A 1 35  ? 7.972   3.800   -1.130  1.00 0.00  ?  69  ASN A ND2  1 
ATOM   560  H H    . ASN A 1 35  ? 6.985   3.303   1.467   1.00 0.00  ?  69  ASN A H    1 
ATOM   561  H HA   . ASN A 1 35  ? 4.389   4.106   0.688   1.00 0.00  ?  69  ASN A HA   1 
ATOM   562  H HB2  . ASN A 1 35  ? 5.537   5.850   -0.331  1.00 0.00  ?  69  ASN A HB2  1 
ATOM   563  H HB3  . ASN A 1 35  ? 6.642   5.376   0.946   1.00 0.00  ?  69  ASN A HB3  1 
ATOM   564  H HD21 . ASN A 1 35  ? 7.679   3.004   -0.606  1.00 0.00  ?  69  ASN A HD21 1 
ATOM   565  H HD22 . ASN A 1 35  ? 8.654   3.781   -1.868  1.00 0.00  ?  69  ASN A HD22 1 
ATOM   566  N N    . GLN A 1 36  ? 4.957   1.759   -1.148  1.00 0.00  ?  70  GLN A N    1 
ATOM   567  C CA   . GLN A 1 36  ? 4.790   0.993   -2.397  1.00 0.00  ?  70  GLN A CA   1 
ATOM   568  C C    . GLN A 1 36  ? 4.021   -0.297  -2.120  1.00 0.00  ?  70  GLN A C    1 
ATOM   569  O O    . GLN A 1 36  ? 4.069   -0.794  -0.994  1.00 0.00  ?  70  GLN A O    1 
ATOM   570  C CB   . GLN A 1 36  ? 6.165   0.717   -3.034  1.00 0.00  ?  70  GLN A CB   1 
ATOM   571  C CG   . GLN A 1 36  ? 7.033   -0.271  -2.240  1.00 0.00  ?  70  GLN A CG   1 
ATOM   572  C CD   . GLN A 1 36  ? 8.499   -0.312  -2.660  1.00 0.00  ?  70  GLN A CD   1 
ATOM   573  O OE1  . GLN A 1 36  ? 9.332   -0.749  -1.885  1.00 0.00  ?  70  GLN A OE1  1 
ATOM   574  N NE2  . GLN A 1 36  ? 8.909   0.261   -3.771  1.00 0.00  ?  70  GLN A NE2  1 
ATOM   575  H H    . GLN A 1 36  ? 4.883   1.253   -0.275  1.00 0.00  ?  70  GLN A H    1 
ATOM   576  H HA   . GLN A 1 36  ? 4.196   1.574   -3.106  1.00 0.00  ?  70  GLN A HA   1 
ATOM   577  H HB2  . GLN A 1 36  ? 6.024   0.298   -4.030  1.00 0.00  ?  70  GLN A HB2  1 
ATOM   578  H HB3  . GLN A 1 36  ? 6.695   1.664   -3.129  1.00 0.00  ?  70  GLN A HB3  1 
ATOM   579  H HG2  . GLN A 1 36  ? 7.002   0.001   -1.185  1.00 0.00  ?  70  GLN A HG2  1 
ATOM   580  H HG3  . GLN A 1 36  ? 6.622   -1.274  -2.353  1.00 0.00  ?  70  GLN A HG3  1 
ATOM   581  H HE21 . GLN A 1 36  ? 8.254   0.656   -4.423  1.00 0.00  ?  70  GLN A HE21 1 
ATOM   582  H HE22 . GLN A 1 36  ? 9.892   0.197   -3.982  1.00 0.00  ?  70  GLN A HE22 1 
ATOM   583  N N    . VAL A 1 37  ? 3.394   -0.889  -3.138  1.00 0.00  ?  71  VAL A N    1 
ATOM   584  C CA   . VAL A 1 37  ? 2.372   -1.935  -2.938  1.00 0.00  ?  71  VAL A CA   1 
ATOM   585  C C    . VAL A 1 37  ? 2.647   -3.155  -3.814  1.00 0.00  ?  71  VAL A C    1 
ATOM   586  O O    . VAL A 1 37  ? 3.069   -2.999  -4.956  1.00 0.00  ?  71  VAL A O    1 
ATOM   587  C CB   . VAL A 1 37  ? 0.950   -1.368  -3.148  1.00 0.00  ?  71  VAL A CB   1 
ATOM   588  C CG1  . VAL A 1 37  ? 0.763   -0.064  -2.358  1.00 0.00  ?  71  VAL A CG1  1 
ATOM   589  C CG2  . VAL A 1 37  ? 0.581   -1.071  -4.607  1.00 0.00  ?  71  VAL A CG2  1 
ATOM   590  H H    . VAL A 1 37  ? 3.439   -0.463  -4.055  1.00 0.00  ?  71  VAL A H    1 
ATOM   591  H HA   . VAL A 1 37  ? 2.408   -2.276  -1.907  1.00 0.00  ?  71  VAL A HA   1 
ATOM   592  H HB   . VAL A 1 37  ? 0.245   -2.101  -2.759  1.00 0.00  ?  71  VAL A HB   1 
ATOM   593  H HG11 . VAL A 1 37  ? -0.303  0.114   -2.220  1.00 0.00  ?  71  VAL A HG11 1 
ATOM   594  H HG12 . VAL A 1 37  ? 1.203   0.779   -2.893  1.00 0.00  ?  71  VAL A HG12 1 
ATOM   595  H HG13 . VAL A 1 37  ? 1.238   -0.141  -1.383  1.00 0.00  ?  71  VAL A HG13 1 
ATOM   596  H HG21 . VAL A 1 37  ? -0.395  -0.585  -4.646  1.00 0.00  ?  71  VAL A HG21 1 
ATOM   597  H HG22 . VAL A 1 37  ? 0.517   -2.000  -5.172  1.00 0.00  ?  71  VAL A HG22 1 
ATOM   598  H HG23 . VAL A 1 37  ? 1.324   -0.421  -5.068  1.00 0.00  ?  71  VAL A HG23 1 
ATOM   599  N N    . TYR A 1 38  ? 2.485   -4.356  -3.252  1.00 0.00  ?  72  TYR A N    1 
ATOM   600  C CA   . TYR A 1 38  ? 2.653   -5.639  -3.946  1.00 0.00  ?  72  TYR A CA   1 
ATOM   601  C C    . TYR A 1 38  ? 1.283   -6.311  -4.072  1.00 0.00  ?  72  TYR A C    1 
ATOM   602  O O    . TYR A 1 38  ? 0.659   -6.553  -3.048  1.00 0.00  ?  72  TYR A O    1 
ATOM   603  C CB   . TYR A 1 38  ? 3.590   -6.572  -3.151  1.00 0.00  ?  72  TYR A CB   1 
ATOM   604  C CG   . TYR A 1 38  ? 5.086   -6.373  -3.308  1.00 0.00  ?  72  TYR A CG   1 
ATOM   605  C CD1  . TYR A 1 38  ? 5.717   -5.269  -2.706  1.00 0.00  ?  72  TYR A CD1  1 
ATOM   606  C CD2  . TYR A 1 38  ? 5.863   -7.353  -3.961  1.00 0.00  ?  72  TYR A CD2  1 
ATOM   607  C CE1  . TYR A 1 38  ? 7.118   -5.140  -2.743  1.00 0.00  ?  72  TYR A CE1  1 
ATOM   608  C CE2  . TYR A 1 38  ? 7.265   -7.231  -3.998  1.00 0.00  ?  72  TYR A CE2  1 
ATOM   609  C CZ   . TYR A 1 38  ? 7.895   -6.129  -3.384  1.00 0.00  ?  72  TYR A CZ   1 
ATOM   610  O OH   . TYR A 1 38  ? 9.249   -6.026  -3.414  1.00 0.00  ?  72  TYR A OH   1 
ATOM   611  H H    . TYR A 1 38  ? 2.099   -4.403  -2.321  1.00 0.00  ?  72  TYR A H    1 
ATOM   612  H HA   . TYR A 1 38  ? 3.068   -5.483  -4.933  1.00 0.00  ?  72  TYR A HA   1 
ATOM   613  H HB2  . TYR A 1 38  ? 3.354   -6.490  -2.091  1.00 0.00  ?  72  TYR A HB2  1 
ATOM   614  H HB3  . TYR A 1 38  ? 3.364   -7.600  -3.441  1.00 0.00  ?  72  TYR A HB3  1 
ATOM   615  H HD1  . TYR A 1 38  ? 5.119   -4.527  -2.201  1.00 0.00  ?  72  TYR A HD1  1 
ATOM   616  H HD2  . TYR A 1 38  ? 5.384   -8.204  -4.426  1.00 0.00  ?  72  TYR A HD2  1 
ATOM   617  H HE1  . TYR A 1 38  ? 7.594   -4.295  -2.272  1.00 0.00  ?  72  TYR A HE1  1 
ATOM   618  H HE2  . TYR A 1 38  ? 7.871   -7.974  -4.493  1.00 0.00  ?  72  TYR A HE2  1 
ATOM   619  H HH   . TYR A 1 38  ? 9.565   -5.228  -2.991  1.00 0.00  ?  72  TYR A HH   1 
ATOM   620  N N    . TYR A 1 39  ? 0.892   -6.777  -5.255  1.00 0.00  ?  73  TYR A N    1 
ATOM   621  C CA   . TYR A 1 39  ? -0.395  -7.441  -5.510  1.00 0.00  ?  73  TYR A CA   1 
ATOM   622  C C    . TYR A 1 39  ? -0.221  -8.715  -6.335  1.00 0.00  ?  73  TYR A C    1 
ATOM   623  O O    . TYR A 1 39  ? 0.730   -8.845  -7.097  1.00 0.00  ?  73  TYR A O    1 
ATOM   624  C CB   . TYR A 1 39  ? -1.340  -6.493  -6.260  1.00 0.00  ?  73  TYR A CB   1 
ATOM   625  C CG   . TYR A 1 39  ? -0.748  -5.740  -7.434  1.00 0.00  ?  73  TYR A CG   1 
ATOM   626  C CD1  . TYR A 1 39  ? -0.647  -6.350  -8.700  1.00 0.00  ?  73  TYR A CD1  1 
ATOM   627  C CD2  . TYR A 1 39  ? -0.352  -4.399  -7.270  1.00 0.00  ?  73  TYR A CD2  1 
ATOM   628  C CE1  . TYR A 1 39  ? -0.181  -5.620  -9.807  1.00 0.00  ?  73  TYR A CE1  1 
ATOM   629  C CE2  . TYR A 1 39  ? 0.125   -3.670  -8.374  1.00 0.00  ?  73  TYR A CE2  1 
ATOM   630  C CZ   . TYR A 1 39  ? 0.202   -4.274  -9.647  1.00 0.00  ?  73  TYR A CZ   1 
ATOM   631  O OH   . TYR A 1 39  ? 0.606   -3.539  -10.709 1.00 0.00  ?  73  TYR A OH   1 
ATOM   632  H H    . TYR A 1 39  ? 1.453   -6.550  -6.073  1.00 0.00  ?  73  TYR A H    1 
ATOM   633  H HA   . TYR A 1 39  ? -0.870  -7.714  -4.568  1.00 0.00  ?  73  TYR A HA   1 
ATOM   634  H HB2  . TYR A 1 39  ? -2.188  -7.073  -6.610  1.00 0.00  ?  73  TYR A HB2  1 
ATOM   635  H HB3  . TYR A 1 39  ? -1.750  -5.770  -5.568  1.00 0.00  ?  73  TYR A HB3  1 
ATOM   636  H HD1  . TYR A 1 39  ? -0.951  -7.371  -8.841  1.00 0.00  ?  73  TYR A HD1  1 
ATOM   637  H HD2  . TYR A 1 39  ? -0.451  -3.920  -6.307  1.00 0.00  ?  73  TYR A HD2  1 
ATOM   638  H HE1  . TYR A 1 39  ? -0.136  -6.072  -10.789 1.00 0.00  ?  73  TYR A HE1  1 
ATOM   639  H HE2  . TYR A 1 39  ? 0.378   -2.630  -8.284  1.00 0.00  ?  73  TYR A HE2  1 
ATOM   640  H HH   . TYR A 1 39  ? 0.323   -3.960  -11.558 1.00 0.00  ?  73  TYR A HH   1 
ATOM   641  N N    . ARG A 1 40  ? -1.153  -9.664  -6.214  1.00 0.00  ?  74  ARG A N    1 
ATOM   642  C CA   . ARG A 1 40  ? -1.335  -10.707 -7.239  1.00 0.00  ?  74  ARG A CA   1 
ATOM   643  C C    . ARG A 1 40  ? -1.898  -10.040 -8.504  1.00 0.00  ?  74  ARG A C    1 
ATOM   644  O O    . ARG A 1 40  ? -2.586  -9.040  -8.334  1.00 0.00  ?  74  ARG A O    1 
ATOM   645  C CB   . ARG A 1 40  ? -2.298  -11.752 -6.656  1.00 0.00  ?  74  ARG A CB   1 
ATOM   646  C CG   . ARG A 1 40  ? -2.366  -13.048 -7.476  1.00 0.00  ?  74  ARG A CG   1 
ATOM   647  C CD   . ARG A 1 40  ? -3.032  -14.181 -6.691  1.00 0.00  ?  74  ARG A CD   1 
ATOM   648  N NE   . ARG A 1 40  ? -2.234  -14.580 -5.512  1.00 0.00  ?  74  ARG A NE   1 
ATOM   649  C CZ   . ARG A 1 40  ? -2.443  -15.648 -4.766  1.00 0.00  ?  74  ARG A CZ   1 
ATOM   650  N NH1  . ARG A 1 40  ? -3.317  -16.558 -5.096  1.00 0.00  ?  74  ARG A NH1  1 
ATOM   651  N NH2  . ARG A 1 40  ? -1.786  -15.818 -3.652  1.00 0.00  1  74  ARG A NH2  1 
ATOM   652  H H    . ARG A 1 40  ? -1.977  -9.413  -5.685  1.00 0.00  ?  74  ARG A H    1 
ATOM   653  H HA   . ARG A 1 40  ? -0.376  -11.166 -7.476  1.00 0.00  ?  74  ARG A HA   1 
ATOM   654  H HB2  . ARG A 1 40  ? -1.954  -11.987 -5.647  1.00 0.00  ?  74  ARG A HB2  1 
ATOM   655  H HB3  . ARG A 1 40  ? -3.300  -11.324 -6.578  1.00 0.00  ?  74  ARG A HB3  1 
ATOM   656  H HG2  . ARG A 1 40  ? -2.932  -12.867 -8.391  1.00 0.00  ?  74  ARG A HG2  1 
ATOM   657  H HG3  . ARG A 1 40  ? -1.362  -13.374 -7.742  1.00 0.00  ?  74  ARG A HG3  1 
ATOM   658  H HD2  . ARG A 1 40  ? -4.017  -13.851 -6.365  1.00 0.00  ?  74  ARG A HD2  1 
ATOM   659  H HD3  . ARG A 1 40  ? -3.155  -15.033 -7.361  1.00 0.00  ?  74  ARG A HD3  1 
ATOM   660  H HE   . ARG A 1 40  ? -1.469  -13.972 -5.260  1.00 0.00  ?  74  ARG A HE   1 
ATOM   661  H HH11 . ARG A 1 40  ? -3.829  -16.449 -5.959  1.00 0.00  ?  74  ARG A HH11 1 
ATOM   662  H HH12 . ARG A 1 40  ? -3.475  -17.363 -4.525  1.00 0.00  ?  74  ARG A HH12 1 
ATOM   663  H HH21 . ARG A 1 40  ? -1.310  -15.026 -3.241  1.00 0.00  ?  74  ARG A HH21 1 
ATOM   664  H HH22 . ARG A 1 40  ? -2.043  -16.573 -3.049  1.00 0.00  ?  74  ARG A HH22 1 
ATOM   665  N N    . PRO A 1 41  ? -1.629  -10.494 -9.739  1.00 0.00  ?  75  PRO A N    1 
ATOM   666  C CA   . PRO A 1 41  ? -2.319  -9.933  -10.902 1.00 0.00  ?  75  PRO A CA   1 
ATOM   667  C C    . PRO A 1 41  ? -3.852  -10.066 -10.785 1.00 0.00  ?  75  PRO A C    1 
ATOM   668  O O    . PRO A 1 41  ? -4.373  -10.863 -9.998  1.00 0.00  ?  75  PRO A O    1 
ATOM   669  C CB   . PRO A 1 41  ? -1.717  -10.629 -12.127 1.00 0.00  ?  75  PRO A CB   1 
ATOM   670  C CG   . PRO A 1 41  ? -1.099  -11.909 -11.561 1.00 0.00  ?  75  PRO A CG   1 
ATOM   671  C CD   . PRO A 1 41  ? -0.670  -11.504 -10.153 1.00 0.00  ?  75  PRO A CD   1 
ATOM   672  H HA   . PRO A 1 41  ? -2.083  -8.869  -10.971 1.00 0.00  ?  75  PRO A HA   1 
ATOM   673  H HB2  . PRO A 1 41  ? -2.459  -10.835 -12.897 1.00 0.00  ?  75  PRO A HB2  1 
ATOM   674  H HB3  . PRO A 1 41  ? -0.924  -10.004 -12.540 1.00 0.00  ?  75  PRO A HB3  1 
ATOM   675  H HG2  . PRO A 1 41  ? -1.856  -12.690 -11.490 1.00 0.00  ?  75  PRO A HG2  1 
ATOM   676  H HG3  . PRO A 1 41  ? -0.256  -12.251 -12.161 1.00 0.00  ?  75  PRO A HG3  1 
ATOM   677  H HD2  . PRO A 1 41  ? -0.668  -12.371 -9.500  1.00 0.00  ?  75  PRO A HD2  1 
ATOM   678  H HD3  . PRO A 1 41  ? 0.325   -11.058 -10.188 1.00 0.00  ?  75  PRO A HD3  1 
ATOM   679  N N    . VAL A 1 42  ? -4.553  -9.103  -11.390 1.00 0.00  ?  76  VAL A N    1 
ATOM   680  C CA   . VAL A 1 42  ? -6.021  -8.940  -11.305 1.00 0.00  ?  76  VAL A CA   1 
ATOM   681  C C    . VAL A 1 42  ? -6.813  -9.999  -12.079 1.00 0.00  ?  76  VAL A C    1 
ATOM   682  O O    . VAL A 1 42  ? -8.015  -10.115 -11.874 1.00 0.00  ?  76  VAL A O    1 
ATOM   683  C CB   . VAL A 1 42  ? -6.455  -7.548  -11.803 1.00 0.00  ?  76  VAL A CB   1 
ATOM   684  C CG1  . VAL A 1 42  ? -5.912  -6.427  -10.910 1.00 0.00  ?  76  VAL A CG1  1 
ATOM   685  C CG2  . VAL A 1 42  ? -6.007  -7.293  -13.244 1.00 0.00  ?  76  VAL A CG2  1 
ATOM   686  H H    . VAL A 1 42  ? -4.053  -8.443  -11.966 1.00 0.00  ?  76  VAL A H    1 
ATOM   687  H HA   . VAL A 1 42  ? -6.328  -9.033  -10.266 1.00 0.00  ?  76  VAL A HA   1 
ATOM   688  H HB   . VAL A 1 42  ? -7.543  -7.489  -11.766 1.00 0.00  ?  76  VAL A HB   1 
ATOM   689  H HG11 . VAL A 1 42  ? -4.825  -6.372  -10.972 1.00 0.00  ?  76  VAL A HG11 1 
ATOM   690  H HG12 . VAL A 1 42  ? -6.202  -6.608  -9.879  1.00 0.00  ?  76  VAL A HG12 1 
ATOM   691  H HG13 . VAL A 1 42  ? -6.342  -5.476  -11.228 1.00 0.00  ?  76  VAL A HG13 1 
ATOM   692  H HG21 . VAL A 1 42  ? -6.362  -8.086  -13.901 1.00 0.00  ?  76  VAL A HG21 1 
ATOM   693  H HG22 . VAL A 1 42  ? -4.923  -7.219  -13.321 1.00 0.00  ?  76  VAL A HG22 1 
ATOM   694  H HG23 . VAL A 1 42  ? -6.448  -6.367  -13.588 1.00 0.00  ?  76  VAL A HG23 1 
ATOM   695  N N    . ASP A 1 43  ? -6.133  -10.784 -12.914 1.00 0.00  ?  77  ASP A N    1 
ATOM   696  C CA   . ASP A 1 43  ? -6.665  -11.788 -13.843 1.00 0.00  ?  77  ASP A CA   1 
ATOM   697  C C    . ASP A 1 43  ? -7.559  -12.857 -13.194 1.00 0.00  ?  77  ASP A C    1 
ATOM   698  O O    . ASP A 1 43  ? -8.573  -13.259 -13.756 1.00 0.00  ?  77  ASP A O    1 
ATOM   699  C CB   . ASP A 1 43  ? -5.464  -12.454 -14.549 1.00 0.00  ?  77  ASP A CB   1 
ATOM   700  C CG   . ASP A 1 43  ? -4.582  -13.291 -13.602 1.00 0.00  ?  77  ASP A CG   1 
ATOM   701  O OD1  . ASP A 1 43  ? -4.137  -12.739 -12.568 1.00 0.00  ?  77  ASP A OD1  1 
ATOM   702  O OD2  . ASP A 1 43  ? -4.511  -14.526 -13.773 1.00 0.00  -1 77  ASP A OD2  1 
ATOM   703  H H    . ASP A 1 43  ? -5.127  -10.733 -12.875 1.00 0.00  ?  77  ASP A H    1 
ATOM   704  H HA   . ASP A 1 43  ? -7.268  -11.271 -14.589 1.00 0.00  ?  77  ASP A HA   1 
ATOM   705  H HB2  . ASP A 1 43  ? -5.842  -13.087 -15.353 1.00 0.00  ?  77  ASP A HB2  1 
ATOM   706  H HB3  . ASP A 1 43  ? -4.849  -11.675 -15.006 1.00 0.00  ?  77  ASP A HB3  1 
ATOM   707  N N    . GLN A 1 44  ? -7.251  -13.240 -11.953 1.00 0.00  ?  78  GLN A N    1 
ATOM   708  C CA   . GLN A 1 44  ? -8.022  -14.232 -11.188 1.00 0.00  ?  78  GLN A CA   1 
ATOM   709  C C    . GLN A 1 44  ? -9.204  -13.603 -10.418 1.00 0.00  ?  78  GLN A C    1 
ATOM   710  O O    . GLN A 1 44  ? -9.782  -14.248 -9.540  1.00 0.00  ?  78  GLN A O    1 
ATOM   711  C CB   . GLN A 1 44  ? -7.098  -14.989 -10.212 1.00 0.00  ?  78  GLN A CB   1 
ATOM   712  C CG   . GLN A 1 44  ? -5.818  -15.526 -10.863 1.00 0.00  ?  78  GLN A CG   1 
ATOM   713  C CD   . GLN A 1 44  ? -4.834  -16.132 -9.872  1.00 0.00  ?  78  GLN A CD   1 
ATOM   714  O OE1  . GLN A 1 44  ? -5.140  -16.898 -8.967  1.00 0.00  ?  78  GLN A OE1  1 
ATOM   715  N NE2  . GLN A 1 44  ? -3.592  -15.707 -9.923  1.00 0.00  ?  78  GLN A NE2  1 
ATOM   716  H H    . GLN A 1 44  ? -6.362  -12.914 -11.594 1.00 0.00  ?  78  GLN A H    1 
ATOM   717  H HA   . GLN A 1 44  ? -8.442  -14.951 -11.894 1.00 0.00  ?  78  GLN A HA   1 
ATOM   718  H HB2  . GLN A 1 44  ? -6.819  -14.318 -9.399  1.00 0.00  ?  78  GLN A HB2  1 
ATOM   719  H HB3  . GLN A 1 44  ? -7.650  -15.832 -9.793  1.00 0.00  ?  78  GLN A HB3  1 
ATOM   720  H HG2  . GLN A 1 44  ? -6.061  -16.253 -11.638 1.00 0.00  ?  78  GLN A HG2  1 
ATOM   721  H HG3  . GLN A 1 44  ? -5.302  -14.698 -11.338 1.00 0.00  ?  78  GLN A HG3  1 
ATOM   722  H HE21 . GLN A 1 44  ? -3.372  -15.092 -10.701 1.00 0.00  ?  78  GLN A HE21 1 
ATOM   723  H HE22 . GLN A 1 44  ? -2.919  -16.292 -9.478  1.00 0.00  ?  78  GLN A HE22 1 
ATOM   724  N N    . TYR A 1 45  ? -9.446  -12.300 -10.588 1.00 0.00  ?  79  TYR A N    1 
ATOM   725  C CA   . TYR A 1 45  ? -10.272 -11.480 -9.703  1.00 0.00  ?  79  TYR A CA   1 
ATOM   726  C C    . TYR A 1 45  ? -11.298 -10.630 -10.465 1.00 0.00  ?  79  TYR A C    1 
ATOM   727  O O    . TYR A 1 45  ? -11.412 -10.654 -11.682 1.00 0.00  ?  79  TYR A O    1 
ATOM   728  C CB   . TYR A 1 45  ? -9.367  -10.613 -8.804  1.00 0.00  ?  79  TYR A CB   1 
ATOM   729  C CG   . TYR A 1 45  ? -8.766  -11.357 -7.632  1.00 0.00  ?  79  TYR A CG   1 
ATOM   730  C CD1  . TYR A 1 45  ? -7.519  -11.997 -7.765  1.00 0.00  ?  79  TYR A CD1  1 
ATOM   731  C CD2  . TYR A 1 45  ? -9.450  -11.389 -6.400  1.00 0.00  ?  79  TYR A CD2  1 
ATOM   732  C CE1  . TYR A 1 45  ? -6.958  -12.677 -6.667  1.00 0.00  ?  79  TYR A CE1  1 
ATOM   733  C CE2  . TYR A 1 45  ? -8.888  -12.062 -5.299  1.00 0.00  ?  79  TYR A CE2  1 
ATOM   734  C CZ   . TYR A 1 45  ? -7.642  -12.708 -5.432  1.00 0.00  ?  79  TYR A CZ   1 
ATOM   735  O OH   . TYR A 1 45  ? -7.107  -13.345 -4.359  1.00 0.00  ?  79  TYR A OH   1 
ATOM   736  H H    . TYR A 1 45  ? -8.973  -11.822 -11.353 1.00 0.00  ?  79  TYR A H    1 
ATOM   737  H HA   . TYR A 1 45  ? -10.847 -12.135 -9.052  1.00 0.00  ?  79  TYR A HA   1 
ATOM   738  H HB2  . TYR A 1 45  ? -8.566  -10.171 -9.396  1.00 0.00  ?  79  TYR A HB2  1 
ATOM   739  H HB3  . TYR A 1 45  ? -9.940  -9.783  -8.392  1.00 0.00  ?  79  TYR A HB3  1 
ATOM   740  H HD1  . TYR A 1 45  ? -6.994  -11.965 -8.713  1.00 0.00  ?  79  TYR A HD1  1 
ATOM   741  H HD2  . TYR A 1 45  ? -10.405 -10.896 -6.299  1.00 0.00  ?  79  TYR A HD2  1 
ATOM   742  H HE1  . TYR A 1 45  ? -6.015  -13.177 -6.787  1.00 0.00  ?  79  TYR A HE1  1 
ATOM   743  H HE2  . TYR A 1 45  ? -9.403  -12.101 -4.352  1.00 0.00  ?  79  TYR A HE2  1 
ATOM   744  H HH   . TYR A 1 45  ? -6.264  -13.746 -4.561  1.00 0.00  ?  79  TYR A HH   1 
ATOM   745  N N    . ASN A 1 46  ? -12.183 -10.013 -9.684  1.00 0.00  ?  80  ASN A N    1 
ATOM   746  C CA   . ASN A 1 46  ? -13.374 -9.294  -10.144 1.00 0.00  ?  80  ASN A CA   1 
ATOM   747  C C    . ASN A 1 46  ? -13.802 -8.173  -9.167  1.00 0.00  ?  80  ASN A C    1 
ATOM   748  O O    . ASN A 1 46  ? -14.895 -7.630  -9.281  1.00 0.00  ?  80  ASN A O    1 
ATOM   749  C CB   . ASN A 1 46  ? -14.502 -10.333 -10.330 1.00 0.00  ?  80  ASN A CB   1 
ATOM   750  C CG   . ASN A 1 46  ? -14.900 -11.027 -9.034  1.00 0.00  ?  80  ASN A CG   1 
ATOM   751  O OD1  . ASN A 1 46  ? -15.824 -10.652 -8.338  1.00 0.00  ?  80  ASN A OD1  1 
ATOM   752  N ND2  . ASN A 1 46  ? -14.114 -11.956 -8.543  1.00 0.00  ?  80  ASN A ND2  1 
ATOM   753  H H    . ASN A 1 46  ? -12.079 -10.142 -8.693  1.00 0.00  ?  80  ASN A H    1 
ATOM   754  H HA   . ASN A 1 46  ? -13.157 -8.822  -11.107 1.00 0.00  ?  80  ASN A HA   1 
ATOM   755  H HB2  . ASN A 1 46  ? -15.381 -9.830  -10.736 1.00 0.00  ?  80  ASN A HB2  1 
ATOM   756  H HB3  . ASN A 1 46  ? -14.187 -11.083 -11.055 1.00 0.00  ?  80  ASN A HB3  1 
ATOM   757  H HD21 . ASN A 1 46  ? -13.379 -12.331 -9.118  1.00 0.00  ?  80  ASN A HD21 1 
ATOM   758  H HD22 . ASN A 1 46  ? -14.449 -12.418 -7.718  1.00 0.00  ?  80  ASN A HD22 1 
ATOM   759  N N    . ASN A 1 47  ? -13.051 -7.986  -8.075  1.00 0.00  ?  81  ASN A N    1 
ATOM   760  C CA   . ASN A 1 47  ? -13.430 -7.153  -6.936  1.00 0.00  ?  81  ASN A CA   1 
ATOM   761  C C    . ASN A 1 47  ? -12.187 -6.694  -6.166  1.00 0.00  ?  81  ASN A C    1 
ATOM   762  O O    . ASN A 1 47  ? -11.370 -7.516  -5.747  1.00 0.00  ?  81  ASN A O    1 
ATOM   763  C CB   . ASN A 1 47  ? -14.340 -7.960  -5.989  1.00 0.00  ?  81  ASN A CB   1 
ATOM   764  C CG   . ASN A 1 47  ? -15.814 -7.729  -6.254  1.00 0.00  ?  81  ASN A CG   1 
ATOM   765  O OD1  . ASN A 1 47  ? -16.328 -6.680  -5.910  1.00 0.00  ?  81  ASN A OD1  1 
ATOM   766  N ND2  . ASN A 1 47  ? -16.571 -8.781  -6.444  1.00 0.00  ?  81  ASN A ND2  1 
ATOM   767  H H    . ASN A 1 47  ? -12.115 -8.361  -8.083  1.00 0.00  ?  81  ASN A H    1 
ATOM   768  H HA   . ASN A 1 47  ? -13.963 -6.269  -7.296  1.00 0.00  ?  81  ASN A HA   1 
ATOM   769  H HB2  . ASN A 1 47  ? -14.098 -9.021  -6.033  1.00 0.00  ?  81  ASN A HB2  1 
ATOM   770  H HB3  . ASN A 1 47  ? -14.175 -7.623  -4.967  1.00 0.00  ?  81  ASN A HB3  1 
ATOM   771  H HD21 . ASN A 1 47  ? -16.168 -9.582  -6.922  1.00 0.00  ?  81  ASN A HD21 1 
ATOM   772  H HD22 . ASN A 1 47  ? -17.537 -8.575  -6.605  1.00 0.00  ?  81  ASN A HD22 1 
ATOM   773  N N    . GLN A 1 48  ? -12.182 -5.415  -5.784  1.00 0.00  ?  82  GLN A N    1 
ATOM   774  C CA   . GLN A 1 48  ? -11.043 -4.778  -5.123  1.00 0.00  ?  82  GLN A CA   1 
ATOM   775  C C    . GLN A 1 48  ? -10.845 -5.207  -3.654  1.00 0.00  ?  82  GLN A C    1 
ATOM   776  O O    . GLN A 1 48  ? -9.794  -5.741  -3.337  1.00 0.00  ?  82  GLN A O    1 
ATOM   777  C CB   . GLN A 1 48  ? -11.164 -3.253  -5.304  1.00 0.00  ?  82  GLN A CB   1 
ATOM   778  C CG   . GLN A 1 48  ? -12.344 -2.631  -4.537  1.00 0.00  ?  82  GLN A CG   1 
ATOM   779  C CD   . GLN A 1 48  ? -12.766 -1.267  -5.061  1.00 0.00  ?  82  GLN A CD   1 
ATOM   780  O OE1  . GLN A 1 48  ? -13.069 -1.090  -6.224  1.00 0.00  ?  82  GLN A OE1  1 
ATOM   781  N NE2  . GLN A 1 48  ? -12.926 -0.291  -4.198  1.00 0.00  ?  82  GLN A NE2  1 
ATOM   782  H H    . GLN A 1 48  ? -12.903 -4.813  -6.154  1.00 0.00  ?  82  GLN A H    1 
ATOM   783  H HA   . GLN A 1 48  ? -10.141 -5.087  -5.657  1.00 0.00  ?  82  GLN A HA   1 
ATOM   784  H HB2  . GLN A 1 48  ? -10.241 -2.778  -4.972  1.00 0.00  ?  82  GLN A HB2  1 
ATOM   785  H HB3  . GLN A 1 48  ? -11.276 -3.049  -6.370  1.00 0.00  ?  82  GLN A HB3  1 
ATOM   786  H HG2  . GLN A 1 48  ? -13.220 -3.278  -4.580  1.00 0.00  ?  82  GLN A HG2  1 
ATOM   787  H HG3  . GLN A 1 48  ? -12.038 -2.521  -3.501  1.00 0.00  ?  82  GLN A HG3  1 
ATOM   788  H HE21 . GLN A 1 48  ? -12.703 -0.428  -3.226  1.00 0.00  ?  82  GLN A HE21 1 
ATOM   789  H HE22 . GLN A 1 48  ? -13.240 0.584   -4.579  1.00 0.00  ?  82  GLN A HE22 1 
ATOM   790  N N    . ASN A 1 49  ? -11.845 -5.103  -2.766  1.00 0.00  ?  83  ASN A N    1 
ATOM   791  C CA   . ASN A 1 49  ? -11.606 -5.108  -1.304  1.00 0.00  ?  83  ASN A CA   1 
ATOM   792  C C    . ASN A 1 49  ? -10.852 -6.353  -0.781  1.00 0.00  ?  83  ASN A C    1 
ATOM   793  O O    . ASN A 1 49  ? -9.899  -6.237  -0.012  1.00 0.00  ?  83  ASN A O    1 
ATOM   794  C CB   . ASN A 1 49  ? -12.953 -4.937  -0.569  1.00 0.00  ?  83  ASN A CB   1 
ATOM   795  C CG   . ASN A 1 49  ? -13.680 -3.638  -0.896  1.00 0.00  ?  83  ASN A CG   1 
ATOM   796  O OD1  . ASN A 1 49  ? -13.101 -2.654  -1.312  1.00 0.00  ?  83  ASN A OD1  1 
ATOM   797  N ND2  . ASN A 1 49  ? -14.990 -3.661  -0.948  1.00 0.00  ?  83  ASN A ND2  1 
ATOM   798  H H    . ASN A 1 49  ? -12.687 -4.650  -3.087  1.00 0.00  ?  83  ASN A H    1 
ATOM   799  H HA   . ASN A 1 49  ? -10.982 -4.246  -1.058  1.00 0.00  ?  83  ASN A HA   1 
ATOM   800  H HB2  . ASN A 1 49  ? -13.604 -5.779  -0.804  1.00 0.00  ?  83  ASN A HB2  1 
ATOM   801  H HB3  . ASN A 1 49  ? -12.773 -4.942  0.506   1.00 0.00  ?  83  ASN A HB3  1 
ATOM   802  H HD21 . ASN A 1 49  ? -15.512 -4.461  -0.646  1.00 0.00  ?  83  ASN A HD21 1 
ATOM   803  H HD22 . ASN A 1 49  ? -15.431 -2.799  -1.223  1.00 0.00  ?  83  ASN A HD22 1 
ATOM   804  N N    . ASN A 1 50  ? -11.194 -7.540  -1.293  1.00 0.00  ?  84  ASN A N    1 
ATOM   805  C CA   . ASN A 1 50  ? -10.561 -8.810  -0.914  1.00 0.00  ?  84  ASN A CA   1 
ATOM   806  C C    . ASN A 1 50  ? -9.118  -8.938  -1.439  1.00 0.00  ?  84  ASN A C    1 
ATOM   807  O O    . ASN A 1 50  ? -8.190  -9.148  -0.659  1.00 0.00  ?  84  ASN A O    1 
ATOM   808  C CB   . ASN A 1 50  ? -11.450 -9.953  -1.435  1.00 0.00  ?  84  ASN A CB   1 
ATOM   809  C CG   . ASN A 1 50  ? -12.806 -9.951  -0.755  1.00 0.00  ?  84  ASN A CG   1 
ATOM   810  O OD1  . ASN A 1 50  ? -12.913 -10.070 0.450   1.00 0.00  ?  84  ASN A OD1  1 
ATOM   811  N ND2  . ASN A 1 50  ? -13.862 -9.623  -1.464  1.00 0.00  ?  84  ASN A ND2  1 
ATOM   812  H H    . ASN A 1 50  ? -11.944 -7.554  -1.963  1.00 0.00  ?  84  ASN A H    1 
ATOM   813  H HA   . ASN A 1 50  ? -10.513 -8.874  0.175   1.00 0.00  ?  84  ASN A HA   1 
ATOM   814  H HB2  . ASN A 1 50  ? -11.571 -9.874  -2.515  1.00 0.00  ?  84  ASN A HB2  1 
ATOM   815  H HB3  . ASN A 1 50  ? -10.971 -10.908 -1.214  1.00 0.00  ?  84  ASN A HB3  1 
ATOM   816  H HD21 . ASN A 1 50  ? -13.817 -9.545  -2.463  1.00 0.00  ?  84  ASN A HD21 1 
ATOM   817  H HD22 . ASN A 1 50  ? -14.734 -9.623  -0.962  1.00 0.00  ?  84  ASN A HD22 1 
ATOM   818  N N    . PHE A 1 51  ? -8.912  -8.640  -2.724  1.00 0.00  ?  85  PHE A N    1 
ATOM   819  C CA   . PHE A 1 51  ? -7.598  -8.532  -3.364  1.00 0.00  ?  85  PHE A CA   1 
ATOM   820  C C    . PHE A 1 51  ? -6.701  -7.503  -2.662  1.00 0.00  ?  85  PHE A C    1 
ATOM   821  O O    . PHE A 1 51  ? -5.522  -7.740  -2.399  1.00 0.00  ?  85  PHE A O    1 
ATOM   822  C CB   . PHE A 1 51  ? -7.863  -8.115  -4.817  1.00 0.00  ?  85  PHE A CB   1 
ATOM   823  C CG   . PHE A 1 51  ? -6.653  -7.788  -5.665  1.00 0.00  ?  85  PHE A CG   1 
ATOM   824  C CD1  . PHE A 1 51  ? -5.955  -6.570  -5.507  1.00 0.00  ?  85  PHE A CD1  1 
ATOM   825  C CD2  . PHE A 1 51  ? -6.311  -8.652  -6.714  1.00 0.00  ?  85  PHE A CD2  1 
ATOM   826  C CE1  . PHE A 1 51  ? -4.937  -6.213  -6.407  1.00 0.00  ?  85  PHE A CE1  1 
ATOM   827  C CE2  . PHE A 1 51  ? -5.322  -8.280  -7.630  1.00 0.00  ?  85  PHE A CE2  1 
ATOM   828  C CZ   . PHE A 1 51  ? -4.649  -7.056  -7.492  1.00 0.00  ?  85  PHE A CZ   1 
ATOM   829  H H    . PHE A 1 51  ? -9.708  -8.352  -3.276  1.00 0.00  ?  85  PHE A H    1 
ATOM   830  H HA   . PHE A 1 51  ? -7.090  -9.497  -3.348  1.00 0.00  ?  85  PHE A HA   1 
ATOM   831  H HB2  . PHE A 1 51  ? -8.430  -8.911  -5.301  1.00 0.00  ?  85  PHE A HB2  1 
ATOM   832  H HB3  . PHE A 1 51  ? -8.501  -7.234  -4.834  1.00 0.00  ?  85  PHE A HB3  1 
ATOM   833  H HD1  . PHE A 1 51  ? -6.233  -5.871  -4.736  1.00 0.00  ?  85  PHE A HD1  1 
ATOM   834  H HD2  . PHE A 1 51  ? -6.839  -9.583  -6.848  1.00 0.00  ?  85  PHE A HD2  1 
ATOM   835  H HE1  . PHE A 1 51  ? -4.422  -5.268  -6.307  1.00 0.00  ?  85  PHE A HE1  1 
ATOM   836  H HE2  . PHE A 1 51  ? -5.081  -8.937  -8.450  1.00 0.00  ?  85  PHE A HE2  1 
ATOM   837  H HZ   . PHE A 1 51  ? -3.899  -6.772  -8.219  1.00 0.00  ?  85  PHE A HZ   1 
ATOM   838  N N    . VAL A 1 52  ? -7.281  -6.349  -2.340  1.00 0.00  ?  86  VAL A N    1 
ATOM   839  C CA   . VAL A 1 52  ? -6.615  -5.206  -1.722  1.00 0.00  ?  86  VAL A CA   1 
ATOM   840  C C    . VAL A 1 52  ? -6.183  -5.520  -0.296  1.00 0.00  ?  86  VAL A C    1 
ATOM   841  O O    . VAL A 1 52  ? -5.036  -5.226  0.033   1.00 0.00  ?  86  VAL A O    1 
ATOM   842  C CB   . VAL A 1 52  ? -7.527  -3.972  -1.792  1.00 0.00  ?  86  VAL A CB   1 
ATOM   843  C CG1  . VAL A 1 52  ? -7.047  -2.840  -0.884  1.00 0.00  ?  86  VAL A CG1  1 
ATOM   844  C CG2  . VAL A 1 52  ? -7.576  -3.465  -3.240  1.00 0.00  ?  86  VAL A CG2  1 
ATOM   845  H H    . VAL A 1 52  ? -8.251  -6.230  -2.614  1.00 0.00  ?  86  VAL A H    1 
ATOM   846  H HA   . VAL A 1 52  ? -5.710  -4.986  -2.286  1.00 0.00  ?  86  VAL A HA   1 
ATOM   847  H HB   . VAL A 1 52  ? -8.535  -4.244  -1.481  1.00 0.00  ?  86  VAL A HB   1 
ATOM   848  H HG11 . VAL A 1 52  ? -7.364  -3.035  0.142   1.00 0.00  ?  86  VAL A HG11 1 
ATOM   849  H HG12 . VAL A 1 52  ? -7.488  -1.897  -1.204  1.00 0.00  ?  86  VAL A HG12 1 
ATOM   850  H HG13 . VAL A 1 52  ? -5.964  -2.764  -0.900  1.00 0.00  ?  86  VAL A HG13 1 
ATOM   851  H HG21 . VAL A 1 52  ? -6.613  -3.057  -3.530  1.00 0.00  ?  86  VAL A HG21 1 
ATOM   852  H HG22 . VAL A 1 52  ? -8.340  -2.695  -3.325  1.00 0.00  ?  86  VAL A HG22 1 
ATOM   853  H HG23 . VAL A 1 52  ? -7.831  -4.267  -3.930  1.00 0.00  ?  86  VAL A HG23 1 
ATOM   854  N N    . HIS A 1 53  ? -6.960  -6.325  0.440   1.00 0.00  ?  87  HIS A N    1 
ATOM   855  C CA   . HIS A 1 53  ? -6.547  -6.880  1.732   1.00 0.00  ?  87  HIS A CA   1 
ATOM   856  C C    . HIS A 1 53  ? -5.282  -7.741  1.631   1.00 0.00  ?  87  HIS A C    1 
ATOM   857  O O    . HIS A 1 53  ? -4.338  -7.527  2.389   1.00 0.00  ?  87  HIS A O    1 
ATOM   858  C CB   . HIS A 1 53  ? -7.707  -7.667  2.353   1.00 0.00  ?  87  HIS A CB   1 
ATOM   859  C CG   . HIS A 1 53  ? -7.436  -8.027  3.790   1.00 0.00  ?  87  HIS A CG   1 
ATOM   860  N ND1  . HIS A 1 53  ? -7.293  -9.304  4.300   1.00 0.00  ?  87  HIS A ND1  1 
ATOM   861  C CD2  . HIS A 1 53  ? -7.266  -7.137  4.814   1.00 0.00  ?  87  HIS A CD2  1 
ATOM   862  C CE1  . HIS A 1 53  ? -7.067  -9.191  5.628   1.00 0.00  ?  87  HIS A CE1  1 
ATOM   863  N NE2  . HIS A 1 53  ? -7.029  -7.878  5.957   1.00 0.00  ?  87  HIS A NE2  1 
ATOM   864  H H    . HIS A 1 53  ? -7.892  -6.536  0.095   1.00 0.00  ?  87  HIS A H    1 
ATOM   865  H HA   . HIS A 1 53  ? -6.316  -6.045  2.391   1.00 0.00  ?  87  HIS A HA   1 
ATOM   866  H HB2  . HIS A 1 53  ? -8.617  -7.063  2.314   1.00 0.00  ?  87  HIS A HB2  1 
ATOM   867  H HB3  . HIS A 1 53  ? -7.884  -8.578  1.781   1.00 0.00  ?  87  HIS A HB3  1 
ATOM   868  H HD1  . HIS A 1 53  ? -7.344  -10.159 3.750   1.00 0.00  ?  87  HIS A HD1  1 
ATOM   869  H HD2  . HIS A 1 53  ? -7.304  -6.052  4.737   1.00 0.00  ?  87  HIS A HD2  1 
ATOM   870  H HE1  . HIS A 1 53  ? -6.949  -10.019 6.323   1.00 0.00  ?  87  HIS A HE1  1 
ATOM   871  H HE2  . HIS A 1 53  ? -6.853  -7.480  6.878   1.00 0.00  ?  87  HIS A HE2  1 
ATOM   872  N N    . ASP A 1 54  ? -5.193  -8.627  0.640   1.00 0.00  ?  88  ASP A N    1 
ATOM   873  C CA   . ASP A 1 54  ? -3.962  -9.388  0.383   1.00 0.00  ?  88  ASP A CA   1 
ATOM   874  C C    . ASP A 1 54  ? -2.802  -8.489  -0.071  1.00 0.00  ?  88  ASP A C    1 
ATOM   875  O O    . ASP A 1 54  ? -1.678  -8.659  0.399   1.00 0.00  ?  88  ASP A O    1 
ATOM   876  C CB   . ASP A 1 54  ? -4.214  -10.502 -0.645  1.00 0.00  ?  88  ASP A CB   1 
ATOM   877  C CG   . ASP A 1 54  ? -4.735  -11.803 -0.019  1.00 0.00  ?  88  ASP A CG   1 
ATOM   878  O OD1  . ASP A 1 54  ? -5.237  -11.728 1.130   1.00 0.00  ?  88  ASP A OD1  1 
ATOM   879  O OD2  . ASP A 1 54  ? -4.233  -12.843 -0.508  1.00 0.00  -1 88  ASP A OD2  1 
ATOM   880  H H    . ASP A 1 54  ? -5.995  -8.781  0.040   1.00 0.00  ?  88  ASP A H    1 
ATOM   881  H HA   . ASP A 1 54  ? -3.638  -9.860  1.311   1.00 0.00  ?  88  ASP A HA   1 
ATOM   882  H HB2  . ASP A 1 54  ? -4.896  -10.158 -1.424  1.00 0.00  ?  88  ASP A HB2  1 
ATOM   883  H HB3  . ASP A 1 54  ? -3.262  -10.735 -1.125  1.00 0.00  ?  88  ASP A HB3  1 
ATOM   884  N N    . CYS A 1 55  ? -3.088  -7.462  -0.876  1.00 0.00  ?  89  CYS A N    1 
ATOM   885  C CA   . CYS A 1 55  ? -2.102  -6.513  -1.389  1.00 0.00  ?  89  CYS A CA   1 
ATOM   886  C C    . CYS A 1 55  ? -1.443  -5.651  -0.291  1.00 0.00  ?  89  CYS A C    1 
ATOM   887  O O    . CYS A 1 55  ? -0.211  -5.546  -0.229  1.00 0.00  ?  89  CYS A O    1 
ATOM   888  C CB   . CYS A 1 55  ? -2.797  -5.641  -2.442  1.00 0.00  ?  89  CYS A CB   1 
ATOM   889  S SG   . CYS A 1 55  ? -1.576  -4.578  -3.256  1.00 0.00  ?  89  CYS A SG   1 
ATOM   890  H H    . CYS A 1 55  ? -4.038  -7.401  -1.228  1.00 0.00  ?  89  CYS A H    1 
ATOM   891  H HA   . CYS A 1 55  ? -1.317  -7.087  -1.873  1.00 0.00  ?  89  CYS A HA   1 
ATOM   892  H HB2  . CYS A 1 55  ? -3.289  -6.271  -3.186  1.00 0.00  ?  89  CYS A HB2  1 
ATOM   893  H HB3  . CYS A 1 55  ? -3.546  -5.015  -1.960  1.00 0.00  ?  89  CYS A HB3  1 
ATOM   894  H HG   . CYS A 1 55  ? -0.512  -5.076  -2.607  1.00 0.00  ?  89  CYS A HG   1 
ATOM   895  N N    . VAL A 1 56  ? -2.246  -5.074  0.613   1.00 0.00  ?  90  VAL A N    1 
ATOM   896  C CA   . VAL A 1 56  ? -1.741  -4.338  1.784   1.00 0.00  ?  90  VAL A CA   1 
ATOM   897  C C    . VAL A 1 56  ? -0.983  -5.265  2.733   1.00 0.00  ?  90  VAL A C    1 
ATOM   898  O O    . VAL A 1 56  ? 0.178   -4.983  3.038   1.00 0.00  ?  90  VAL A O    1 
ATOM   899  C CB   . VAL A 1 56  ? -2.852  -3.525  2.493   1.00 0.00  ?  90  VAL A CB   1 
ATOM   900  C CG1  . VAL A 1 56  ? -3.970  -4.361  3.115   1.00 0.00  ?  90  VAL A CG1  1 
ATOM   901  C CG2  . VAL A 1 56  ? -2.314  -2.649  3.625   1.00 0.00  ?  90  VAL A CG2  1 
ATOM   902  H H    . VAL A 1 56  ? -3.250  -5.213  0.521   1.00 0.00  ?  90  VAL A H    1 
ATOM   903  H HA   . VAL A 1 56  ? -1.011  -3.622  1.415   1.00 0.00  ?  90  VAL A HA   1 
ATOM   904  H HB   . VAL A 1 56  ? -3.300  -2.868  1.746   1.00 0.00  ?  90  VAL A HB   1 
ATOM   905  H HG11 . VAL A 1 56  ? -3.596  -4.976  3.933   1.00 0.00  ?  90  VAL A HG11 1 
ATOM   906  H HG12 . VAL A 1 56  ? -4.409  -4.995  2.361   1.00 0.00  ?  90  VAL A HG12 1 
ATOM   907  H HG13 . VAL A 1 56  ? -4.748  -3.699  3.501   1.00 0.00  ?  90  VAL A HG13 1 
ATOM   908  H HG21 . VAL A 1 56  ? -2.067  -3.267  4.486   1.00 0.00  ?  90  VAL A HG21 1 
ATOM   909  H HG22 . VAL A 1 56  ? -3.082  -1.933  3.921   1.00 0.00  ?  90  VAL A HG22 1 
ATOM   910  H HG23 . VAL A 1 56  ? -1.430  -2.102  3.316   1.00 0.00  ?  90  VAL A HG23 1 
ATOM   911  N N    . ASN A 1 57  ? -1.486  -6.489  2.938   1.00 0.00  ?  91  ASN A N    1 
ATOM   912  C CA   . ASN A 1 57  ? -0.826  -7.500  3.760   1.00 0.00  ?  91  ASN A CA   1 
ATOM   913  C C    . ASN A 1 57  ? 0.584   -7.849  3.263   1.00 0.00  ?  91  ASN A C    1 
ATOM   914  O O    . ASN A 1 57  ? 1.520   -7.818  4.062   1.00 0.00  ?  91  ASN A O    1 
ATOM   915  C CB   . ASN A 1 57  ? -1.687  -8.774  3.837   1.00 0.00  ?  91  ASN A CB   1 
ATOM   916  C CG   . ASN A 1 57  ? -2.907  -8.661  4.730   1.00 0.00  ?  91  ASN A CG   1 
ATOM   917  O OD1  . ASN A 1 57  ? -2.994  -7.852  5.633   1.00 0.00  ?  91  ASN A OD1  1 
ATOM   918  N ND2  . ASN A 1 57  ? -3.766  -9.651  4.688   1.00 0.00  ?  91  ASN A ND2  1 
ATOM   919  H H    . ASN A 1 57  ? -2.425  -6.682  2.603   1.00 0.00  ?  91  ASN A H    1 
ATOM   920  H HA   . ASN A 1 57  ? -0.710  -7.095  4.769   1.00 0.00  ?  91  ASN A HA   1 
ATOM   921  H HB2  . ASN A 1 57  ? -2.012  -9.057  2.841   1.00 0.00  ?  91  ASN A HB2  1 
ATOM   922  H HB3  . ASN A 1 57  ? -1.081  -9.587  4.235   1.00 0.00  ?  91  ASN A HB3  1 
ATOM   923  H HD21 . ASN A 1 57  ? -3.744  -10.303 3.921   1.00 0.00  ?  91  ASN A HD21 1 
ATOM   924  H HD22 . ASN A 1 57  ? -4.546  -9.541  5.300   1.00 0.00  ?  91  ASN A HD22 1 
ATOM   925  N N    . ILE A 1 58  ? 0.775   -8.200  1.981   1.00 0.00  ?  92  ILE A N    1 
ATOM   926  C CA   . ILE A 1 58  ? 2.106   -8.614  1.499   1.00 0.00  ?  92  ILE A CA   1 
ATOM   927  C C    . ILE A 1 58  ? 3.114   -7.454  1.486   1.00 0.00  ?  92  ILE A C    1 
ATOM   928  O O    . ILE A 1 58  ? 4.257   -7.658  1.911   1.00 0.00  ?  92  ILE A O    1 
ATOM   929  C CB   . ILE A 1 58  ? 2.047   -9.377  0.150   1.00 0.00  ?  92  ILE A CB   1 
ATOM   930  C CG1  . ILE A 1 58  ? 3.428   -9.878  -0.339  1.00 0.00  ?  92  ILE A CG1  1 
ATOM   931  C CG2  . ILE A 1 58  ? 1.420   -8.552  -0.977  1.00 0.00  ?  92  ILE A CG2  1 
ATOM   932  C CD1  . ILE A 1 58  ? 4.144   -10.814 0.642   1.00 0.00  ?  92  ILE A CD1  1 
ATOM   933  H H    . ILE A 1 58  ? -0.025  -8.223  1.349   1.00 0.00  ?  92  ILE A H    1 
ATOM   934  H HA   . ILE A 1 58  ? 2.484   -9.322  2.233   1.00 0.00  ?  92  ILE A HA   1 
ATOM   935  H HB   . ILE A 1 58  ? 1.419   -10.258 0.293   1.00 0.00  ?  92  ILE A HB   1 
ATOM   936  H HG12 . ILE A 1 58  ? 3.285   -10.432 -1.268  1.00 0.00  ?  92  ILE A HG12 1 
ATOM   937  H HG13 . ILE A 1 58  ? 4.075   -9.027  -0.558  1.00 0.00  ?  92  ILE A HG13 1 
ATOM   938  H HG21 . ILE A 1 58  ? 0.340   -8.550  -0.884  1.00 0.00  ?  92  ILE A HG21 1 
ATOM   939  H HG22 . ILE A 1 58  ? 1.658   -8.973  -1.952  1.00 0.00  ?  92  ILE A HG22 1 
ATOM   940  H HG23 . ILE A 1 58  ? 1.761   -7.523  -0.945  1.00 0.00  ?  92  ILE A HG23 1 
ATOM   941  H HD11 . ILE A 1 58  ? 3.489   -11.644 0.908   1.00 0.00  ?  92  ILE A HD11 1 
ATOM   942  H HD12 . ILE A 1 58  ? 4.428   -10.276 1.546   1.00 0.00  ?  92  ILE A HD12 1 
ATOM   943  H HD13 . ILE A 1 58  ? 5.046   -11.205 0.172   1.00 0.00  ?  92  ILE A HD13 1 
ATOM   944  N N    . THR A 1 59  ? 2.698   -6.222  1.145   1.00 0.00  ?  93  THR A N    1 
ATOM   945  C CA   . THR A 1 59  ? 3.637   -5.087  1.171   1.00 0.00  ?  93  THR A CA   1 
ATOM   946  C C    . THR A 1 59  ? 3.999   -4.677  2.592   1.00 0.00  ?  93  THR A C    1 
ATOM   947  O O    . THR A 1 59  ? 5.186   -4.551  2.893   1.00 0.00  ?  93  THR A O    1 
ATOM   948  C CB   . THR A 1 59  ? 3.170   -3.874  0.349   1.00 0.00  ?  93  THR A CB   1 
ATOM   949  O OG1  . THR A 1 59  ? 4.324   -3.290  -0.204  1.00 0.00  ?  93  THR A OG1  1 
ATOM   950  C CG2  . THR A 1 59  ? 2.467   -2.752  1.108   1.00 0.00  ?  93  THR A CG2  1 
ATOM   951  H H    . THR A 1 59  ? 1.731   -6.080  0.865   1.00 0.00  ?  93  THR A H    1 
ATOM   952  H HA   . THR A 1 59  ? 4.559   -5.435  0.705   1.00 0.00  ?  93  THR A HA   1 
ATOM   953  H HB   . THR A 1 59  ? 2.522   -4.214  -0.459  1.00 0.00  ?  93  THR A HB   1 
ATOM   954  H HG1  . THR A 1 59  ? 4.107   -2.364  -0.432  1.00 0.00  ?  93  THR A HG1  1 
ATOM   955  H HG21 . THR A 1 59  ? 2.111   -1.998  0.408   1.00 0.00  ?  93  THR A HG21 1 
ATOM   956  H HG22 . THR A 1 59  ? 3.148   -2.268  1.810   1.00 0.00  ?  93  THR A HG22 1 
ATOM   957  H HG23 . THR A 1 59  ? 1.614   -3.160  1.647   1.00 0.00  ?  93  THR A HG23 1 
ATOM   958  N N    . ILE A 1 60  ? 3.024   -4.615  3.510   1.00 0.00  ?  94  ILE A N    1 
ATOM   959  C CA   . ILE A 1 60  ? 3.283   -4.313  4.921   1.00 0.00  ?  94  ILE A CA   1 
ATOM   960  C C    . ILE A 1 60  ? 4.158   -5.411  5.524   1.00 0.00  ?  94  ILE A C    1 
ATOM   961  O O    . ILE A 1 60  ? 5.241   -5.096  6.008   1.00 0.00  ?  94  ILE A O    1 
ATOM   962  C CB   . ILE A 1 60  ? 1.969   -4.073  5.708   1.00 0.00  ?  94  ILE A CB   1 
ATOM   963  C CG1  . ILE A 1 60  ? 1.336   -2.739  5.233   1.00 0.00  ?  94  ILE A CG1  1 
ATOM   964  C CG2  . ILE A 1 60  ? 2.220   -4.047  7.229   1.00 0.00  ?  94  ILE A CG2  1 
ATOM   965  C CD1  . ILE A 1 60  ? 0.116   -2.274  6.041   1.00 0.00  ?  94  ILE A CD1  1 
ATOM   966  H H    . ILE A 1 60  ? 2.060   -4.777  3.224   1.00 0.00  ?  94  ILE A H    1 
ATOM   967  H HA   . ILE A 1 60  ? 3.867   -3.393  4.970   1.00 0.00  ?  94  ILE A HA   1 
ATOM   968  H HB   . ILE A 1 60  ? 1.277   -4.891  5.501   1.00 0.00  ?  94  ILE A HB   1 
ATOM   969  H HG12 . ILE A 1 60  ? 2.083   -1.947  5.271   1.00 0.00  ?  94  ILE A HG12 1 
ATOM   970  H HG13 . ILE A 1 60  ? 1.028   -2.842  4.194   1.00 0.00  ?  94  ILE A HG13 1 
ATOM   971  H HG21 . ILE A 1 60  ? 1.273   -3.951  7.763   1.00 0.00  ?  94  ILE A HG21 1 
ATOM   972  H HG22 . ILE A 1 60  ? 2.855   -3.205  7.492   1.00 0.00  ?  94  ILE A HG22 1 
ATOM   973  H HG23 . ILE A 1 60  ? 2.677   -4.972  7.577   1.00 0.00  ?  94  ILE A HG23 1 
ATOM   974  H HD11 . ILE A 1 60  ? -0.586  -3.099  6.162   1.00 0.00  ?  94  ILE A HD11 1 
ATOM   975  H HD12 . ILE A 1 60  ? -0.374  -1.452  5.519   1.00 0.00  ?  94  ILE A HD12 1 
ATOM   976  H HD13 . ILE A 1 60  ? 0.420   -1.919  7.024   1.00 0.00  ?  94  ILE A HD13 1 
ATOM   977  N N    . LYS A 1 61  ? 3.853   -6.695  5.289   1.00 0.00  ?  95  LYS A N    1 
ATOM   978  C CA   . LYS A 1 61  ? 4.639   -7.824  5.815   1.00 0.00  ?  95  LYS A CA   1 
ATOM   979  C C    . LYS A 1 61  ? 6.109   -7.780  5.410   1.00 0.00  ?  95  LYS A C    1 
ATOM   980  O O    . LYS A 1 61  ? 6.969   -7.958  6.264   1.00 0.00  ?  95  LYS A O    1 
ATOM   981  C CB   . LYS A 1 61  ? 4.001   -9.145  5.362   1.00 0.00  ?  95  LYS A CB   1 
ATOM   982  C CG   . LYS A 1 61  ? 4.676   -10.399 5.937   1.00 0.00  ?  95  LYS A CG   1 
ATOM   983  C CD   . LYS A 1 61  ? 4.592   -10.430 7.474   1.00 0.00  ?  95  LYS A CD   1 
ATOM   984  C CE   . LYS A 1 61  ? 4.800   -11.831 8.062   1.00 0.00  ?  95  LYS A CE   1 
ATOM   985  N NZ   . LYS A 1 61  ? 3.718   -12.763 7.655   1.00 0.00  1  95  LYS A NZ   1 
ATOM   986  H H    . LYS A 1 61  ? 2.976   -6.895  4.812   1.00 0.00  ?  95  LYS A H    1 
ATOM   987  H HA   . LYS A 1 61  ? 4.619   -7.759  6.904   1.00 0.00  ?  95  LYS A HA   1 
ATOM   988  H HB2  . LYS A 1 61  ? 2.955   -9.154  5.669   1.00 0.00  ?  95  LYS A HB2  1 
ATOM   989  H HB3  . LYS A 1 61  ? 4.032   -9.201  4.272   1.00 0.00  ?  95  LYS A HB3  1 
ATOM   990  H HG2  . LYS A 1 61  ? 4.167   -11.265 5.515   1.00 0.00  ?  95  LYS A HG2  1 
ATOM   991  H HG3  . LYS A 1 61  ? 5.721   -10.445 5.628   1.00 0.00  ?  95  LYS A HG3  1 
ATOM   992  H HD2  . LYS A 1 61  ? 5.359   -9.766  7.881   1.00 0.00  ?  95  LYS A HD2  1 
ATOM   993  H HD3  . LYS A 1 61  ? 3.621   -10.053 7.798   1.00 0.00  ?  95  LYS A HD3  1 
ATOM   994  H HE2  . LYS A 1 61  ? 5.778   -12.208 7.748   1.00 0.00  ?  95  LYS A HE2  1 
ATOM   995  H HE3  . LYS A 1 61  ? 4.815   -11.738 9.153   1.00 0.00  ?  95  LYS A HE3  1 
ATOM   996  H HZ1  . LYS A 1 61  ? 3.796   -13.643 8.149   1.00 0.00  ?  95  LYS A HZ1  1 
ATOM   997  H HZ2  . LYS A 1 61  ? 3.762   -12.941 6.660   1.00 0.00  ?  95  LYS A HZ2  1 
ATOM   998  H HZ3  . LYS A 1 61  ? 2.812   -12.360 7.865   1.00 0.00  ?  95  LYS A HZ3  1 
ATOM   999  N N    . GLN A 1 62  ? 6.402   -7.631  4.119   1.00 0.00  ?  96  GLN A N    1 
ATOM   1000 C CA   . GLN A 1 62  ? 7.788   -7.596  3.646   1.00 0.00  ?  96  GLN A CA   1 
ATOM   1001 C C    . GLN A 1 62  ? 8.475   -6.285  4.040   1.00 0.00  ?  96  GLN A C    1 
ATOM   1002 O O    . GLN A 1 62  ? 9.540   -6.298  4.650   1.00 0.00  ?  96  GLN A O    1 
ATOM   1003 C CB   . GLN A 1 62  ? 7.818   -7.796  2.121   1.00 0.00  ?  96  GLN A CB   1 
ATOM   1004 C CG   . GLN A 1 62  ? 7.523   -9.252  1.716   1.00 0.00  ?  96  GLN A CG   1 
ATOM   1005 C CD   . GLN A 1 62  ? 8.650   -10.231 2.051   1.00 0.00  ?  96  GLN A CD   1 
ATOM   1006 O OE1  . GLN A 1 62  ? 9.735   -9.884  2.474   1.00 0.00  ?  96  GLN A OE1  1 
ATOM   1007 N NE2  . GLN A 1 62  ? 8.441   -11.518 1.887   1.00 0.00  ?  96  GLN A NE2  1 
ATOM   1008 H H    . GLN A 1 62  ? 5.643   -7.509  3.456   1.00 0.00  ?  96  GLN A H    1 
ATOM   1009 H HA   . GLN A 1 62  ? 8.358   -8.397  4.120   1.00 0.00  ?  96  GLN A HA   1 
ATOM   1010 H HB2  . GLN A 1 62  ? 7.080   -7.140  1.656   1.00 0.00  ?  96  GLN A HB2  1 
ATOM   1011 H HB3  . GLN A 1 62  ? 8.801   -7.517  1.736   1.00 0.00  ?  96  GLN A HB3  1 
ATOM   1012 H HG2  . GLN A 1 62  ? 6.611   -9.586  2.208   1.00 0.00  ?  96  GLN A HG2  1 
ATOM   1013 H HG3  . GLN A 1 62  ? 7.355   -9.287  0.640   1.00 0.00  ?  96  GLN A HG3  1 
ATOM   1014 H HE21 . GLN A 1 62  ? 7.552   -11.860 1.584   1.00 0.00  ?  96  GLN A HE21 1 
ATOM   1015 H HE22 . GLN A 1 62  ? 9.214   -12.102 2.158   1.00 0.00  ?  96  GLN A HE22 1 
ATOM   1016 N N    . HIS A 1 63  ? 7.824   -5.142  3.805   1.00 0.00  ?  97  HIS A N    1 
ATOM   1017 C CA   . HIS A 1 63  ? 8.469   -3.835  3.943   1.00 0.00  ?  97  HIS A CA   1 
ATOM   1018 C C    . HIS A 1 63  ? 8.620   -3.387  5.405   1.00 0.00  ?  97  HIS A C    1 
ATOM   1019 O O    . HIS A 1 63  ? 9.605   -2.717  5.703   1.00 0.00  ?  97  HIS A O    1 
ATOM   1020 C CB   . HIS A 1 63  ? 7.706   -2.819  3.081   1.00 0.00  ?  97  HIS A CB   1 
ATOM   1021 C CG   . HIS A 1 63  ? 8.537   -1.684  2.518   1.00 0.00  ?  97  HIS A CG   1 
ATOM   1022 N ND1  . HIS A 1 63  ? 8.465   -1.228  1.214   1.00 0.00  ?  97  HIS A ND1  1 
ATOM   1023 C CD2  . HIS A 1 63  ? 9.463   -0.911  3.169   1.00 0.00  ?  97  HIS A CD2  1 
ATOM   1024 C CE1  . HIS A 1 63  ? 9.341   -0.212  1.075   1.00 0.00  ?  97  HIS A CE1  1 
ATOM   1025 N NE2  . HIS A 1 63  ? 9.954   0.001   2.256   1.00 0.00  ?  97  HIS A NE2  1 
ATOM   1026 H H    . HIS A 1 63  ? 6.890   -5.183  3.409   1.00 0.00  ?  97  HIS A H    1 
ATOM   1027 H HA   . HIS A 1 63  ? 9.480   -3.930  3.541   1.00 0.00  ?  97  HIS A HA   1 
ATOM   1028 H HB2  . HIS A 1 63  ? 7.288   -3.343  2.220   1.00 0.00  ?  97  HIS A HB2  1 
ATOM   1029 H HB3  . HIS A 1 63  ? 6.861   -2.434  3.651   1.00 0.00  ?  97  HIS A HB3  1 
ATOM   1030 H HD1  . HIS A 1 63  ? 7.901   -1.642  0.479   1.00 0.00  ?  97  HIS A HD1  1 
ATOM   1031 H HD2  . HIS A 1 63  ? 9.762   -0.986  4.206   1.00 0.00  ?  97  HIS A HD2  1 
ATOM   1032 H HE1  . HIS A 1 63  ? 9.563   0.308   0.149   1.00 0.00  ?  97  HIS A HE1  1 
ATOM   1033 H HE2  . HIS A 1 63  ? 10.678  0.690   2.443   1.00 0.00  ?  97  HIS A HE2  1 
ATOM   1034 N N    . THR A 1 64  ? 7.739   -3.795  6.325   1.00 0.00  ?  98  THR A N    1 
ATOM   1035 C CA   . THR A 1 64  ? 7.966   -3.607  7.775   1.00 0.00  ?  98  THR A CA   1 
ATOM   1036 C C    . THR A 1 64  ? 9.210   -4.358  8.241   1.00 0.00  ?  98  THR A C    1 
ATOM   1037 O O    . THR A 1 64  ? 10.153  -3.701  8.659   1.00 0.00  ?  98  THR A O    1 
ATOM   1038 C CB   . THR A 1 64  ? 6.776   -4.002  8.661   1.00 0.00  ?  98  THR A CB   1 
ATOM   1039 O OG1  . THR A 1 64  ? 6.353   -5.311  8.369   1.00 0.00  ?  98  THR A OG1  1 
ATOM   1040 C CG2  . THR A 1 64  ? 5.604   -3.037  8.485   1.00 0.00  ?  98  THR A CG2  1 
ATOM   1041 H H    . THR A 1 64  ? 6.953   -4.362  6.033   1.00 0.00  ?  98  THR A H    1 
ATOM   1042 H HA   . THR A 1 64  ? 8.146   -2.551  7.964   1.00 0.00  ?  98  THR A HA   1 
ATOM   1043 H HB   . THR A 1 64  ? 7.089   -3.965  9.702   1.00 0.00  ?  98  THR A HB   1 
ATOM   1044 H HG1  . THR A 1 64  ? 5.840   -5.262  7.544   1.00 0.00  ?  98  THR A HG1  1 
ATOM   1045 H HG21 . THR A 1 64  ? 5.302   -2.972  7.441   1.00 0.00  ?  98  THR A HG21 1 
ATOM   1046 H HG22 . THR A 1 64  ? 5.898   -2.045  8.830   1.00 0.00  ?  98  THR A HG22 1 
ATOM   1047 H HG23 . THR A 1 64  ? 4.763   -3.376  9.091   1.00 0.00  ?  98  THR A HG23 1 
ATOM   1048 N N    . VAL A 1 65  ? 9.374   -5.626  7.844   1.00 0.00  ?  99  VAL A N    1 
ATOM   1049 C CA   . VAL A 1 65  ? 10.611  -6.393  8.093   1.00 0.00  ?  99  VAL A CA   1 
ATOM   1050 C C    . VAL A 1 65  ? 11.846  -5.717  7.472   1.00 0.00  ?  99  VAL A C    1 
ATOM   1051 O O    . VAL A 1 65  ? 12.809  -5.468  8.192   1.00 0.00  ?  99  VAL A O    1 
ATOM   1052 C CB   . VAL A 1 65  ? 10.461  -7.854  7.619   1.00 0.00  ?  99  VAL A CB   1 
ATOM   1053 C CG1  . VAL A 1 65  ? 11.751  -8.663  7.797   1.00 0.00  ?  99  VAL A CG1  1 
ATOM   1054 C CG2  . VAL A 1 65  ? 9.363   -8.586  8.407   1.00 0.00  ?  99  VAL A CG2  1 
ATOM   1055 H H    . VAL A 1 65  ? 8.578   -6.108  7.446   1.00 0.00  ?  99  VAL A H    1 
ATOM   1056 H HA   . VAL A 1 65  ? 10.781  -6.412  9.169   1.00 0.00  ?  99  VAL A HA   1 
ATOM   1057 H HB   . VAL A 1 65  ? 10.193  -7.866  6.565   1.00 0.00  ?  99  VAL A HB   1 
ATOM   1058 H HG11 . VAL A 1 65  ? 11.581  -9.699  7.506   1.00 0.00  ?  99  VAL A HG11 1 
ATOM   1059 H HG12 . VAL A 1 65  ? 12.073  -8.631  8.839   1.00 0.00  ?  99  VAL A HG12 1 
ATOM   1060 H HG13 . VAL A 1 65  ? 12.543  -8.260  7.166   1.00 0.00  ?  99  VAL A HG13 1 
ATOM   1061 H HG21 . VAL A 1 65  ? 9.185   -9.562  7.959   1.00 0.00  ?  99  VAL A HG21 1 
ATOM   1062 H HG22 . VAL A 1 65  ? 8.430   -8.025  8.380   1.00 0.00  ?  99  VAL A HG22 1 
ATOM   1063 H HG23 . VAL A 1 65  ? 9.664   -8.711  9.447   1.00 0.00  ?  99  VAL A HG23 1 
ATOM   1064 N N    . THR A 1 66  ? 11.768  -5.257  6.215   1.00 0.00  ?  100 THR A N    1 
ATOM   1065 C CA   . THR A 1 66  ? 12.850  -4.512  5.534   1.00 0.00  ?  100 THR A CA   1 
ATOM   1066 C C    . THR A 1 66  ? 13.255  -3.215  6.242   1.00 0.00  ?  100 THR A C    1 
ATOM   1067 O O    . THR A 1 66  ? 14.405  -2.796  6.125   1.00 0.00  ?  100 THR A O    1 
ATOM   1068 C CB   . THR A 1 66  ? 12.438  -4.137  4.095   1.00 0.00  ?  100 THR A CB   1 
ATOM   1069 O OG1  . THR A 1 66  ? 12.011  -5.259  3.363   1.00 0.00  ?  100 THR A OG1  1 
ATOM   1070 C CG2  . THR A 1 66  ? 13.545  -3.502  3.253   1.00 0.00  ?  100 THR A CG2  1 
ATOM   1071 H H    . THR A 1 66  ? 10.956  -5.524  5.665   1.00 0.00  ?  100 THR A H    1 
ATOM   1072 H HA   . THR A 1 66  ? 13.737  -5.143  5.497   1.00 0.00  ?  100 THR A HA   1 
ATOM   1073 H HB   . THR A 1 66  ? 11.607  -3.434  4.144   1.00 0.00  ?  100 THR A HB   1 
ATOM   1074 H HG1  . THR A 1 66  ? 12.689  -5.936  3.427   1.00 0.00  ?  100 THR A HG1  1 
ATOM   1075 H HG21 . THR A 1 66  ? 13.800  -2.519  3.648   1.00 0.00  ?  100 THR A HG21 1 
ATOM   1076 H HG22 . THR A 1 66  ? 13.199  -3.376  2.227   1.00 0.00  ?  100 THR A HG22 1 
ATOM   1077 H HG23 . THR A 1 66  ? 14.434  -4.133  3.263   1.00 0.00  ?  100 THR A HG23 1 
ATOM   1078 N N    . THR A 1 67  ? 12.295  -2.474  6.803   1.00 0.00  ?  101 THR A N    1 
ATOM   1079 C CA   . THR A 1 67  ? 12.554  -1.134  7.355   1.00 0.00  ?  101 THR A CA   1 
ATOM   1080 C C    . THR A 1 67  ? 12.907  -1.189  8.842   1.00 0.00  ?  101 THR A C    1 
ATOM   1081 O O    . THR A 1 67  ? 13.913  -0.601  9.235   1.00 0.00  ?  101 THR A O    1 
ATOM   1082 C CB   . THR A 1 67  ? 11.402  -0.166  7.024   1.00 0.00  ?  101 THR A CB   1 
ATOM   1083 O OG1  . THR A 1 67  ? 11.864  1.162   7.019   1.00 0.00  ?  101 THR A OG1  1 
ATOM   1084 C CG2  . THR A 1 67  ? 10.171  -0.250  7.920   1.00 0.00  ?  101 THR A CG2  1 
ATOM   1085 H H    . THR A 1 67  ? 11.355  -2.853  6.861   1.00 0.00  ?  101 THR A H    1 
ATOM   1086 H HA   . THR A 1 67  ? 13.430  -0.723  6.857   1.00 0.00  ?  101 THR A HA   1 
ATOM   1087 H HB   . THR A 1 67  ? 11.078  -0.384  6.006   1.00 0.00  ?  101 THR A HB   1 
ATOM   1088 H HG1  . THR A 1 67  ? 11.120  1.740   7.236   1.00 0.00  ?  101 THR A HG1  1 
ATOM   1089 H HG21 . THR A 1 67  ? 10.400  0.082   8.929   1.00 0.00  ?  101 THR A HG21 1 
ATOM   1090 H HG22 . THR A 1 67  ? 9.837   -1.279  7.967   1.00 0.00  ?  101 THR A HG22 1 
ATOM   1091 H HG23 . THR A 1 67  ? 9.370   0.366   7.513   1.00 0.00  ?  101 THR A HG23 1 
ATOM   1092 N N    . THR A 1 68  ? 12.318  -2.116  9.601   1.00 0.00  ?  102 THR A N    1 
ATOM   1093 C CA   . THR A 1 68  ? 12.698  -2.401  10.994  1.00 0.00  ?  102 THR A CA   1 
ATOM   1094 C C    . THR A 1 68  ? 14.171  -2.798  11.112  1.00 0.00  ?  102 THR A C    1 
ATOM   1095 O O    . THR A 1 68  ? 14.921  -2.153  11.839  1.00 0.00  ?  102 THR A O    1 
ATOM   1096 C CB   . THR A 1 68  ? 11.795  -3.499  11.575  1.00 0.00  ?  102 THR A CB   1 
ATOM   1097 O OG1  . THR A 1 68  ? 10.449  -3.085  11.535  1.00 0.00  ?  102 THR A OG1  1 
ATOM   1098 C CG2  . THR A 1 68  ? 12.104  -3.850  13.028  1.00 0.00  ?  102 THR A CG2  1 
ATOM   1099 H H    . THR A 1 68  ? 11.520  -2.625  9.235   1.00 0.00  ?  102 THR A H    1 
ATOM   1100 H HA   . THR A 1 68  ? 12.550  -1.500  11.585  1.00 0.00  ?  102 THR A HA   1 
ATOM   1101 H HB   . THR A 1 68  ? 11.895  -4.401  10.969  1.00 0.00  ?  102 THR A HB   1 
ATOM   1102 H HG1  . THR A 1 68  ? 9.951   -3.696  12.080  1.00 0.00  ?  102 THR A HG1  1 
ATOM   1103 H HG21 . THR A 1 68  ? 12.078  -2.949  13.642  1.00 0.00  ?  102 THR A HG21 1 
ATOM   1104 H HG22 . THR A 1 68  ? 13.094  -4.300  13.103  1.00 0.00  ?  102 THR A HG22 1 
ATOM   1105 H HG23 . THR A 1 68  ? 11.372  -4.565  13.405  1.00 0.00  ?  102 THR A HG23 1 
ATOM   1106 N N    . THR A 1 69  ? 14.671  -3.656  10.214  1.00 0.00  ?  103 THR A N    1 
ATOM   1107 C CA   . THR A 1 69  ? 16.100  -4.031  10.182  1.00 0.00  ?  103 THR A CA   1 
ATOM   1108 C C    . THR A 1 69  ? 17.035  -2.970  9.584   1.00 0.00  ?  103 THR A C    1 
ATOM   1109 O O    . THR A 1 69  ? 18.249  -3.082  9.747   1.00 0.00  ?  103 THR A O    1 
ATOM   1110 C CB   . THR A 1 69  ? 16.316  -5.363  9.456   1.00 0.00  ?  103 THR A CB   1 
ATOM   1111 O OG1  . THR A 1 69  ? 15.871  -5.278  8.125   1.00 0.00  ?  103 THR A OG1  1 
ATOM   1112 C CG2  . THR A 1 69  ? 15.554  -6.510  10.124  1.00 0.00  ?  103 THR A CG2  1 
ATOM   1113 H H    . THR A 1 69  ? 14.052  -4.097  9.542   1.00 0.00  ?  103 THR A H    1 
ATOM   1114 H HA   . THR A 1 69  ? 16.435  -4.167  11.212  1.00 0.00  ?  103 THR A HA   1 
ATOM   1115 H HB   . THR A 1 69  ? 17.378  -5.608  9.463   1.00 0.00  ?  103 THR A HB   1 
ATOM   1116 H HG1  . THR A 1 69  ? 15.868  -6.168  7.769   1.00 0.00  ?  103 THR A HG1  1 
ATOM   1117 H HG21 . THR A 1 69  ? 15.843  -6.578  11.173  1.00 0.00  ?  103 THR A HG21 1 
ATOM   1118 H HG22 . THR A 1 69  ? 15.794  -7.450  9.630   1.00 0.00  ?  103 THR A HG22 1 
ATOM   1119 H HG23 . THR A 1 69  ? 14.478  -6.342  10.065  1.00 0.00  ?  103 THR A HG23 1 
ATOM   1120 N N    . LYS A 1 70  ? 16.499  -1.881  9.013   1.00 0.00  ?  104 LYS A N    1 
ATOM   1121 C CA   . LYS A 1 70  ? 17.244  -0.648  8.692   1.00 0.00  ?  104 LYS A CA   1 
ATOM   1122 C C    . LYS A 1 70  ? 17.334  0.323   9.886   1.00 0.00  ?  104 LYS A C    1 
ATOM   1123 O O    . LYS A 1 70  ? 18.189  1.206   9.865   1.00 0.00  ?  104 LYS A O    1 
ATOM   1124 C CB   . LYS A 1 70  ? 16.609  -0.003  7.440   1.00 0.00  ?  104 LYS A CB   1 
ATOM   1125 C CG   . LYS A 1 70  ? 17.185  1.375   7.085   1.00 0.00  ?  104 LYS A CG   1 
ATOM   1126 C CD   . LYS A 1 70  ? 16.658  1.901   5.749   1.00 0.00  ?  104 LYS A CD   1 
ATOM   1127 C CE   . LYS A 1 70  ? 17.012  3.390   5.658   1.00 0.00  ?  104 LYS A CE   1 
ATOM   1128 N NZ   . LYS A 1 70  ? 16.785  3.931   4.297   1.00 0.00  1  104 LYS A NZ   1 
ATOM   1129 H H    . LYS A 1 70  ? 15.488  -1.841  8.958   1.00 0.00  ?  104 LYS A H    1 
ATOM   1130 H HA   . LYS A 1 70  ? 18.275  -0.915  8.454   1.00 0.00  ?  104 LYS A HA   1 
ATOM   1131 H HB2  . LYS A 1 70  ? 16.746  -0.681  6.596   1.00 0.00  ?  104 LYS A HB2  1 
ATOM   1132 H HB3  . LYS A 1 70  ? 15.541  0.125   7.593   1.00 0.00  ?  104 LYS A HB3  1 
ATOM   1133 H HG2  . LYS A 1 70  ? 16.896  2.084   7.862   1.00 0.00  ?  104 LYS A HG2  1 
ATOM   1134 H HG3  . LYS A 1 70  ? 18.274  1.315   7.041   1.00 0.00  ?  104 LYS A HG3  1 
ATOM   1135 H HD2  . LYS A 1 70  ? 17.122  1.337   4.937   1.00 0.00  ?  104 LYS A HD2  1 
ATOM   1136 H HD3  . LYS A 1 70  ? 15.573  1.780   5.707   1.00 0.00  ?  104 LYS A HD3  1 
ATOM   1137 H HE2  . LYS A 1 70  ? 16.397  3.927   6.388   1.00 0.00  ?  104 LYS A HE2  1 
ATOM   1138 H HE3  . LYS A 1 70  ? 18.060  3.522   5.948   1.00 0.00  ?  104 LYS A HE3  1 
ATOM   1139 H HZ1  . LYS A 1 70  ? 17.471  3.556   3.656   1.00 0.00  ?  104 LYS A HZ1  1 
ATOM   1140 H HZ2  . LYS A 1 70  ? 16.864  4.940   4.306   1.00 0.00  ?  104 LYS A HZ2  1 
ATOM   1141 H HZ3  . LYS A 1 70  ? 15.858  3.685   3.976   1.00 0.00  ?  104 LYS A HZ3  1 
ATOM   1142 N N    . GLY A 1 71  ? 16.467  0.190   10.893  1.00 0.00  ?  105 GLY A N    1 
ATOM   1143 C CA   . GLY A 1 71  ? 16.453  1.027   12.100  1.00 0.00  ?  105 GLY A CA   1 
ATOM   1144 C C    . GLY A 1 71  ? 15.077  1.562   12.513  1.00 0.00  ?  105 GLY A C    1 
ATOM   1145 O O    . GLY A 1 71  ? 15.024  2.489   13.316  1.00 0.00  ?  105 GLY A O    1 
ATOM   1146 H H    . GLY A 1 71  ? 15.831  -0.597  10.870  1.00 0.00  ?  105 GLY A H    1 
ATOM   1147 H HA2  . GLY A 1 71  ? 16.836  0.437   12.932  1.00 0.00  ?  105 GLY A HA2  1 
ATOM   1148 H HA3  . GLY A 1 71  ? 17.106  1.890   11.967  1.00 0.00  ?  105 GLY A HA3  1 
ATOM   1149 N N    . GLU A 1 72  ? 14.000  1.153   11.836  1.00 0.00  ?  106 GLU A N    1 
ATOM   1150 C CA   . GLU A 1 72  ? 12.641  1.627   12.133  1.00 0.00  ?  106 GLU A CA   1 
ATOM   1151 C C    . GLU A 1 72  ? 11.966  0.901   13.309  1.00 0.00  ?  106 GLU A C    1 
ATOM   1152 O O    . GLU A 1 72  ? 12.297  -0.241  13.627  1.00 0.00  ?  106 GLU A O    1 
ATOM   1153 C CB   . GLU A 1 72  ? 11.759  1.508   10.871  1.00 0.00  ?  106 GLU A CB   1 
ATOM   1154 C CG   . GLU A 1 72  ? 11.432  2.859   10.241  1.00 0.00  ?  106 GLU A CG   1 
ATOM   1155 C CD   . GLU A 1 72  ? 10.730  3.756   11.261  1.00 0.00  ?  106 GLU A CD   1 
ATOM   1156 O OE1  . GLU A 1 72  ? 9.713   3.283   11.805  1.00 0.00  -1 106 GLU A OE1  1 
ATOM   1157 O OE2  . GLU A 1 72  ? 11.437  4.653   11.765  1.00 0.00  ?  106 GLU A OE2  1 
ATOM   1158 H H    . GLU A 1 72  ? 14.102  0.414   11.156  1.00 0.00  ?  106 GLU A H    1 
ATOM   1159 H HA   . GLU A 1 72  ? 12.710  2.672   12.431  1.00 0.00  ?  106 GLU A HA   1 
ATOM   1160 H HB2  . GLU A 1 72  ? 12.263  0.924   10.118  1.00 0.00  ?  106 GLU A HB2  1 
ATOM   1161 H HB3  . GLU A 1 72  ? 10.827  0.990   11.103  1.00 0.00  ?  106 GLU A HB3  1 
ATOM   1162 H HG2  . GLU A 1 72  ? 12.358  3.327   9.894   1.00 0.00  ?  106 GLU A HG2  1 
ATOM   1163 H HG3  . GLU A 1 72  ? 10.790  2.699   9.372   1.00 0.00  ?  106 GLU A HG3  1 
ATOM   1164 N N    . ASN A 1 73  ? 10.863  1.481   13.787  1.00 0.00  ?  107 ASN A N    1 
ATOM   1165 C CA   . ASN A 1 73  ? 9.891   0.834   14.661  1.00 0.00  ?  107 ASN A CA   1 
ATOM   1166 C C    . ASN A 1 73  ? 8.519   1.487   14.433  1.00 0.00  ?  107 ASN A C    1 
ATOM   1167 O O    . ASN A 1 73  ? 8.162   2.460   15.102  1.00 0.00  ?  107 ASN A O    1 
ATOM   1168 C CB   . ASN A 1 73  ? 10.355  0.909   16.129  1.00 0.00  ?  107 ASN A CB   1 
ATOM   1169 C CG   . ASN A 1 73  ? 9.385   0.215   17.073  1.00 0.00  ?  107 ASN A CG   1 
ATOM   1170 O OD1  . ASN A 1 73  ? 9.557   -0.933  17.442  1.00 0.00  ?  107 ASN A OD1  1 
ATOM   1171 N ND2  . ASN A 1 73  ? 8.282   0.845   17.399  1.00 0.00  ?  107 ASN A ND2  1 
ATOM   1172 H H    . ASN A 1 73  ? 10.558  2.350   13.344  1.00 0.00  ?  107 ASN A H    1 
ATOM   1173 H HA   . ASN A 1 73  ? 9.813   -0.222  14.389  1.00 0.00  ?  107 ASN A HA   1 
ATOM   1174 H HB2  . ASN A 1 73  ? 11.323  0.417   16.222  1.00 0.00  ?  107 ASN A HB2  1 
ATOM   1175 H HB3  . ASN A 1 73  ? 10.464  1.950   16.429  1.00 0.00  ?  107 ASN A HB3  1 
ATOM   1176 H HD21 . ASN A 1 73  ? 8.054   1.685   16.878  1.00 0.00  ?  107 ASN A HD21 1 
ATOM   1177 H HD22 . ASN A 1 73  ? 7.560   0.281   17.808  1.00 0.00  ?  107 ASN A HD22 1 
ATOM   1178 N N    . PHE A 1 74  ? 7.743   0.915   13.512  1.00 0.00  ?  108 PHE A N    1 
ATOM   1179 C CA   . PHE A 1 74  ? 6.357   1.312   13.273  1.00 0.00  ?  108 PHE A CA   1 
ATOM   1180 C C    . PHE A 1 74  ? 5.510   1.236   14.559  1.00 0.00  ?  108 PHE A C    1 
ATOM   1181 O O    . PHE A 1 74  ? 5.695   0.356   15.401  1.00 0.00  ?  108 PHE A O    1 
ATOM   1182 C CB   . PHE A 1 74  ? 5.765   0.447   12.143  1.00 0.00  ?  108 PHE A CB   1 
ATOM   1183 C CG   . PHE A 1 74  ? 5.769   -1.052  12.407  1.00 0.00  ?  108 PHE A CG   1 
ATOM   1184 C CD1  . PHE A 1 74  ? 4.676   -1.652  13.060  1.00 0.00  ?  108 PHE A CD1  1 
ATOM   1185 C CD2  . PHE A 1 74  ? 6.877   -1.842  12.040  1.00 0.00  ?  108 PHE A CD2  1 
ATOM   1186 C CE1  . PHE A 1 74  ? 4.692   -3.027  13.356  1.00 0.00  ?  108 PHE A CE1  1 
ATOM   1187 C CE2  . PHE A 1 74  ? 6.896   -3.216  12.345  1.00 0.00  ?  108 PHE A CE2  1 
ATOM   1188 C CZ   . PHE A 1 74  ? 5.805   -3.808  13.004  1.00 0.00  ?  108 PHE A CZ   1 
ATOM   1189 H H    . PHE A 1 74  ? 8.084   0.094   13.044  1.00 0.00  ?  108 PHE A H    1 
ATOM   1190 H HA   . PHE A 1 74  ? 6.359   2.353   12.945  1.00 0.00  ?  108 PHE A HA   1 
ATOM   1191 H HB2  . PHE A 1 74  ? 4.736   0.764   11.962  1.00 0.00  ?  108 PHE A HB2  1 
ATOM   1192 H HB3  . PHE A 1 74  ? 6.323   0.643   11.227  1.00 0.00  ?  108 PHE A HB3  1 
ATOM   1193 H HD1  . PHE A 1 74  ? 3.836   -1.047  13.373  1.00 0.00  ?  108 PHE A HD1  1 
ATOM   1194 H HD2  . PHE A 1 74  ? 7.728   -1.389  11.552  1.00 0.00  ?  108 PHE A HD2  1 
ATOM   1195 H HE1  . PHE A 1 74  ? 3.858   -3.470  13.884  1.00 0.00  ?  108 PHE A HE1  1 
ATOM   1196 H HE2  . PHE A 1 74  ? 7.759   -3.813  12.093  1.00 0.00  ?  108 PHE A HE2  1 
ATOM   1197 H HZ   . PHE A 1 74  ? 5.828   -4.857  13.262  1.00 0.00  ?  108 PHE A HZ   1 
ATOM   1198 N N    . THR A 1 75  ? 4.469   2.060   14.615  1.00 0.00  ?  109 THR A N    1 
ATOM   1199 C CA   . THR A 1 75  ? 3.438   2.062   15.662  1.00 0.00  ?  109 THR A CA   1 
ATOM   1200 C C    . THR A 1 75  ? 2.058   1.872   15.033  1.00 0.00  ?  109 THR A C    1 
ATOM   1201 O O    . THR A 1 75  ? 1.930   1.948   13.814  1.00 0.00  ?  109 THR A O    1 
ATOM   1202 C CB   . THR A 1 75  ? 3.481   3.376   16.462  1.00 0.00  ?  109 THR A CB   1 
ATOM   1203 O OG1  . THR A 1 75  ? 3.041   4.465   15.684  1.00 0.00  ?  109 THR A OG1  1 
ATOM   1204 C CG2  . THR A 1 75  ? 4.871   3.720   16.997  1.00 0.00  ?  109 THR A CG2  1 
ATOM   1205 H H    . THR A 1 75  ? 4.415   2.807   13.930  1.00 0.00  ?  109 THR A H    1 
ATOM   1206 H HA   . THR A 1 75  ? 3.606   1.235   16.351  1.00 0.00  ?  109 THR A HA   1 
ATOM   1207 H HB   . THR A 1 75  ? 2.806   3.275   17.313  1.00 0.00  ?  109 THR A HB   1 
ATOM   1208 H HG1  . THR A 1 75  ? 3.727   4.629   14.989  1.00 0.00  ?  109 THR A HG1  1 
ATOM   1209 H HG21 . THR A 1 75  ? 4.800   4.580   17.661  1.00 0.00  ?  109 THR A HG21 1 
ATOM   1210 H HG22 . THR A 1 75  ? 5.545   3.967   16.174  1.00 0.00  ?  109 THR A HG22 1 
ATOM   1211 H HG23 . THR A 1 75  ? 5.275   2.872   17.546  1.00 0.00  ?  109 THR A HG23 1 
ATOM   1212 N N    . GLU A 1 76  ? 0.995   1.750   15.832  1.00 0.00  ?  110 GLU A N    1 
ATOM   1213 C CA   . GLU A 1 76  ? -0.387  1.805   15.319  1.00 0.00  ?  110 GLU A CA   1 
ATOM   1214 C C    . GLU A 1 76  ? -0.679  3.091   14.525  1.00 0.00  ?  110 GLU A C    1 
ATOM   1215 O O    . GLU A 1 76  ? -1.412  3.046   13.539  1.00 0.00  ?  110 GLU A O    1 
ATOM   1216 C CB   . GLU A 1 76  ? -1.391  1.679   16.475  1.00 0.00  ?  110 GLU A CB   1 
ATOM   1217 C CG   . GLU A 1 76  ? -1.384  0.291   17.138  1.00 0.00  ?  110 GLU A CG   1 
ATOM   1218 C CD   . GLU A 1 76  ? -1.805  -0.812  16.158  1.00 0.00  ?  110 GLU A CD   1 
ATOM   1219 O OE1  . GLU A 1 76  ? -2.790  -0.614  15.447  1.00 0.00  ?  110 GLU A OE1  1 
ATOM   1220 O OE2  . GLU A 1 76  ? -1.032  -1.819  16.079  1.00 0.00  -1 110 GLU A OE2  1 
ATOM   1221 H H    . GLU A 1 76  ? 1.126   1.630   16.823  1.00 0.00  ?  110 GLU A H    1 
ATOM   1222 H HA   . GLU A 1 76  ? -0.550  0.971   14.634  1.00 0.00  ?  110 GLU A HA   1 
ATOM   1223 H HB2  . GLU A 1 76  ? -1.161  2.433   17.230  1.00 0.00  ?  110 GLU A HB2  1 
ATOM   1224 H HB3  . GLU A 1 76  ? -2.395  1.885   16.099  1.00 0.00  ?  110 GLU A HB3  1 
ATOM   1225 H HG2  . GLU A 1 76  ? -0.392  0.098   17.547  1.00 0.00  ?  110 GLU A HG2  1 
ATOM   1226 H HG3  . GLU A 1 76  ? -2.089  0.307   17.973  1.00 0.00  ?  110 GLU A HG3  1 
ATOM   1227 N N    . THR A 1 77  ? -0.020  4.210   14.852  1.00 0.00  ?  111 THR A N    1 
ATOM   1228 C CA   . THR A 1 77  ? -0.102  5.454   14.074  1.00 0.00  ?  111 THR A CA   1 
ATOM   1229 C C    . THR A 1 77  ? 0.507   5.277   12.685  1.00 0.00  ?  111 THR A C    1 
ATOM   1230 O O    . THR A 1 77  ? -0.176  5.506   11.690  1.00 0.00  ?  111 THR A O    1 
ATOM   1231 C CB   . THR A 1 77  ? 0.614   6.613   14.788  1.00 0.00  ?  111 THR A CB   1 
ATOM   1232 O OG1  . THR A 1 77  ? 0.301   6.639   16.163  1.00 0.00  ?  111 THR A OG1  1 
ATOM   1233 C CG2  . THR A 1 77  ? 0.195   7.972   14.231  1.00 0.00  ?  111 THR A CG2  1 
ATOM   1234 H H    . THR A 1 77  ? 0.631   4.187   15.625  1.00 0.00  ?  111 THR A H    1 
ATOM   1235 H HA   . THR A 1 77  ? -1.151  5.720   13.949  1.00 0.00  ?  111 THR A HA   1 
ATOM   1236 H HB   . THR A 1 77  ? 1.692   6.498   14.682  1.00 0.00  ?  111 THR A HB   1 
ATOM   1237 H HG1  . THR A 1 77  ? 1.023   7.096   16.599  1.00 0.00  ?  111 THR A HG1  1 
ATOM   1238 H HG21 . THR A 1 77  ? 0.761   8.760   14.729  1.00 0.00  ?  111 THR A HG21 1 
ATOM   1239 H HG22 . THR A 1 77  ? -0.871  8.130   14.397  1.00 0.00  ?  111 THR A HG22 1 
ATOM   1240 H HG23 . THR A 1 77  ? 0.399   8.013   13.162  1.00 0.00  ?  111 THR A HG23 1 
ATOM   1241 N N    . ASP A 1 78  ? 1.735   4.753   12.599  1.00 0.00  ?  112 ASP A N    1 
ATOM   1242 C CA   . ASP A 1 78  ? 2.419   4.467   11.329  1.00 0.00  ?  112 ASP A CA   1 
ATOM   1243 C C    . ASP A 1 78  ? 1.671   3.420   10.501  1.00 0.00  ?  112 ASP A C    1 
ATOM   1244 O O    . ASP A 1 78  ? 1.417   3.650   9.321   1.00 0.00  ?  112 ASP A O    1 
ATOM   1245 C CB   . ASP A 1 78  ? 3.856   3.990   11.574  1.00 0.00  ?  112 ASP A CB   1 
ATOM   1246 C CG   . ASP A 1 78  ? 4.642   4.996   12.406  1.00 0.00  ?  112 ASP A CG   1 
ATOM   1247 O OD1  . ASP A 1 78  ? 4.949   6.071   11.855  1.00 0.00  -1 112 ASP A OD1  1 
ATOM   1248 O OD2  . ASP A 1 78  ? 4.607   4.803   13.646  1.00 0.00  ?  112 ASP A OD2  1 
ATOM   1249 H H    . ASP A 1 78  ? 2.232   4.546   13.456  1.00 0.00  ?  112 ASP A H    1 
ATOM   1250 H HA   . ASP A 1 78  ? 2.479   5.384   10.747  1.00 0.00  ?  112 ASP A HA   1 
ATOM   1251 H HB2  . ASP A 1 78  ? 3.838   3.026   12.082  1.00 0.00  ?  112 ASP A HB2  1 
ATOM   1252 H HB3  . ASP A 1 78  ? 4.356   3.853   10.613  1.00 0.00  ?  112 ASP A HB3  1 
ATOM   1253 N N    . ILE A 1 79  ? 1.173   2.355   11.139  1.00 0.00  ?  113 ILE A N    1 
ATOM   1254 C CA   . ILE A 1 79  ? 0.307   1.347   10.519  1.00 0.00  ?  113 ILE A CA   1 
ATOM   1255 C C    . ILE A 1 79  ? -0.937  1.999   9.922   1.00 0.00  ?  113 ILE A C    1 
ATOM   1256 O O    . ILE A 1 79  ? -1.219  1.749   8.757   1.00 0.00  ?  113 ILE A O    1 
ATOM   1257 C CB   . ILE A 1 79  ? -0.082  0.233   11.519  1.00 0.00  ?  113 ILE A CB   1 
ATOM   1258 C CG1  . ILE A 1 79  ? 1.146   -0.622  11.907  1.00 0.00  ?  113 ILE A CG1  1 
ATOM   1259 C CG2  . ILE A 1 79  ? -1.161  -0.692  10.917  1.00 0.00  ?  113 ILE A CG2  1 
ATOM   1260 C CD1  . ILE A 1 79  ? 0.955   -1.368  13.236  1.00 0.00  ?  113 ILE A CD1  1 
ATOM   1261 H H    . ILE A 1 79  ? 1.370   2.271   12.133  1.00 0.00  ?  113 ILE A H    1 
ATOM   1262 H HA   . ILE A 1 79  ? 0.854   0.886   9.697   1.00 0.00  ?  113 ILE A HA   1 
ATOM   1263 H HB   . ILE A 1 79  ? -0.490  0.703   12.413  1.00 0.00  ?  113 ILE A HB   1 
ATOM   1264 H HG12 . ILE A 1 79  ? 1.344   -1.345  11.114  1.00 0.00  ?  113 ILE A HG12 1 
ATOM   1265 H HG13 . ILE A 1 79  ? 2.032   0.006   12.002  1.00 0.00  ?  113 ILE A HG13 1 
ATOM   1266 H HG21 . ILE A 1 79  ? -1.376  -1.524  11.587  1.00 0.00  ?  113 ILE A HG21 1 
ATOM   1267 H HG22 . ILE A 1 79  ? -0.835  -1.085  9.954   1.00 0.00  ?  113 ILE A HG22 1 
ATOM   1268 H HG23 . ILE A 1 79  ? -2.101  -0.155  10.779  1.00 0.00  ?  113 ILE A HG23 1 
ATOM   1269 H HD11 . ILE A 1 79  ? 1.676   -2.180  13.306  1.00 0.00  ?  113 ILE A HD11 1 
ATOM   1270 H HD12 . ILE A 1 79  ? -0.047  -1.786  13.317  1.00 0.00  ?  113 ILE A HD12 1 
ATOM   1271 H HD13 . ILE A 1 79  ? 1.112   -0.686  14.069  1.00 0.00  ?  113 ILE A HD13 1 
ATOM   1272 N N    . LYS A 1 80  ? -1.597  2.924   10.623  1.00 0.00  ?  114 LYS A N    1 
ATOM   1273 C CA   . LYS A 1 80  ? -2.778  3.627   10.100  1.00 0.00  ?  114 LYS A CA   1 
ATOM   1274 C C    . LYS A 1 80  ? -2.465  4.542   8.915   1.00 0.00  ?  114 LYS A C    1 
ATOM   1275 O O    . LYS A 1 80  ? -3.188  4.458   7.921   1.00 0.00  ?  114 LYS A O    1 
ATOM   1276 C CB   . LYS A 1 80  ? -3.477  4.371   11.245  1.00 0.00  ?  114 LYS A CB   1 
ATOM   1277 C CG   . LYS A 1 80  ? -4.241  3.359   12.110  1.00 0.00  ?  114 LYS A CG   1 
ATOM   1278 C CD   . LYS A 1 80  ? -4.629  3.951   13.470  1.00 0.00  ?  114 LYS A CD   1 
ATOM   1279 C CE   . LYS A 1 80  ? -5.515  2.960   14.229  1.00 0.00  ?  114 LYS A CE   1 
ATOM   1280 N NZ   . LYS A 1 80  ? -6.847  2.863   13.587  1.00 0.00  1  114 LYS A NZ   1 
ATOM   1281 H H    . LYS A 1 80  ? -1.313  3.098   11.584  1.00 0.00  ?  114 LYS A H    1 
ATOM   1282 H HA   . LYS A 1 80  ? -3.470  2.879   9.706   1.00 0.00  ?  114 LYS A HA   1 
ATOM   1283 H HB2  . LYS A 1 80  ? -2.742  4.908   11.845  1.00 0.00  ?  114 LYS A HB2  1 
ATOM   1284 H HB3  . LYS A 1 80  ? -4.191  5.092   10.840  1.00 0.00  ?  114 LYS A HB3  1 
ATOM   1285 H HG2  . LYS A 1 80  ? -5.132  3.049   11.561  1.00 0.00  ?  114 LYS A HG2  1 
ATOM   1286 H HG3  . LYS A 1 80  ? -3.634  2.469   12.287  1.00 0.00  ?  114 LYS A HG3  1 
ATOM   1287 H HD2  . LYS A 1 80  ? -3.723  4.129   14.051  1.00 0.00  ?  114 LYS A HD2  1 
ATOM   1288 H HD3  . LYS A 1 80  ? -5.147  4.904   13.334  1.00 0.00  ?  114 LYS A HD3  1 
ATOM   1289 H HE2  . LYS A 1 80  ? -5.018  1.980   14.236  1.00 0.00  ?  114 LYS A HE2  1 
ATOM   1290 H HE3  . LYS A 1 80  ? -5.612  3.295   15.265  1.00 0.00  ?  114 LYS A HE3  1 
ATOM   1291 H HZ1  . LYS A 1 80  ? -6.728  2.568   12.625  1.00 0.00  ?  114 LYS A HZ1  1 
ATOM   1292 H HZ2  . LYS A 1 80  ? -7.291  3.772   13.590  1.00 0.00  ?  114 LYS A HZ2  1 
ATOM   1293 H HZ3  . LYS A 1 80  ? -7.424  2.185   14.065  1.00 0.00  ?  114 LYS A HZ3  1 
ATOM   1294 N N    . ILE A 1 81  ? -1.306  5.219   8.884   1.00 0.00  ?  115 ILE A N    1 
ATOM   1295 C CA   . ILE A 1 81  ? -0.870  5.934   7.663   1.00 0.00  ?  115 ILE A CA   1 
ATOM   1296 C C    . ILE A 1 81  ? -0.611  4.941   6.520   1.00 0.00  ?  115 ILE A C    1 
ATOM   1297 O O    . ILE A 1 81  ? -1.016  5.177   5.381   1.00 0.00  ?  115 ILE A O    1 
ATOM   1298 C CB   . ILE A 1 81  ? 0.303   6.951   7.847   1.00 0.00  ?  115 ILE A CB   1 
ATOM   1299 C CG1  . ILE A 1 81  ? 1.668   6.472   7.283   1.00 0.00  ?  115 ILE A CG1  1 
ATOM   1300 C CG2  . ILE A 1 81  ? 0.458   7.426   9.298   1.00 0.00  ?  115 ILE A CG2  1 
ATOM   1301 C CD1  . ILE A 1 81  ? 2.802   7.496   7.232   1.00 0.00  ?  115 ILE A CD1  1 
ATOM   1302 H H    . ILE A 1 81  ? -0.723  5.219   9.715   1.00 0.00  ?  115 ILE A H    1 
ATOM   1303 H HA   . ILE A 1 81  ? -1.723  6.530   7.360   1.00 0.00  ?  115 ILE A HA   1 
ATOM   1304 H HB   . ILE A 1 81  ? 0.025   7.831   7.264   1.00 0.00  ?  115 ILE A HB   1 
ATOM   1305 H HG12 . ILE A 1 81  ? 2.014   5.618   7.860   1.00 0.00  ?  115 ILE A HG12 1 
ATOM   1306 H HG13 . ILE A 1 81  ? 1.533   6.162   6.248   1.00 0.00  ?  115 ILE A HG13 1 
ATOM   1307 H HG21 . ILE A 1 81  ? 1.048   8.337   9.343   1.00 0.00  ?  115 ILE A HG21 1 
ATOM   1308 H HG22 . ILE A 1 81  ? 0.968   6.656   9.871   1.00 0.00  ?  115 ILE A HG22 1 
ATOM   1309 H HG23 . ILE A 1 81  ? -0.514  7.631   9.747   1.00 0.00  ?  115 ILE A HG23 1 
ATOM   1310 H HD11 . ILE A 1 81  ? 3.743   6.979   7.060   1.00 0.00  ?  115 ILE A HD11 1 
ATOM   1311 H HD12 . ILE A 1 81  ? 2.886   8.052   8.164   1.00 0.00  ?  115 ILE A HD12 1 
ATOM   1312 H HD13 . ILE A 1 81  ? 2.626   8.165   6.393   1.00 0.00  ?  115 ILE A HD13 1 
ATOM   1313 N N    . MET A 1 82  ? 0.107   3.854   6.816   1.00 0.00  ?  116 MET A N    1 
ATOM   1314 C CA   . MET A 1 82  ? 0.526   2.846   5.846   1.00 0.00  ?  116 MET A CA   1 
ATOM   1315 C C    . MET A 1 82  ? -0.688  2.185   5.216   1.00 0.00  ?  116 MET A C    1 
ATOM   1316 O O    . MET A 1 82  ? -0.892  2.325   4.019   1.00 0.00  ?  116 MET A O    1 
ATOM   1317 C CB   . MET A 1 82  ? 1.385   1.774   6.528   1.00 0.00  ?  116 MET A CB   1 
ATOM   1318 C CG   . MET A 1 82  ? 2.771   2.278   6.924   1.00 0.00  ?  116 MET A CG   1 
ATOM   1319 S SD   . MET A 1 82  ? 3.688   1.268   8.132   1.00 0.00  ?  116 MET A SD   1 
ATOM   1320 C CE   . MET A 1 82  ? 3.087   -0.405  7.790   1.00 0.00  ?  116 MET A CE   1 
ATOM   1321 H H    . MET A 1 82  ? 0.394   3.732   7.786   1.00 0.00  ?  116 MET A H    1 
ATOM   1322 H HA   . MET A 1 82  ? 1.097   3.317   5.050   1.00 0.00  ?  116 MET A HA   1 
ATOM   1323 H HB2  . MET A 1 82  ? 0.874   1.413   7.416   1.00 0.00  ?  116 MET A HB2  1 
ATOM   1324 H HB3  . MET A 1 82  ? 1.512   0.938   5.839   1.00 0.00  ?  116 MET A HB3  1 
ATOM   1325 H HG2  . MET A 1 82  ? 3.347   2.367   6.009   1.00 0.00  ?  116 MET A HG2  1 
ATOM   1326 H HG3  . MET A 1 82  ? 2.688   3.280   7.337   1.00 0.00  ?  116 MET A HG3  1 
ATOM   1327 H HE1  . MET A 1 82  ? 3.617   -1.109  8.427   1.00 0.00  ?  116 MET A HE1  1 
ATOM   1328 H HE2  . MET A 1 82  ? 3.255   -0.652  6.744   1.00 0.00  ?  116 MET A HE2  1 
ATOM   1329 H HE3  . MET A 1 82  ? 2.023   -0.469  8.015   1.00 0.00  ?  116 MET A HE3  1 
ATOM   1330 N N    . GLU A 1 83  ? -1.537  1.585   6.042   1.00 0.00  ?  117 GLU A N    1 
ATOM   1331 C CA   . GLU A 1 83  ? -2.776  0.910   5.686   1.00 0.00  ?  117 GLU A CA   1 
ATOM   1332 C C    . GLU A 1 83  ? -3.685  1.798   4.841   1.00 0.00  ?  117 GLU A C    1 
ATOM   1333 O O    . GLU A 1 83  ? -3.972  1.403   3.717   1.00 0.00  ?  117 GLU A O    1 
ATOM   1334 C CB   . GLU A 1 83  ? -3.448  0.421   6.978   1.00 0.00  ?  117 GLU A CB   1 
ATOM   1335 C CG   . GLU A 1 83  ? -4.709  -0.411  6.731   1.00 0.00  ?  117 GLU A CG   1 
ATOM   1336 C CD   . GLU A 1 83  ? -5.186  -1.059  8.037   1.00 0.00  ?  117 GLU A CD   1 
ATOM   1337 O OE1  . GLU A 1 83  ? -5.801  -0.336  8.854   1.00 0.00  -1 117 GLU A OE1  1 
ATOM   1338 O OE2  . GLU A 1 83  ? -4.848  -2.252  8.236   1.00 0.00  ?  117 GLU A OE2  1 
ATOM   1339 H H    . GLU A 1 83  ? -1.328  1.628   7.035   1.00 0.00  ?  117 GLU A H    1 
ATOM   1340 H HA   . GLU A 1 83  ? -2.534  0.034   5.085   1.00 0.00  ?  117 GLU A HA   1 
ATOM   1341 H HB2  . GLU A 1 83  ? -2.730  -0.201  7.517   1.00 0.00  ?  117 GLU A HB2  1 
ATOM   1342 H HB3  . GLU A 1 83  ? -3.701  1.278   7.603   1.00 0.00  ?  117 GLU A HB3  1 
ATOM   1343 H HG2  . GLU A 1 83  ? -5.493  0.234   6.328   1.00 0.00  ?  117 GLU A HG2  1 
ATOM   1344 H HG3  . GLU A 1 83  ? -4.486  -1.183  5.990   1.00 0.00  ?  117 GLU A HG3  1 
ATOM   1345 N N    . ARG A 1 84  ? -3.856  3.086   5.190   1.00 0.00  ?  118 ARG A N    1 
ATOM   1346 C CA   . ARG A 1 84  ? -4.651  4.019   4.371   1.00 0.00  ?  118 ARG A CA   1 
ATOM   1347 C C    . ARG A 1 84  ? -4.106  4.199   2.958   1.00 0.00  ?  118 ARG A C    1 
ATOM   1348 O O    . ARG A 1 84  ? -4.869  4.215   1.992   1.00 0.00  ?  118 ARG A O    1 
ATOM   1349 C CB   . ARG A 1 84  ? -4.745  5.402   5.044   1.00 0.00  ?  118 ARG A CB   1 
ATOM   1350 C CG   . ARG A 1 84  ? -6.133  6.010   4.839   1.00 0.00  ?  118 ARG A CG   1 
ATOM   1351 C CD   . ARG A 1 84  ? -7.067  5.406   5.891   1.00 0.00  ?  118 ARG A CD   1 
ATOM   1352 N NE   . ARG A 1 84  ? -8.466  5.395   5.443   1.00 0.00  ?  118 ARG A NE   1 
ATOM   1353 C CZ   . ARG A 1 84  ? -9.501  5.124   6.212   1.00 0.00  ?  118 ARG A CZ   1 
ATOM   1354 N NH1  . ARG A 1 84  ? -9.385  5.011   7.507   1.00 0.00  ?  118 ARG A NH1  1 
ATOM   1355 N NH2  . ARG A 1 84  ? -10.677 4.950   5.684   1.00 0.00  1  118 ARG A NH2  1 
ATOM   1356 H H    . ARG A 1 84  ? -3.504  3.391   6.095   1.00 0.00  ?  118 ARG A H    1 
ATOM   1357 H HA   . ARG A 1 84  ? -5.644  3.581   4.255   1.00 0.00  ?  118 ARG A HA   1 
ATOM   1358 H HB2  . ARG A 1 84  ? -4.553  5.329   6.111   1.00 0.00  ?  118 ARG A HB2  1 
ATOM   1359 H HB3  . ARG A 1 84  ? -4.001  6.077   4.621   1.00 0.00  ?  118 ARG A HB3  1 
ATOM   1360 H HG2  . ARG A 1 84  ? -6.091  7.092   4.972   1.00 0.00  ?  118 ARG A HG2  1 
ATOM   1361 H HG3  . ARG A 1 84  ? -6.485  5.794   3.829   1.00 0.00  ?  118 ARG A HG3  1 
ATOM   1362 H HD2  . ARG A 1 84  ? -6.770  4.374   6.094   1.00 0.00  ?  118 ARG A HD2  1 
ATOM   1363 H HD3  . ARG A 1 84  ? -6.957  5.979   6.815   1.00 0.00  ?  118 ARG A HD3  1 
ATOM   1364 H HE   . ARG A 1 84  ? -8.623  5.417   4.449   1.00 0.00  ?  118 ARG A HE   1 
ATOM   1365 H HH11 . ARG A 1 84  ? -8.472  5.126   7.916   1.00 0.00  ?  118 ARG A HH11 1 
ATOM   1366 H HH12 . ARG A 1 84  ? -10.173 4.796   8.083   1.00 0.00  ?  118 ARG A HH12 1 
ATOM   1367 H HH21 . ARG A 1 84  ? -10.757 4.882   4.684   1.00 0.00  ?  118 ARG A HH21 1 
ATOM   1368 H HH22 . ARG A 1 84  ? -11.440 4.660   6.264   1.00 0.00  ?  118 ARG A HH22 1 
ATOM   1369 N N    . VAL A 1 85  ? -2.829  4.563   2.857   1.00 0.00  ?  119 VAL A N    1 
ATOM   1370 C CA   . VAL A 1 85  ? -2.246  5.015   1.587   1.00 0.00  ?  119 VAL A CA   1 
ATOM   1371 C C    . VAL A 1 85  ? -1.890  3.826   0.709   1.00 0.00  ?  119 VAL A C    1 
ATOM   1372 O O    . VAL A 1 85  ? -2.085  3.881   -0.504  1.00 0.00  ?  119 VAL A O    1 
ATOM   1373 C CB   . VAL A 1 85  ? -0.995  5.870   1.809   1.00 0.00  ?  119 VAL A CB   1 
ATOM   1374 C CG1  . VAL A 1 85  ? -0.530  6.450   0.468   1.00 0.00  ?  119 VAL A CG1  1 
ATOM   1375 C CG2  . VAL A 1 85  ? -1.255  7.058   2.740   1.00 0.00  ?  119 VAL A CG2  1 
ATOM   1376 H H    . VAL A 1 85  ? -2.265  4.567   3.703   1.00 0.00  ?  119 VAL A H    1 
ATOM   1377 H HA   . VAL A 1 85  ? -2.982  5.617   1.055   1.00 0.00  ?  119 VAL A HA   1 
ATOM   1378 H HB   . VAL A 1 85  ? -0.203  5.254   2.237   1.00 0.00  ?  119 VAL A HB   1 
ATOM   1379 H HG11 . VAL A 1 85  ? -0.208  5.656   -0.204  1.00 0.00  ?  119 VAL A HG11 1 
ATOM   1380 H HG12 . VAL A 1 85  ? 0.321   7.093   0.637   1.00 0.00  ?  119 VAL A HG12 1 
ATOM   1381 H HG13 . VAL A 1 85  ? -1.341  7.013   0.005   1.00 0.00  ?  119 VAL A HG13 1 
ATOM   1382 H HG21 . VAL A 1 85  ? -1.746  6.746   3.657   1.00 0.00  ?  119 VAL A HG21 1 
ATOM   1383 H HG22 . VAL A 1 85  ? -1.884  7.802   2.254   1.00 0.00  ?  119 VAL A HG22 1 
ATOM   1384 H HG23 . VAL A 1 85  ? -0.294  7.477   3.028   1.00 0.00  ?  119 VAL A HG23 1 
ATOM   1385 N N    . VAL A 1 86  ? -1.437  2.737   1.325   1.00 0.00  ?  120 VAL A N    1 
ATOM   1386 C CA   . VAL A 1 86  ? -1.276  1.441   0.680   1.00 0.00  ?  120 VAL A CA   1 
ATOM   1387 C C    . VAL A 1 86  ? -2.630  0.941   0.181   1.00 0.00  ?  120 VAL A C    1 
ATOM   1388 O O    . VAL A 1 86  ? -2.755  0.859   -1.025  1.00 0.00  ?  120 VAL A O    1 
ATOM   1389 C CB   . VAL A 1 86  ? -0.563  0.441   1.604   1.00 0.00  ?  120 VAL A CB   1 
ATOM   1390 C CG1  . VAL A 1 86  ? -0.556  -0.975  1.040   1.00 0.00  ?  120 VAL A CG1  1 
ATOM   1391 C CG2  . VAL A 1 86  ? 0.904   0.852   1.827   1.00 0.00  ?  120 VAL A CG2  1 
ATOM   1392 H H    . VAL A 1 86  ? -1.353  2.763   2.339   1.00 0.00  ?  120 VAL A H    1 
ATOM   1393 H HA   . VAL A 1 86  ? -0.649  1.577   -0.200  1.00 0.00  ?  120 VAL A HA   1 
ATOM   1394 H HB   . VAL A 1 86  ? -1.080  0.392   2.559   1.00 0.00  ?  120 VAL A HB   1 
ATOM   1395 H HG11 . VAL A 1 86  ? 0.023   -1.612  1.701   1.00 0.00  ?  120 VAL A HG11 1 
ATOM   1396 H HG12 . VAL A 1 86  ? -0.135  -1.001  0.042   1.00 0.00  ?  120 VAL A HG12 1 
ATOM   1397 H HG13 . VAL A 1 86  ? -1.575  -1.351  1.002   1.00 0.00  ?  120 VAL A HG13 1 
ATOM   1398 H HG21 . VAL A 1 86  ? 1.460   0.812   0.890   1.00 0.00  ?  120 VAL A HG21 1 
ATOM   1399 H HG22 . VAL A 1 86  ? 1.371   0.188   2.553   1.00 0.00  ?  120 VAL A HG22 1 
ATOM   1400 H HG23 . VAL A 1 86  ? 0.959   1.868   2.218   1.00 0.00  ?  120 VAL A HG23 1 
ATOM   1401 N N    . GLU A 1 87  ? -3.698  0.879   0.985   1.00 0.00  ?  121 GLU A N    1 
ATOM   1402 C CA   . GLU A 1 87  ? -5.048  0.475   0.533   1.00 0.00  ?  121 GLU A CA   1 
ATOM   1403 C C    . GLU A 1 87  ? -5.590  1.325   -0.628  1.00 0.00  ?  121 GLU A C    1 
ATOM   1404 O O    . GLU A 1 87  ? -6.031  0.775   -1.646  1.00 0.00  ?  121 GLU A O    1 
ATOM   1405 C CB   . GLU A 1 87  ? -6.030  0.504   1.719   1.00 0.00  ?  121 GLU A CB   1 
ATOM   1406 C CG   . GLU A 1 87  ? -7.471  0.180   1.308   1.00 0.00  ?  121 GLU A CG   1 
ATOM   1407 C CD   . GLU A 1 87  ? -8.380  -0.015  2.524   1.00 0.00  ?  121 GLU A CD   1 
ATOM   1408 O OE1  . GLU A 1 87  ? -8.488  -1.184  2.960   1.00 0.00  -1 121 GLU A OE1  1 
ATOM   1409 O OE2  . GLU A 1 87  ? -9.057  0.970   2.901   1.00 0.00  ?  121 GLU A OE2  1 
ATOM   1410 H H    . GLU A 1 87  ? -3.588  1.074   1.978   1.00 0.00  ?  121 GLU A H    1 
ATOM   1411 H HA   . GLU A 1 87  ? -4.996  -0.552  0.176   1.00 0.00  ?  121 GLU A HA   1 
ATOM   1412 H HB2  . GLU A 1 87  ? -5.700  -0.231  2.455   1.00 0.00  ?  121 GLU A HB2  1 
ATOM   1413 H HB3  . GLU A 1 87  ? -6.023  1.495   2.173   1.00 0.00  ?  121 GLU A HB3  1 
ATOM   1414 H HG2  . GLU A 1 87  ? -7.862  0.987   0.683   1.00 0.00  ?  121 GLU A HG2  1 
ATOM   1415 H HG3  . GLU A 1 87  ? -7.467  -0.728  0.712   1.00 0.00  ?  121 GLU A HG3  1 
ATOM   1416 N N    . GLN A 1 88  ? -5.423  2.650   -0.557  1.00 0.00  ?  122 GLN A N    1 
ATOM   1417 C CA   . GLN A 1 88  ? -5.738  3.564   -1.658  1.00 0.00  ?  122 GLN A CA   1 
ATOM   1418 C C    . GLN A 1 88  ? -4.945  3.217   -2.926  1.00 0.00  ?  122 GLN A C    1 
ATOM   1419 O O    . GLN A 1 88  ? -5.524  3.117   -4.010  1.00 0.00  ?  122 GLN A O    1 
ATOM   1420 C CB   . GLN A 1 88  ? -5.469  5.008   -1.197  1.00 0.00  ?  122 GLN A CB   1 
ATOM   1421 C CG   . GLN A 1 88  ? -5.624  6.071   -2.299  1.00 0.00  ?  122 GLN A CG   1 
ATOM   1422 C CD   . GLN A 1 88  ? -7.029  6.124   -2.891  1.00 0.00  ?  122 GLN A CD   1 
ATOM   1423 O OE1  . GLN A 1 88  ? -8.005  6.333   -2.195  1.00 0.00  ?  122 GLN A OE1  1 
ATOM   1424 N NE2  . GLN A 1 88  ? -7.193  6.012   -4.191  1.00 0.00  ?  122 GLN A NE2  1 
ATOM   1425 H H    . GLN A 1 88  ? -5.090  3.041   0.320   1.00 0.00  ?  122 GLN A H    1 
ATOM   1426 H HA   . GLN A 1 88  ? -6.800  3.465   -1.892  1.00 0.00  ?  122 GLN A HA   1 
ATOM   1427 H HB2  . GLN A 1 88  ? -6.151  5.246   -0.378  1.00 0.00  ?  122 GLN A HB2  1 
ATOM   1428 H HB3  . GLN A 1 88  ? -4.453  5.073   -0.809  1.00 0.00  ?  122 GLN A HB3  1 
ATOM   1429 H HG2  . GLN A 1 88  ? -5.408  7.048   -1.868  1.00 0.00  ?  122 GLN A HG2  1 
ATOM   1430 H HG3  . GLN A 1 88  ? -4.894  5.894   -3.089  1.00 0.00  ?  122 GLN A HG3  1 
ATOM   1431 H HE21 . GLN A 1 88  ? -6.438  5.783   -4.821  1.00 0.00  ?  122 GLN A HE21 1 
ATOM   1432 H HE22 . GLN A 1 88  ? -8.142  6.033   -4.518  1.00 0.00  ?  122 GLN A HE22 1 
ATOM   1433 N N    . MET A 1 89  ? -3.631  3.014   -2.810  1.00 0.00  ?  123 MET A N    1 
ATOM   1434 C CA   . MET A 1 89  ? -2.761  2.608   -3.918  1.00 0.00  ?  123 MET A CA   1 
ATOM   1435 C C    . MET A 1 89  ? -3.089  1.209   -4.443  1.00 0.00  ?  123 MET A C    1 
ATOM   1436 O O    . MET A 1 89  ? -3.218  1.059   -5.647  1.00 0.00  ?  123 MET A O    1 
ATOM   1437 C CB   . MET A 1 89  ? -1.289  2.676   -3.490  1.00 0.00  ?  123 MET A CB   1 
ATOM   1438 C CG   . MET A 1 89  ? -0.785  4.114   -3.390  1.00 0.00  ?  123 MET A CG   1 
ATOM   1439 S SD   . MET A 1 89  ? -0.438  4.895   -4.993  1.00 0.00  ?  123 MET A SD   1 
ATOM   1440 C CE   . MET A 1 89  ? -1.354  6.438   -4.780  1.00 0.00  ?  123 MET A CE   1 
ATOM   1441 H H    . MET A 1 89  ? -3.225  3.049   -1.878  1.00 0.00  ?  123 MET A H    1 
ATOM   1442 H HA   . MET A 1 89  ? -2.908  3.298   -4.749  1.00 0.00  ?  123 MET A HA   1 
ATOM   1443 H HB2  . MET A 1 89  ? -1.172  2.200   -2.519  1.00 0.00  ?  123 MET A HB2  1 
ATOM   1444 H HB3  . MET A 1 89  ? -0.670  2.142   -4.212  1.00 0.00  ?  123 MET A HB3  1 
ATOM   1445 H HG2  . MET A 1 89  ? -1.516  4.712   -2.847  1.00 0.00  ?  123 MET A HG2  1 
ATOM   1446 H HG3  . MET A 1 89  ? 0.132   4.105   -2.804  1.00 0.00  ?  123 MET A HG3  1 
ATOM   1447 H HE1  . MET A 1 89  ? -1.007  6.937   -3.880  1.00 0.00  ?  123 MET A HE1  1 
ATOM   1448 H HE2  . MET A 1 89  ? -2.419  6.221   -4.684  1.00 0.00  ?  123 MET A HE2  1 
ATOM   1449 H HE3  . MET A 1 89  ? -1.193  7.082   -5.645  1.00 0.00  ?  123 MET A HE3  1 
ATOM   1450 N N    . CYS A 1 90  ? -3.381  0.231   -3.587  1.00 0.00  ?  124 CYS A N    1 
ATOM   1451 C CA   . CYS A 1 90  ? -3.798  -1.120  -3.957  1.00 0.00  ?  124 CYS A CA   1 
ATOM   1452 C C    . CYS A 1 90  ? -5.084  -1.094  -4.797  1.00 0.00  ?  124 CYS A C    1 
ATOM   1453 O O    . CYS A 1 90  ? -5.113  -1.645  -5.893  1.00 0.00  ?  124 CYS A O    1 
ATOM   1454 C CB   . CYS A 1 90  ? -4.039  -1.932  -2.675  1.00 0.00  ?  124 CYS A CB   1 
ATOM   1455 S SG   . CYS A 1 90  ? -2.573  -2.049  -1.612  1.00 0.00  ?  124 CYS A SG   1 
ATOM   1456 H H    . CYS A 1 90  ? -3.299  0.431   -2.598  1.00 0.00  ?  124 CYS A H    1 
ATOM   1457 H HA   . CYS A 1 90  ? -3.015  -1.600  -4.546  1.00 0.00  ?  124 CYS A HA   1 
ATOM   1458 H HB2  . CYS A 1 90  ? -4.835  -1.450  -2.110  1.00 0.00  ?  124 CYS A HB2  1 
ATOM   1459 H HB3  . CYS A 1 90  ? -4.352  -2.939  -2.951  1.00 0.00  ?  124 CYS A HB3  1 
ATOM   1460 H HG   . CYS A 1 90  ? -3.096  -2.874  -0.698  1.00 0.00  ?  124 CYS A HG   1 
ATOM   1461 N N    . THR A 1 91  ? -6.091  -0.339  -4.346  1.00 0.00  ?  125 THR A N    1 
ATOM   1462 C CA   . THR A 1 91  ? -7.361  -0.133  -5.063  1.00 0.00  ?  125 THR A CA   1 
ATOM   1463 C C    . THR A 1 91  ? -7.171  0.649   -6.370  1.00 0.00  ?  125 THR A C    1 
ATOM   1464 O O    . THR A 1 91  ? -7.741  0.292   -7.397  1.00 0.00  ?  125 THR A O    1 
ATOM   1465 C CB   . THR A 1 91  ? -8.361  0.599   -4.150  1.00 0.00  ?  125 THR A CB   1 
ATOM   1466 O OG1  . THR A 1 91  ? -8.582  -0.150  -2.977  1.00 0.00  ?  125 THR A OG1  1 
ATOM   1467 C CG2  . THR A 1 91  ? -9.730  0.784   -4.797  1.00 0.00  ?  125 THR A CG2  1 
ATOM   1468 H H    . THR A 1 91  ? -5.999  0.074   -3.423  1.00 0.00  ?  125 THR A H    1 
ATOM   1469 H HA   . THR A 1 91  ? -7.784  -1.106  -5.319  1.00 0.00  ?  125 THR A HA   1 
ATOM   1470 H HB   . THR A 1 91  ? -7.962  1.573   -3.870  1.00 0.00  ?  125 THR A HB   1 
ATOM   1471 H HG1  . THR A 1 91  ? -8.022  0.213   -2.277  1.00 0.00  ?  125 THR A HG1  1 
ATOM   1472 H HG21 . THR A 1 91  ? -9.663  1.484   -5.629  1.00 0.00  ?  125 THR A HG21 1 
ATOM   1473 H HG22 . THR A 1 91  ? -10.428 1.183   -4.061  1.00 0.00  ?  125 THR A HG22 1 
ATOM   1474 H HG23 . THR A 1 91  ? -10.100 -0.173  -5.163  1.00 0.00  ?  125 THR A HG23 1 
ATOM   1475 N N    . THR A 1 92  ? -6.267  1.632   -6.391  1.00 0.00  ?  126 THR A N    1 
ATOM   1476 C CA   . THR A 1 92  ? -5.945  2.415   -7.602  1.00 0.00  ?  126 THR A CA   1 
ATOM   1477 C C    . THR A 1 92  ? -5.151  1.602   -8.632  1.00 0.00  ?  126 THR A C    1 
ATOM   1478 O O    . THR A 1 92  ? -5.357  1.740   -9.836  1.00 0.00  ?  126 THR A O    1 
ATOM   1479 C CB   . THR A 1 92  ? -5.140  3.669   -7.227  1.00 0.00  ?  126 THR A CB   1 
ATOM   1480 O OG1  . THR A 1 92  ? -5.854  4.454   -6.299  1.00 0.00  ?  126 THR A OG1  1 
ATOM   1481 C CG2  . THR A 1 92  ? -4.825  4.569   -8.420  1.00 0.00  ?  126 THR A CG2  1 
ATOM   1482 H H    . THR A 1 92  ? -5.795  1.857   -5.524  1.00 0.00  ?  126 THR A H    1 
ATOM   1483 H HA   . THR A 1 92  ? -6.874  2.731   -8.079  1.00 0.00  ?  126 THR A HA   1 
ATOM   1484 H HB   . THR A 1 92  ? -4.202  3.364   -6.761  1.00 0.00  ?  126 THR A HB   1 
ATOM   1485 H HG1  . THR A 1 92  ? -5.978  3.892   -5.514  1.00 0.00  ?  126 THR A HG1  1 
ATOM   1486 H HG21 . THR A 1 92  ? -5.743  4.791   -8.965  1.00 0.00  ?  126 THR A HG21 1 
ATOM   1487 H HG22 . THR A 1 92  ? -4.122  4.071   -9.087  1.00 0.00  ?  126 THR A HG22 1 
ATOM   1488 H HG23 . THR A 1 92  ? -4.379  5.498   -8.070  1.00 0.00  ?  126 THR A HG23 1 
ATOM   1489 N N    . GLN A 1 93  ? -4.232  0.745   -8.179  1.00 0.00  ?  127 GLN A N    1 
ATOM   1490 C CA   . GLN A 1 93  ? -3.534  -0.215  -9.031  1.00 0.00  ?  127 GLN A CA   1 
ATOM   1491 C C    . GLN A 1 93  ? -4.510  -1.263  -9.570  1.00 0.00  ?  127 GLN A C    1 
ATOM   1492 O O    . GLN A 1 93  ? -4.589  -1.378  -10.785 1.00 0.00  ?  127 GLN A O    1 
ATOM   1493 C CB   . GLN A 1 93  ? -2.360  -0.864  -8.278  1.00 0.00  ?  127 GLN A CB   1 
ATOM   1494 C CG   . GLN A 1 93  ? -1.217  0.115   -7.948  1.00 0.00  ?  127 GLN A CG   1 
ATOM   1495 C CD   . GLN A 1 93  ? -0.417  0.573   -9.159  1.00 0.00  ?  127 GLN A CD   1 
ATOM   1496 O OE1  . GLN A 1 93  ? 0.699   0.151   -9.382  1.00 0.00  ?  127 GLN A OE1  1 
ATOM   1497 N NE2  . GLN A 1 93  ? -0.780  1.671   -9.784  1.00 0.00  ?  127 GLN A NE2  1 
ATOM   1498 H H    . GLN A 1 93  ? -4.096  0.670   -7.178  1.00 0.00  ?  127 GLN A H    1 
ATOM   1499 H HA   . GLN A 1 93  ? -3.135  0.306   -9.902  1.00 0.00  ?  127 GLN A HA   1 
ATOM   1500 H HB2  . GLN A 1 93  ? -2.731  -1.294  -7.346  1.00 0.00  ?  127 GLN A HB2  1 
ATOM   1501 H HB3  . GLN A 1 93  ? -1.957  -1.675  -8.884  1.00 0.00  ?  127 GLN A HB3  1 
ATOM   1502 H HG2  . GLN A 1 93  ? -1.605  1.001   -7.453  1.00 0.00  ?  127 GLN A HG2  1 
ATOM   1503 H HG3  . GLN A 1 93  ? -0.533  -0.378  -7.260  1.00 0.00  ?  127 GLN A HG3  1 
ATOM   1504 H HE21 . GLN A 1 93  ? -1.648  2.123   -9.569  1.00 0.00  ?  127 GLN A HE21 1 
ATOM   1505 H HE22 . GLN A 1 93  ? -0.158  1.952   -10.517 1.00 0.00  ?  127 GLN A HE22 1 
ATOM   1506 N N    . TYR A 1 94  ? -5.458  -1.746  -8.751  1.00 0.00  ?  128 TYR A N    1 
ATOM   1507 C CA   . TYR A 1 94  ? -6.570  -2.574  -9.233  1.00 0.00  ?  128 TYR A CA   1 
ATOM   1508 C C    . TYR A 1 94  ? -7.355  -1.891  -10.357 1.00 0.00  ?  128 TYR A C    1 
ATOM   1509 O O    . TYR A 1 94  ? -7.525  -2.499  -11.401 1.00 0.00  ?  128 TYR A O    1 
ATOM   1510 C CB   . TYR A 1 94  ? -7.523  -2.987  -8.098  1.00 0.00  ?  128 TYR A CB   1 
ATOM   1511 C CG   . TYR A 1 94  ? -8.420  -4.153  -8.481  1.00 0.00  ?  128 TYR A CG   1 
ATOM   1512 C CD1  . TYR A 1 94  ? -9.569  -3.964  -9.277  1.00 0.00  ?  128 TYR A CD1  1 
ATOM   1513 C CD2  . TYR A 1 94  ? -8.036  -5.455  -8.123  1.00 0.00  ?  128 TYR A CD2  1 
ATOM   1514 C CE1  . TYR A 1 94  ? -10.294 -5.080  -9.742  1.00 0.00  ?  128 TYR A CE1  1 
ATOM   1515 C CE2  . TYR A 1 94  ? -8.746  -6.573  -8.591  1.00 0.00  ?  128 TYR A CE2  1 
ATOM   1516 C CZ   . TYR A 1 94  ? -9.866  -6.385  -9.425  1.00 0.00  ?  128 TYR A CZ   1 
ATOM   1517 O OH   . TYR A 1 94  ? -10.499 -7.458  -9.959  1.00 0.00  ?  128 TYR A OH   1 
ATOM   1518 H H    . TYR A 1 94  ? -5.384  -1.576  -7.755  1.00 0.00  ?  128 TYR A H    1 
ATOM   1519 H HA   . TYR A 1 94  ? -6.141  -3.485  -9.654  1.00 0.00  ?  128 TYR A HA   1 
ATOM   1520 H HB2  . TYR A 1 94  ? -6.932  -3.271  -7.226  1.00 0.00  ?  128 TYR A HB2  1 
ATOM   1521 H HB3  . TYR A 1 94  ? -8.151  -2.146  -7.813  1.00 0.00  ?  128 TYR A HB3  1 
ATOM   1522 H HD1  . TYR A 1 94  ? -9.858  -2.973  -9.596  1.00 0.00  ?  128 TYR A HD1  1 
ATOM   1523 H HD2  . TYR A 1 94  ? -7.145  -5.598  -7.542  1.00 0.00  ?  128 TYR A HD2  1 
ATOM   1524 H HE1  . TYR A 1 94  ? -11.123 -4.951  -10.424 1.00 0.00  ?  128 TYR A HE1  1 
ATOM   1525 H HE2  . TYR A 1 94  ? -8.413  -7.568  -8.342  1.00 0.00  ?  128 TYR A HE2  1 
ATOM   1526 H HH   . TYR A 1 94  ? -9.892  -8.189  -10.106 1.00 0.00  ?  128 TYR A HH   1 
ATOM   1527 N N    . GLN A 1 95  ? -7.692  -0.601  -10.238 1.00 0.00  ?  129 GLN A N    1 
ATOM   1528 C CA   . GLN A 1 95  ? -8.391  0.131   -11.302 1.00 0.00  ?  129 GLN A CA   1 
ATOM   1529 C C    . GLN A 1 95  ? -7.624  0.128   -12.636 1.00 0.00  ?  129 GLN A C    1 
ATOM   1530 O O    . GLN A 1 95  ? -8.203  -0.195  -13.672 1.00 0.00  ?  129 GLN A O    1 
ATOM   1531 C CB   . GLN A 1 95  ? -8.673  1.567   -10.831 1.00 0.00  ?  129 GLN A CB   1 
ATOM   1532 C CG   . GLN A 1 95  ? -9.591  2.329   -11.801 1.00 0.00  ?  129 GLN A CG   1 
ATOM   1533 C CD   . GLN A 1 95  ? -9.843  3.776   -11.383 1.00 0.00  ?  129 GLN A CD   1 
ATOM   1534 O OE1  . GLN A 1 95  ? -9.373  4.275   -10.373 1.00 0.00  ?  129 GLN A OE1  1 
ATOM   1535 N NE2  . GLN A 1 95  ? -10.569 4.531   -12.177 1.00 0.00  ?  129 GLN A NE2  1 
ATOM   1536 H H    . GLN A 1 95  ? -7.538  -0.142  -9.348  1.00 0.00  ?  129 GLN A H    1 
ATOM   1537 H HA   . GLN A 1 95  ? -9.347  -0.366  -11.481 1.00 0.00  ?  129 GLN A HA   1 
ATOM   1538 H HB2  . GLN A 1 95  ? -9.151  1.534   -9.850  1.00 0.00  ?  129 GLN A HB2  1 
ATOM   1539 H HB3  . GLN A 1 95  ? -7.733  2.110   -10.740 1.00 0.00  ?  129 GLN A HB3  1 
ATOM   1540 H HG2  . GLN A 1 95  ? -9.146  2.342   -12.797 1.00 0.00  ?  129 GLN A HG2  1 
ATOM   1541 H HG3  . GLN A 1 95  ? -10.550 1.813   -11.867 1.00 0.00  ?  129 GLN A HG3  1 
ATOM   1542 H HE21 . GLN A 1 95  ? -10.934 4.161   -13.038 1.00 0.00  ?  129 GLN A HE21 1 
ATOM   1543 H HE22 . GLN A 1 95  ? -10.698 5.482   -11.888 1.00 0.00  ?  129 GLN A HE22 1 
ATOM   1544 N N    . LYS A 1 96  ? -6.324  0.454   -12.617 1.00 0.00  ?  130 LYS A N    1 
ATOM   1545 C CA   . LYS A 1 96  ? -5.484  0.498   -13.824 1.00 0.00  ?  130 LYS A CA   1 
ATOM   1546 C C    . LYS A 1 96  ? -5.227  -0.892  -14.412 1.00 0.00  ?  130 LYS A C    1 
ATOM   1547 O O    . LYS A 1 96  ? -5.405  -1.087  -15.609 1.00 0.00  ?  130 LYS A O    1 
ATOM   1548 C CB   . LYS A 1 96  ? -4.166  1.215   -13.490 1.00 0.00  ?  130 LYS A CB   1 
ATOM   1549 C CG   . LYS A 1 96  ? -3.280  1.366   -14.735 1.00 0.00  ?  130 LYS A CG   1 
ATOM   1550 C CD   . LYS A 1 96  ? -1.974  2.091   -14.407 1.00 0.00  ?  130 LYS A CD   1 
ATOM   1551 C CE   . LYS A 1 96  ? -1.112  2.108   -15.673 1.00 0.00  ?  130 LYS A CE   1 
ATOM   1552 N NZ   . LYS A 1 96  ? 0.200   2.749   -15.430 1.00 0.00  1  130 LYS A NZ   1 
ATOM   1553 H H    . LYS A 1 96  ? -5.901  0.646   -11.715 1.00 0.00  ?  130 LYS A H    1 
ATOM   1554 H HA   . LYS A 1 96  ? -6.009  1.060   -14.599 1.00 0.00  ?  130 LYS A HA   1 
ATOM   1555 H HB2  . LYS A 1 96  ? -4.394  2.205   -13.092 1.00 0.00  ?  130 LYS A HB2  1 
ATOM   1556 H HB3  . LYS A 1 96  ? -3.628  0.647   -12.729 1.00 0.00  ?  130 LYS A HB3  1 
ATOM   1557 H HG2  . LYS A 1 96  ? -3.032  0.380   -15.131 1.00 0.00  ?  130 LYS A HG2  1 
ATOM   1558 H HG3  . LYS A 1 96  ? -3.823  1.926   -15.499 1.00 0.00  ?  130 LYS A HG3  1 
ATOM   1559 H HD2  . LYS A 1 96  ? -2.197  3.110   -14.085 1.00 0.00  ?  130 LYS A HD2  1 
ATOM   1560 H HD3  . LYS A 1 96  ? -1.457  1.554   -13.610 1.00 0.00  ?  130 LYS A HD3  1 
ATOM   1561 H HE2  . LYS A 1 96  ? -0.967  1.074   -16.007 1.00 0.00  ?  130 LYS A HE2  1 
ATOM   1562 H HE3  . LYS A 1 96  ? -1.660  2.638   -16.459 1.00 0.00  ?  130 LYS A HE3  1 
ATOM   1563 H HZ1  . LYS A 1 96  ? 0.762   2.154   -14.833 1.00 0.00  ?  130 LYS A HZ1  1 
ATOM   1564 H HZ2  . LYS A 1 96  ? 0.074   3.649   -14.989 1.00 0.00  ?  130 LYS A HZ2  1 
ATOM   1565 H HZ3  . LYS A 1 96  ? 0.689   2.874   -16.308 1.00 0.00  ?  130 LYS A HZ3  1 
ATOM   1566 N N    . GLU A 1 97  ? -4.849  -1.848  -13.572 1.00 0.00  ?  131 GLU A N    1 
ATOM   1567 C CA   . GLU A 1 97  ? -4.563  -3.228  -13.975 1.00 0.00  ?  131 GLU A CA   1 
ATOM   1568 C C    . GLU A 1 97  ? -5.834  -3.939  -14.470 1.00 0.00  ?  131 GLU A C    1 
ATOM   1569 O O    . GLU A 1 97  ? -5.777  -4.665  -15.451 1.00 0.00  ?  131 GLU A O    1 
ATOM   1570 C CB   . GLU A 1 97  ? -3.960  -3.998  -12.787 1.00 0.00  ?  131 GLU A CB   1 
ATOM   1571 C CG   . GLU A 1 97  ? -2.621  -3.460  -12.253 1.00 0.00  ?  131 GLU A CG   1 
ATOM   1572 C CD   . GLU A 1 97  ? -1.438  -3.686  -13.201 1.00 0.00  ?  131 GLU A CD   1 
ATOM   1573 O OE1  . GLU A 1 97  ? -1.185  -2.738  -13.981 1.00 0.00  ?  131 GLU A OE1  1 
ATOM   1574 O OE2  . GLU A 1 97  ? -0.577  -4.514  -12.816 1.00 0.00  -1 131 GLU A OE2  1 
ATOM   1575 H H    . GLU A 1 97  ? -4.735  -1.612  -12.593 1.00 0.00  ?  131 GLU A H    1 
ATOM   1576 H HA   . GLU A 1 97  ? -3.841  -3.228  -14.795 1.00 0.00  ?  131 GLU A HA   1 
ATOM   1577 H HB2  . GLU A 1 97  ? -4.678  -3.963  -11.968 1.00 0.00  ?  131 GLU A HB2  1 
ATOM   1578 H HB3  . GLU A 1 97  ? -3.825  -5.042  -13.069 1.00 0.00  ?  131 GLU A HB3  1 
ATOM   1579 H HG2  . GLU A 1 97  ? -2.701  -2.393  -12.046 1.00 0.00  ?  131 GLU A HG2  1 
ATOM   1580 H HG3  . GLU A 1 97  ? -2.424  -3.952  -11.297 1.00 0.00  ?  131 GLU A HG3  1 
ATOM   1581 N N    . SER A 1 98  ? -6.999  -3.669  -13.868 1.00 0.00  ?  132 SER A N    1 
ATOM   1582 C CA   . SER A 1 98  ? -8.311  -4.199  -14.279 1.00 0.00  ?  132 SER A CA   1 
ATOM   1583 C C    . SER A 1 98  ? -8.797  -3.589  -15.592 1.00 0.00  ?  132 SER A C    1 
ATOM   1584 O O    . SER A 1 98  ? -9.418  -4.289  -16.387 1.00 0.00  ?  132 SER A O    1 
ATOM   1585 C CB   . SER A 1 98  ? -9.339  -3.933  -13.171 1.00 0.00  ?  132 SER A CB   1 
ATOM   1586 O OG   . SER A 1 98  ? -10.608 -4.507  -13.417 1.00 0.00  ?  132 SER A OG   1 
ATOM   1587 H H    . SER A 1 98  ? -6.978  -3.064  -13.055 1.00 0.00  ?  132 SER A H    1 
ATOM   1588 H HA   . SER A 1 98  ? -8.236  -5.277  -14.422 1.00 0.00  ?  132 SER A HA   1 
ATOM   1589 H HB2  . SER A 1 98  ? -8.957  -4.355  -12.241 1.00 0.00  ?  132 SER A HB2  1 
ATOM   1590 H HB3  . SER A 1 98  ? -9.459  -2.855  -13.045 1.00 0.00  ?  132 SER A HB3  1 
ATOM   1591 H HG   . SER A 1 98  ? -10.947 -4.183  -14.258 1.00 0.00  ?  132 SER A HG   1 
ATOM   1592 N N    . GLN A 1 99  ? -8.508  -2.307  -15.845 1.00 0.00  ?  133 GLN A N    1 
ATOM   1593 C CA   . GLN A 1 99  ? -8.713  -1.708  -17.164 1.00 0.00  ?  133 GLN A CA   1 
ATOM   1594 C C    . GLN A 1 99  ? -7.808  -2.370  -18.215 1.00 0.00  ?  133 GLN A C    1 
ATOM   1595 O O    . GLN A 1 99  ? -8.317  -2.810  -19.235 1.00 0.00  ?  133 GLN A O    1 
ATOM   1596 C CB   . GLN A 1 99  ? -8.469  -0.192  -17.090 1.00 0.00  ?  133 GLN A CB   1 
ATOM   1597 C CG   . GLN A 1 99  ? -8.916  0.535   -18.366 1.00 0.00  ?  133 GLN A CG   1 
ATOM   1598 C CD   . GLN A 1 99  ? -8.276  1.913   -18.466 1.00 0.00  ?  133 GLN A CD   1 
ATOM   1599 O OE1  . GLN A 1 99  ? -8.558  2.828   -17.707 1.00 0.00  ?  133 GLN A OE1  1 
ATOM   1600 N NE2  . GLN A 1 99  ? -7.298  2.083   -19.330 1.00 0.00  ?  133 GLN A NE2  1 
ATOM   1601 H H    . GLN A 1 99  ? -8.044  -1.756  -15.135 1.00 0.00  ?  133 GLN A H    1 
ATOM   1602 H HA   . GLN A 1 99  ? -9.747  -1.879  -17.468 1.00 0.00  ?  133 GLN A HA   1 
ATOM   1603 H HB2  . GLN A 1 99  ? -9.022  0.226   -16.247 1.00 0.00  ?  133 GLN A HB2  1 
ATOM   1604 H HB3  . GLN A 1 99  ? -7.406  -0.010  -16.927 1.00 0.00  ?  133 GLN A HB3  1 
ATOM   1605 H HG2  . GLN A 1 99  ? -8.638  -0.042  -19.249 1.00 0.00  ?  133 GLN A HG2  1 
ATOM   1606 H HG3  . GLN A 1 99  ? -10.001 0.643   -18.366 1.00 0.00  ?  133 GLN A HG3  1 
ATOM   1607 H HE21 . GLN A 1 99  ? -7.073  1.344   -19.983 1.00 0.00  ?  133 GLN A HE21 1 
ATOM   1608 H HE22 . GLN A 1 99  ? -6.920  3.004   -19.410 1.00 0.00  ?  133 GLN A HE22 1 
ATOM   1609 N N    . ALA A 1 100 ? -6.518  -2.574  -17.921 1.00 0.00  ?  134 ALA A N    1 
ATOM   1610 C CA   . ALA A 1 100 ? -5.592  -3.255  -18.832 1.00 0.00  ?  134 ALA A CA   1 
ATOM   1611 C C    . ALA A 1 100 ? -5.957  -4.732  -19.084 1.00 0.00  ?  134 ALA A C    1 
ATOM   1612 O O    . ALA A 1 100 ? -6.001  -5.156  -20.229 1.00 0.00  ?  134 ALA A O    1 
ATOM   1613 C CB   . ALA A 1 100 ? -4.172  -3.113  -18.273 1.00 0.00  ?  134 ALA A CB   1 
ATOM   1614 H H    . ALA A 1 100 ? -6.151  -2.215  -17.050 1.00 0.00  ?  134 ALA A H    1 
ATOM   1615 H HA   . ALA A 1 100 ? -5.625  -2.754  -19.802 1.00 0.00  ?  134 ALA A HA   1 
ATOM   1616 H HB1  . ALA A 1 100 ? -3.467  -3.585  -18.962 1.00 0.00  ?  134 ALA A HB1  1 
ATOM   1617 H HB2  . ALA A 1 100 ? -4.098  -3.600  -17.300 1.00 0.00  ?  134 ALA A HB2  1 
ATOM   1618 H HB3  . ALA A 1 100 ? -3.917  -2.059  -18.173 1.00 0.00  ?  134 ALA A HB3  1 
ATOM   1619 N N    . TYR A 1 101 ? -6.416  -5.457  -18.061 1.00 0.00  ?  135 TYR A N    1 
ATOM   1620 C CA   . TYR A 1 101 ? -6.925  -6.829  -18.184 1.00 0.00  ?  135 TYR A CA   1 
ATOM   1621 C C    . TYR A 1 101 ? -8.194  -6.946  -19.052 1.00 0.00  ?  135 TYR A C    1 
ATOM   1622 O O    . TYR A 1 101 ? -8.447  -7.995  -19.638 1.00 0.00  ?  135 TYR A O    1 
ATOM   1623 C CB   . TYR A 1 101 ? -7.165  -7.377  -16.768 1.00 0.00  ?  135 TYR A CB   1 
ATOM   1624 C CG   . TYR A 1 101 ? -7.772  -8.766  -16.733 1.00 0.00  ?  135 TYR A CG   1 
ATOM   1625 C CD1  . TYR A 1 101 ? -7.015  -9.872  -17.164 1.00 0.00  ?  135 TYR A CD1  1 
ATOM   1626 C CD2  . TYR A 1 101 ? -9.122  -8.935  -16.364 1.00 0.00  ?  135 TYR A CD2  1 
ATOM   1627 C CE1  . TYR A 1 101 ? -7.612  -11.144 -17.256 1.00 0.00  ?  135 TYR A CE1  1 
ATOM   1628 C CE2  . TYR A 1 101 ? -9.721  -10.206 -16.450 1.00 0.00  ?  135 TYR A CE2  1 
ATOM   1629 C CZ   . TYR A 1 101 ? -8.971  -11.308 -16.911 1.00 0.00  ?  135 TYR A CZ   1 
ATOM   1630 O OH   . TYR A 1 101 ? -9.564  -12.524 -17.035 1.00 0.00  ?  135 TYR A OH   1 
ATOM   1631 H H    . TYR A 1 101 ? -6.342  -5.061  -17.132 1.00 0.00  ?  135 TYR A H    1 
ATOM   1632 H HA   . TYR A 1 101 ? -6.161  -7.439  -18.669 1.00 0.00  ?  135 TYR A HA   1 
ATOM   1633 H HB2  . TYR A 1 101 ? -6.212  -7.401  -16.240 1.00 0.00  ?  135 TYR A HB2  1 
ATOM   1634 H HB3  . TYR A 1 101 ? -7.824  -6.691  -16.235 1.00 0.00  ?  135 TYR A HB3  1 
ATOM   1635 H HD1  . TYR A 1 101 ? -5.992  -9.730  -17.484 1.00 0.00  ?  135 TYR A HD1  1 
ATOM   1636 H HD2  . TYR A 1 101 ? -9.712  -8.082  -16.063 1.00 0.00  ?  135 TYR A HD2  1 
ATOM   1637 H HE1  . TYR A 1 101 ? -7.041  -11.979 -17.627 1.00 0.00  ?  135 TYR A HE1  1 
ATOM   1638 H HE2  . TYR A 1 101 ? -10.760 -10.345 -16.198 1.00 0.00  ?  135 TYR A HE2  1 
ATOM   1639 H HH   . TYR A 1 101 ? -8.932  -13.184 -17.315 1.00 0.00  ?  135 TYR A HH   1 
ATOM   1640 N N    . TYR A 1 102 ? -8.997  -5.881  -19.134 1.00 0.00  ?  136 TYR A N    1 
ATOM   1641 C CA   . TYR A 1 102 ? -10.107 -5.770  -20.085 1.00 0.00  ?  136 TYR A CA   1 
ATOM   1642 C C    . TYR A 1 102 ? -9.646  -5.366  -21.504 1.00 0.00  ?  136 TYR A C    1 
ATOM   1643 O O    . TYR A 1 102 ? -10.290 -5.748  -22.479 1.00 0.00  ?  136 TYR A O    1 
ATOM   1644 C CB   . TYR A 1 102 ? -11.112 -4.760  -19.503 1.00 0.00  ?  136 TYR A CB   1 
ATOM   1645 C CG   . TYR A 1 102 ? -12.345 -4.514  -20.349 1.00 0.00  ?  136 TYR A CG   1 
ATOM   1646 C CD1  . TYR A 1 102 ? -12.306 -3.553  -21.378 1.00 0.00  ?  136 TYR A CD1  1 
ATOM   1647 C CD2  . TYR A 1 102 ? -13.522 -5.253  -20.118 1.00 0.00  ?  136 TYR A CD2  1 
ATOM   1648 C CE1  . TYR A 1 102 ? -13.437 -3.341  -22.190 1.00 0.00  ?  136 TYR A CE1  1 
ATOM   1649 C CE2  . TYR A 1 102 ? -14.657 -5.042  -20.924 1.00 0.00  ?  136 TYR A CE2  1 
ATOM   1650 C CZ   . TYR A 1 102 ? -14.611 -4.089  -21.967 1.00 0.00  ?  136 TYR A CZ   1 
ATOM   1651 O OH   . TYR A 1 102 ? -15.700 -3.898  -22.757 1.00 0.00  ?  136 TYR A OH   1 
ATOM   1652 H H    . TYR A 1 102 ? -8.746  -5.056  -18.609 1.00 0.00  ?  136 TYR A H    1 
ATOM   1653 H HA   . TYR A 1 102 ? -10.602 -6.737  -20.172 1.00 0.00  ?  136 TYR A HA   1 
ATOM   1654 H HB2  . TYR A 1 102 ? -11.427 -5.114  -18.521 1.00 0.00  ?  136 TYR A HB2  1 
ATOM   1655 H HB3  . TYR A 1 102 ? -10.614 -3.805  -19.352 1.00 0.00  ?  136 TYR A HB3  1 
ATOM   1656 H HD1  . TYR A 1 102 ? -11.386 -3.018  -21.583 1.00 0.00  ?  136 TYR A HD1  1 
ATOM   1657 H HD2  . TYR A 1 102 ? -13.537 -5.999  -19.335 1.00 0.00  ?  136 TYR A HD2  1 
ATOM   1658 H HE1  . TYR A 1 102 ? -13.392 -2.640  -23.008 1.00 0.00  ?  136 TYR A HE1  1 
ATOM   1659 H HE2  . TYR A 1 102 ? -15.548 -5.622  -20.756 1.00 0.00  ?  136 TYR A HE2  1 
ATOM   1660 H HH   . TYR A 1 102 ? -16.391 -4.521  -22.543 1.00 0.00  ?  136 TYR A HH   1 
ATOM   1661 N N    . ASP A 1 103 ? -8.588  -4.554  -21.612 1.00 0.00  ?  137 ASP A N    1 
ATOM   1662 C CA   . ASP A 1 103 ? -8.050  -3.987  -22.863 1.00 0.00  ?  137 ASP A CA   1 
ATOM   1663 C C    . ASP A 1 103 ? -7.228  -5.007  -23.691 1.00 0.00  ?  137 ASP A C    1 
ATOM   1664 O O    . ASP A 1 103 ? -7.454  -5.125  -24.899 1.00 0.00  ?  137 ASP A O    1 
ATOM   1665 C CB   . ASP A 1 103 ? -7.202  -2.750  -22.483 1.00 0.00  ?  137 ASP A CB   1 
ATOM   1666 C CG   . ASP A 1 103 ? -7.076  -1.679  -23.575 1.00 0.00  ?  137 ASP A CG   1 
ATOM   1667 O OD1  . ASP A 1 103 ? -8.159  -1.177  -23.961 1.00 0.00  ?  137 ASP A OD1  1 
ATOM   1668 O OD2  . ASP A 1 103 ? -6.012  -1.013  -23.562 1.00 0.00  -1 137 ASP A OD2  1 
ATOM   1669 H H    . ASP A 1 103 ? -8.132  -4.265  -20.759 1.00 0.00  ?  137 ASP A H    1 
ATOM   1670 H HA   . ASP A 1 103 ? -8.887  -3.656  -23.479 1.00 0.00  ?  137 ASP A HA   1 
ATOM   1671 H HB2  . ASP A 1 103 ? -7.665  -2.254  -21.630 1.00 0.00  ?  137 ASP A HB2  1 
ATOM   1672 H HB3  . ASP A 1 103 ? -6.210  -3.078  -22.166 1.00 0.00  ?  137 ASP A HB3  1 
ATOM   1673 N N    . GLY A 1 104 ? -6.389  -5.826  -23.032 1.00 0.00  ?  138 GLY A N    1 
ATOM   1674 C CA   . GLY A 1 104 ? -5.640  -6.959  -23.616 1.00 0.00  ?  138 GLY A CA   1 
ATOM   1675 C C    . GLY A 1 104 ? -4.234  -7.190  -23.052 1.00 0.00  ?  138 GLY A C    1 
ATOM   1676 O O    . GLY A 1 104 ? -3.812  -8.366  -23.118 1.00 0.00  ?  138 GLY A O    1 
ATOM   1677 O OXT  . GLY A 1 104 ? -3.509  -6.195  -22.832 1.00 0.00  -1 138 GLY A OXT  1 
ATOM   1678 H H    . GLY A 1 104 ? -6.235  -5.640  -22.046 1.00 0.00  ?  138 GLY A H    1 
ATOM   1679 H HA2  . GLY A 1 104 ? -6.201  -7.873  -23.435 1.00 0.00  ?  138 GLY A HA2  1 
ATOM   1680 H HA3  . GLY A 1 104 ? -5.541  -6.823  -24.689 1.00 0.00  ?  138 GLY A HA3  1 
HETATM 1681 C CM2  . VIB B 2 .   ? 0.883   12.838  1.363   1.00 20.00 ?  1   VIB A CM2  1 
HETATM 1682 N N4A  . VIB B 2 .   ? -0.686  16.938  3.229   1.00 20.00 ?  1   VIB A N4A  1 
HETATM 1683 C CM4  . VIB B 2 .   ? -4.135  17.972  6.867   1.00 20.00 ?  1   VIB A CM4  1 
HETATM 1684 O O1   . VIB B 2 .   ? -8.386  18.013  6.919   1.00 20.00 ?  1   VIB A O1   1 
HETATM 1685 C C7   . VIB B 2 .   ? -7.439  17.230  7.646   1.00 20.00 ?  1   VIB A C7   1 
HETATM 1686 C C6   . VIB B 2 .   ? -6.840  16.177  6.699   1.00 20.00 ?  1   VIB A C6   1 
HETATM 1687 C C2   . VIB B 2 .   ? -4.448  16.538  3.719   1.00 20.00 ?  1   VIB A C2   1 
HETATM 1688 S S1   . VIB B 2 .   ? -6.123  16.817  4.020   1.00 20.00 ?  1   VIB A S1   1 
HETATM 1689 C C5   . VIB B 2 .   ? -5.870  16.798  5.708   1.00 20.00 ?  1   VIB A C5   1 
HETATM 1690 C C4   . VIB B 2 .   ? -4.529  16.822  5.982   1.00 20.00 ?  1   VIB A C4   1 
HETATM 1691 N N3   . VIB B 2 .   ? -3.756  16.374  4.902   1.00 20.00 ?  1   VIB A N3   1 
HETATM 1692 C C7A  . VIB B 2 .   ? -2.505  15.599  5.105   1.00 20.00 ?  1   VIB A C7A  1 
HETATM 1693 C C4A  . VIB B 2 .   ? -0.811  15.587  3.173   1.00 20.00 ?  1   VIB A C4A  1 
HETATM 1694 N N3A  . VIB B 2 .   ? 0.031   14.933  2.341   1.00 20.00 ?  1   VIB A N3A  1 
HETATM 1695 C C2A  . VIB B 2 .   ? -0.109  13.594  2.232   1.00 20.00 ?  1   VIB A C2A  1 
HETATM 1696 N N1A  . VIB B 2 .   ? -1.046  12.883  2.894   1.00 20.00 ?  1   VIB A N1A  1 
HETATM 1697 C C6A  . VIB B 2 .   ? -1.816  13.535  3.793   1.00 20.00 ?  1   VIB A C6A  1 
HETATM 1698 C C5A  . VIB B 2 .   ? -1.759  14.921  3.954   1.00 20.00 ?  1   VIB A C5A  1 
HETATM 1699 H HM21 . VIB B 2 .   ? 0.433   11.934  0.951   1.00 0.00  ?  1   VIB A HM21 1 
HETATM 1700 H HM22 . VIB B 2 .   ? 1.227   13.450  0.529   1.00 0.00  ?  1   VIB A HM22 1 
HETATM 1701 H HM23 . VIB B 2 .   ? 1.755   12.551  1.955   1.00 0.00  ?  1   VIB A HM23 1 
HETATM 1702 H H4A1 . VIB B 2 .   ? -0.252  17.352  2.415   1.00 0.00  ?  1   VIB A H4A1 1 
HETATM 1703 H H4A2 . VIB B 2 .   ? -1.493  17.411  3.625   1.00 0.00  ?  1   VIB A H4A2 1 
HETATM 1704 H HM41 . VIB B 2 .   ? -3.091  18.252  6.732   1.00 0.00  ?  1   VIB A HM41 1 
HETATM 1705 H HM42 . VIB B 2 .   ? -4.732  18.853  6.618   1.00 0.00  ?  1   VIB A HM42 1 
HETATM 1706 H HM43 . VIB B 2 .   ? -4.329  17.753  7.917   1.00 0.00  ?  1   VIB A HM43 1 
HETATM 1707 H HO1  . VIB B 2 .   ? -8.743  18.677  7.539   1.00 0.00  ?  1   VIB A HO1  1 
HETATM 1708 H HC71 . VIB B 2 .   ? -7.950  16.726  8.474   1.00 0.00  ?  1   VIB A HC71 1 
HETATM 1709 H HC72 . VIB B 2 .   ? -6.658  17.864  8.073   1.00 0.00  ?  1   VIB A HC72 1 
HETATM 1710 H HC61 . VIB B 2 .   ? -7.663  15.669  6.198   1.00 0.00  ?  1   VIB A HC61 1 
HETATM 1711 H HC62 . VIB B 2 .   ? -6.326  15.423  7.304   1.00 0.00  ?  1   VIB A HC62 1 
HETATM 1712 H HC2  . VIB B 2 .   ? -4.041  16.315  2.746   1.00 0.00  ?  1   VIB A HC2  1 
HETATM 1713 H H7A1 . VIB B 2 .   ? -1.794  16.252  5.603   1.00 0.00  ?  1   VIB A H7A1 1 
HETATM 1714 H H7A2 . VIB B 2 .   ? -2.750  14.804  5.810   1.00 0.00  ?  1   VIB A H7A2 1 
HETATM 1715 H H6AC . VIB B 2 .   ? -2.497  12.917  4.376   1.00 0.00  ?  1   VIB A H6AC 1 
# 
